data_3P03
#
_entry.id   3P03
#
_cell.length_a   117.560
_cell.length_b   129.310
_cell.length_c   183.140
_cell.angle_alpha   90.000
_cell.angle_beta   90.000
_cell.angle_gamma   90.000
#
_symmetry.space_group_name_H-M   'P 21 21 21'
#
loop_
_entity.id
_entity.type
_entity.pdbx_description
1 polymer 'Glycine betaine transporter BetP'
2 non-polymer 'CHOLINE ION'
#
_entity_poly.entity_id   1
_entity_poly.type   'polypeptide(L)'
_entity_poly.pdbx_seq_one_letter_code
;LENPTNLEGKLADAAAAIILEGEDTQASLNWSVIVPALVIVLATVVWGIGFKDSFTNFASSALSAVVDNLGWAFILFGTV
FVFFIVVIAASKFGTIRLGRIDEAPEFRTVSWISMMFAAGMGIDLMFYGTTEPLTFYRNGVPGHDEHNVGVAMSTTMFHW
TLHPWAIYAIVGLAIAYSTFRVGRKQLLSSAFVPLIGEKGAEGWLGKLIDILAIIATVFGTACSLGLGALQIGAGLSAAN
IIEDPSDWTIVGIVSVLTLAFIFSAISGVGKGIQYLSNANMVLAALLAIFVFVVGPTVSILNLLPGSIGNYLSNFFQMAG
RTAMSADGTAGEWLGSWTIFYWAWWISWSPFVGMFLARISRGRSIREFILGVLLVPAGVSTVWFSIFGGTAIVFEQNGES
IWGDGAAEEQLFGLLHALPGGQIMGIIAMILLGTFFITSADSASTVMGTMSQHGQLEANKWVTAAWGVATAAIGLTLLLS
GGDNALSNLQNVTIVAATPFLFVVIGLMFALVKDLSNDVIYLEYREQQRFNARLARERRVHNEHRKRELAAKRRRERKAS
GAGKRR
;
_entity_poly.pdbx_strand_id   A,B,C
#
loop_
_chem_comp.id
_chem_comp.type
_chem_comp.name
_chem_comp.formula
CHT non-polymer 'CHOLINE ION' 'C5 H14 N O 1'
#
# COMPACT_ATOMS: atom_id res chain seq x y z
N SER A 28 3.27 -4.46 50.50
CA SER A 28 2.78 -5.78 50.83
C SER A 28 3.18 -6.79 49.75
N LEU A 29 2.84 -8.06 49.97
CA LEU A 29 3.07 -9.09 48.95
C LEU A 29 1.80 -9.88 48.63
N ASN A 30 1.71 -10.36 47.41
CA ASN A 30 0.55 -11.12 46.94
C ASN A 30 0.80 -12.62 47.02
N TRP A 31 0.65 -13.18 48.21
CA TRP A 31 0.89 -14.60 48.40
C TRP A 31 -0.30 -15.45 47.95
N SER A 32 -1.10 -14.88 47.05
CA SER A 32 -2.17 -15.62 46.40
C SER A 32 -1.78 -15.83 44.95
N VAL A 33 -0.87 -14.99 44.46
CA VAL A 33 -0.35 -15.07 43.10
C VAL A 33 1.04 -15.69 43.10
N ILE A 34 1.75 -15.53 44.22
CA ILE A 34 3.10 -16.04 44.36
C ILE A 34 3.11 -17.55 44.56
N VAL A 35 2.12 -18.05 45.30
CA VAL A 35 2.09 -19.45 45.67
C VAL A 35 1.81 -20.37 44.48
N PRO A 36 0.81 -20.04 43.65
CA PRO A 36 0.64 -20.86 42.46
C PRO A 36 1.80 -20.62 41.51
N ALA A 37 2.57 -19.55 41.76
CA ALA A 37 3.67 -19.19 40.90
C ALA A 37 4.73 -20.28 40.91
N LEU A 38 5.43 -20.39 42.01
CA LEU A 38 6.59 -21.28 42.10
C LEU A 38 6.24 -22.77 42.11
N VAL A 39 5.03 -23.11 42.56
CA VAL A 39 4.61 -24.51 42.55
C VAL A 39 4.70 -25.07 41.14
N ILE A 40 4.47 -24.21 40.16
CA ILE A 40 4.52 -24.59 38.75
C ILE A 40 5.87 -24.22 38.14
N VAL A 41 6.43 -23.08 38.54
CA VAL A 41 7.74 -22.66 38.07
C VAL A 41 8.74 -23.78 38.31
N LEU A 42 8.76 -24.28 39.54
CA LEU A 42 9.67 -25.36 39.94
C LEU A 42 9.12 -26.74 39.56
N ALA A 43 7.79 -26.88 39.60
CA ALA A 43 7.16 -28.09 39.10
C ALA A 43 7.81 -28.48 37.79
N THR A 44 8.13 -27.47 36.98
CA THR A 44 8.85 -27.68 35.73
C THR A 44 10.36 -27.67 35.93
N VAL A 45 10.88 -26.68 36.66
CA VAL A 45 12.32 -26.54 36.87
C VAL A 45 12.95 -27.85 37.33
N VAL A 46 12.44 -28.38 38.43
CA VAL A 46 12.91 -29.66 38.97
C VAL A 46 12.48 -30.80 38.04
N TRP A 47 11.39 -30.58 37.31
CA TRP A 47 10.87 -31.55 36.35
C TRP A 47 11.78 -31.68 35.14
N GLY A 48 12.62 -30.68 34.93
CA GLY A 48 13.50 -30.64 33.77
C GLY A 48 14.87 -31.21 34.07
N ILE A 49 15.41 -30.88 35.23
CA ILE A 49 16.68 -31.46 35.70
C ILE A 49 16.51 -32.89 36.25
N GLY A 50 15.36 -33.16 36.86
CA GLY A 50 15.14 -34.42 37.55
C GLY A 50 13.97 -35.28 37.09
N PHE A 51 13.62 -36.25 37.92
CA PHE A 51 12.56 -37.21 37.59
C PHE A 51 12.84 -37.78 36.19
N LYS A 52 11.80 -37.90 35.36
CA LYS A 52 12.01 -38.29 33.98
C LYS A 52 12.73 -37.14 33.27
N ASP A 53 14.06 -37.14 33.34
CA ASP A 53 14.88 -36.12 32.69
C ASP A 53 14.45 -35.83 31.25
N SER A 54 14.22 -36.89 30.47
CA SER A 54 13.92 -36.72 29.05
C SER A 54 12.42 -36.57 28.80
N PHE A 55 11.62 -36.64 29.86
CA PHE A 55 10.18 -36.45 29.77
C PHE A 55 9.87 -35.06 29.25
N THR A 56 10.80 -34.14 29.48
CA THR A 56 10.63 -32.75 29.07
C THR A 56 10.70 -32.61 27.55
N ASN A 57 11.32 -33.59 26.90
CA ASN A 57 11.40 -33.62 25.44
C ASN A 57 10.11 -34.15 24.80
N PHE A 58 9.07 -34.32 25.60
CA PHE A 58 7.75 -34.67 25.06
C PHE A 58 6.98 -33.36 24.90
N ALA A 59 7.38 -32.35 25.67
CA ALA A 59 6.86 -31.00 25.51
C ALA A 59 7.45 -30.37 24.26
N SER A 60 8.74 -30.62 24.03
CA SER A 60 9.41 -30.13 22.83
C SER A 60 8.75 -30.68 21.59
N SER A 61 8.21 -31.90 21.68
CA SER A 61 7.43 -32.46 20.59
C SER A 61 5.96 -32.16 20.85
N ALA A 62 5.70 -31.39 21.90
CA ALA A 62 4.33 -31.01 22.22
C ALA A 62 3.95 -29.65 21.65
N LEU A 63 4.90 -28.73 21.53
CA LEU A 63 4.57 -27.44 20.93
C LEU A 63 3.93 -27.67 19.58
N SER A 64 4.40 -28.70 18.87
CA SER A 64 3.94 -28.97 17.52
C SER A 64 2.42 -28.96 17.45
N ALA A 65 1.75 -29.21 18.57
CA ALA A 65 0.30 -29.16 18.53
C ALA A 65 -0.12 -27.70 18.38
N VAL A 66 0.47 -26.86 19.22
CA VAL A 66 0.22 -25.41 19.23
C VAL A 66 0.68 -24.62 18.01
N VAL A 67 1.87 -24.96 17.52
CA VAL A 67 2.48 -24.26 16.40
C VAL A 67 1.73 -24.36 15.08
N ASP A 68 1.20 -25.55 14.80
CA ASP A 68 0.49 -25.78 13.54
C ASP A 68 -1.03 -25.61 13.69
N ASN A 69 -1.53 -25.78 14.91
CA ASN A 69 -2.93 -25.53 15.21
C ASN A 69 -3.24 -24.05 15.50
N LEU A 70 -2.22 -23.30 15.89
CA LEU A 70 -2.39 -21.90 16.27
C LEU A 70 -1.51 -20.97 15.46
N GLY A 71 -0.53 -21.52 14.77
CA GLY A 71 0.36 -20.70 13.94
C GLY A 71 -0.42 -19.57 13.30
N TRP A 72 -1.45 -19.93 12.54
CA TRP A 72 -2.34 -18.96 11.96
C TRP A 72 -2.73 -17.89 12.98
N ALA A 73 -3.28 -18.32 14.12
CA ALA A 73 -3.77 -17.37 15.12
C ALA A 73 -2.69 -16.35 15.42
N PHE A 74 -1.49 -16.84 15.74
CA PHE A 74 -0.31 -15.98 15.90
C PHE A 74 -0.15 -15.00 14.73
N ILE A 75 0.07 -15.52 13.52
CA ILE A 75 0.18 -14.70 12.31
C ILE A 75 -1.02 -13.76 12.05
N LEU A 76 -2.22 -14.32 12.03
CA LEU A 76 -3.37 -13.51 11.70
C LEU A 76 -3.37 -12.31 12.61
N PHE A 77 -3.19 -12.56 13.89
CA PHE A 77 -3.34 -11.50 14.87
C PHE A 77 -2.05 -10.73 15.08
N GLY A 78 -0.95 -11.38 14.78
CA GLY A 78 0.36 -10.77 14.92
C GLY A 78 0.43 -9.53 14.06
N THR A 79 -0.15 -9.59 12.86
CA THR A 79 -0.20 -8.46 11.93
C THR A 79 -1.27 -7.45 12.31
N VAL A 80 -2.46 -7.92 12.60
CA VAL A 80 -3.51 -7.04 13.10
C VAL A 80 -2.96 -6.16 14.23
N PHE A 81 -2.05 -6.73 15.03
CA PHE A 81 -1.38 -5.97 16.08
C PHE A 81 -0.63 -4.75 15.53
N VAL A 82 -0.09 -4.85 14.32
CA VAL A 82 0.69 -3.75 13.74
C VAL A 82 -0.15 -2.59 13.17
N PHE A 83 -1.28 -2.93 12.55
CA PHE A 83 -2.20 -1.94 11.99
C PHE A 83 -2.94 -1.15 13.06
N PHE A 84 -3.45 -1.85 14.08
CA PHE A 84 -4.22 -1.24 15.16
C PHE A 84 -3.47 -0.23 16.02
N ILE A 85 -2.23 -0.54 16.38
CA ILE A 85 -1.44 0.35 17.22
C ILE A 85 -1.21 1.66 16.49
N VAL A 86 -0.98 1.53 15.18
CA VAL A 86 -0.71 2.65 14.31
C VAL A 86 -1.95 3.49 14.03
N VAL A 87 -3.10 2.86 13.91
CA VAL A 87 -4.30 3.64 13.69
C VAL A 87 -4.51 4.47 14.94
N ILE A 88 -4.35 3.82 16.10
CA ILE A 88 -4.57 4.48 17.39
C ILE A 88 -3.63 5.66 17.64
N ALA A 89 -2.36 5.51 17.29
CA ALA A 89 -1.43 6.61 17.51
C ALA A 89 -1.90 7.78 16.65
N ALA A 90 -2.25 7.44 15.41
CA ALA A 90 -2.75 8.37 14.39
C ALA A 90 -4.08 8.94 14.85
N SER A 91 -4.84 8.10 15.53
CA SER A 91 -6.16 8.45 16.04
C SER A 91 -5.93 9.48 17.13
N LYS A 92 -7.01 10.20 17.44
CA LYS A 92 -7.04 11.29 18.42
C LYS A 92 -6.76 10.81 19.83
N PHE A 93 -6.84 9.50 20.01
CA PHE A 93 -6.60 8.87 21.29
C PHE A 93 -5.16 9.20 21.69
N GLY A 94 -4.27 9.24 20.70
CA GLY A 94 -2.87 9.51 20.96
C GLY A 94 -2.56 10.85 21.62
N THR A 95 -3.20 11.95 21.25
CA THR A 95 -2.86 13.19 21.95
C THR A 95 -2.95 13.04 23.46
N ILE A 96 -3.98 12.35 23.93
CA ILE A 96 -4.08 12.00 25.35
C ILE A 96 -2.69 11.78 25.94
N ARG A 97 -2.42 12.36 27.11
CA ARG A 97 -1.13 12.18 27.75
C ARG A 97 -1.20 11.11 28.84
N LEU A 98 -0.06 10.49 29.11
CA LEU A 98 0.00 9.36 30.04
C LEU A 98 0.45 9.74 31.45
N GLY A 99 -0.52 10.18 32.24
CA GLY A 99 -0.27 10.60 33.60
C GLY A 99 -1.36 11.57 33.97
N ARG A 100 -1.33 12.07 35.20
CA ARG A 100 -2.31 13.07 35.63
C ARG A 100 -2.39 14.19 34.60
N ILE A 101 -3.61 14.63 34.30
CA ILE A 101 -3.82 15.66 33.29
C ILE A 101 -2.76 16.75 33.42
N ASP A 102 -2.06 17.03 32.32
CA ASP A 102 -1.04 18.07 32.31
C ASP A 102 0.17 17.64 33.14
N GLU A 103 1.05 16.87 32.54
CA GLU A 103 2.27 16.41 33.24
C GLU A 103 3.56 16.62 32.44
N ALA A 104 4.62 17.02 33.14
CA ALA A 104 5.91 17.30 32.52
C ALA A 104 6.65 16.02 32.18
N PRO A 105 7.11 15.89 30.92
CA PRO A 105 7.87 14.73 30.49
C PRO A 105 8.96 14.37 31.48
N GLU A 106 9.23 13.07 31.63
CA GLU A 106 10.31 12.61 32.48
C GLU A 106 11.65 13.09 31.93
N PHE A 107 11.79 13.05 30.61
CA PHE A 107 13.00 13.53 29.93
C PHE A 107 12.62 14.47 28.78
N ARG A 108 13.53 15.36 28.40
CA ARG A 108 13.31 16.25 27.26
C ARG A 108 13.16 15.42 25.98
N THR A 109 12.57 16.00 24.93
CA THR A 109 12.33 15.25 23.69
C THR A 109 13.61 14.85 22.94
N VAL A 110 14.77 15.13 23.52
CA VAL A 110 16.04 14.64 22.99
C VAL A 110 16.80 13.89 24.08
N SER A 111 16.24 13.90 25.28
CA SER A 111 16.77 13.14 26.41
C SER A 111 15.96 11.85 26.57
N TRP A 112 14.70 11.91 26.17
CA TRP A 112 13.82 10.74 26.16
C TRP A 112 14.34 9.75 25.14
N ILE A 113 14.81 10.27 24.01
CA ILE A 113 15.32 9.45 22.90
C ILE A 113 16.34 8.42 23.38
N SER A 114 17.27 8.84 24.23
CA SER A 114 18.28 7.94 24.77
C SER A 114 17.69 6.80 25.59
N MET A 115 16.54 7.04 26.19
CA MET A 115 15.86 6.06 27.06
C MET A 115 15.42 4.74 26.44
N MET A 116 14.92 4.74 25.20
CA MET A 116 14.44 3.50 24.59
C MET A 116 15.52 2.42 24.47
N PHE A 117 16.73 2.83 24.08
CA PHE A 117 17.86 1.92 23.95
C PHE A 117 18.03 1.08 25.20
N ALA A 118 17.74 1.68 26.34
CA ALA A 118 17.83 0.98 27.62
C ALA A 118 17.02 -0.31 27.61
N ALA A 119 15.99 -0.35 26.77
CA ALA A 119 15.11 -1.51 26.69
C ALA A 119 15.13 -2.13 25.29
N GLY A 120 15.40 -1.30 24.30
CA GLY A 120 15.32 -1.70 22.90
C GLY A 120 16.49 -2.47 22.33
N MET A 121 17.19 -3.20 23.20
CA MET A 121 18.31 -4.05 22.81
C MET A 121 18.54 -5.10 23.88
N GLY A 122 19.35 -6.10 23.54
CA GLY A 122 19.67 -7.17 24.47
C GLY A 122 20.67 -8.17 23.89
N ILE A 123 20.75 -9.34 24.53
CA ILE A 123 21.64 -10.40 24.06
C ILE A 123 21.10 -11.02 22.78
N ASP A 124 19.78 -10.95 22.62
CA ASP A 124 19.09 -11.49 21.46
C ASP A 124 19.65 -10.89 20.16
N LEU A 125 19.98 -9.61 20.16
CA LEU A 125 20.50 -9.07 18.91
C LEU A 125 21.82 -9.67 18.40
N MET A 126 22.82 -9.83 19.28
CA MET A 126 24.12 -10.37 18.86
C MET A 126 24.26 -11.82 18.34
N PHE A 127 23.65 -12.78 19.03
CA PHE A 127 23.73 -14.20 18.64
C PHE A 127 22.98 -14.53 17.35
N TYR A 128 21.81 -13.93 17.27
CA TYR A 128 20.83 -14.05 16.19
C TYR A 128 21.00 -12.95 15.15
N GLY A 129 21.59 -11.84 15.57
CA GLY A 129 21.63 -10.63 14.76
C GLY A 129 22.62 -10.64 13.60
N THR A 130 23.64 -11.48 13.70
CA THR A 130 24.64 -11.54 12.65
C THR A 130 24.58 -12.89 11.93
N THR A 131 23.65 -13.74 12.36
CA THR A 131 23.49 -15.05 11.74
C THR A 131 22.19 -15.15 10.96
N GLU A 132 21.20 -14.32 11.30
CA GLU A 132 19.90 -14.44 10.65
C GLU A 132 19.91 -13.97 9.19
N PRO A 133 20.52 -12.80 8.90
CA PRO A 133 20.61 -12.46 7.48
C PRO A 133 21.45 -13.49 6.73
N LEU A 134 22.52 -13.94 7.36
CA LEU A 134 23.42 -14.91 6.75
C LEU A 134 22.70 -16.23 6.49
N THR A 135 22.04 -16.74 7.52
CA THR A 135 21.37 -18.02 7.42
C THR A 135 20.29 -17.99 6.34
N PHE A 136 19.71 -16.81 6.09
CA PHE A 136 18.74 -16.66 5.02
C PHE A 136 19.42 -16.49 3.65
N TYR A 137 20.48 -15.68 3.62
CA TYR A 137 21.30 -15.57 2.42
C TYR A 137 21.91 -16.92 2.04
N ARG A 138 21.96 -17.83 3.00
CA ARG A 138 22.51 -19.16 2.73
C ARG A 138 21.43 -20.14 2.29
N ASN A 139 20.51 -20.45 3.19
CA ASN A 139 19.49 -21.44 2.90
C ASN A 139 18.37 -20.90 2.03
N GLY A 140 18.13 -19.60 2.16
CA GLY A 140 17.00 -19.01 1.47
C GLY A 140 15.73 -19.43 2.18
N VAL A 141 14.80 -18.49 2.21
CA VAL A 141 13.53 -18.66 2.88
C VAL A 141 12.55 -19.30 1.92
N PRO A 142 11.60 -20.08 2.44
CA PRO A 142 10.55 -20.74 1.64
C PRO A 142 9.85 -19.74 0.74
N GLY A 143 9.84 -19.97 -0.56
CA GLY A 143 9.22 -19.06 -1.50
C GLY A 143 10.23 -18.38 -2.40
N HIS A 144 11.53 -18.60 -2.12
CA HIS A 144 12.57 -17.93 -2.92
C HIS A 144 13.93 -18.63 -3.01
N ASP A 145 14.68 -18.27 -4.05
CA ASP A 145 16.02 -18.79 -4.32
C ASP A 145 17.10 -18.29 -3.35
N GLU A 146 18.14 -19.10 -3.16
CA GLU A 146 19.26 -18.78 -2.28
C GLU A 146 20.15 -17.65 -2.82
N HIS A 147 20.78 -16.91 -1.90
CA HIS A 147 21.65 -15.79 -2.23
C HIS A 147 20.85 -14.56 -2.63
N ASN A 148 19.70 -14.39 -2.00
CA ASN A 148 18.89 -13.23 -2.24
C ASN A 148 19.16 -12.31 -1.06
N VAL A 149 19.98 -11.30 -1.28
CA VAL A 149 20.32 -10.36 -0.23
C VAL A 149 19.05 -9.64 0.18
N GLY A 150 18.23 -9.35 -0.82
CA GLY A 150 16.99 -8.63 -0.62
C GLY A 150 16.05 -9.27 0.38
N VAL A 151 15.69 -10.53 0.15
CA VAL A 151 14.81 -11.23 1.07
C VAL A 151 15.53 -11.44 2.39
N ALA A 152 16.81 -11.79 2.29
CA ALA A 152 17.64 -11.96 3.45
C ALA A 152 17.43 -10.78 4.39
N MET A 153 17.28 -9.59 3.84
CA MET A 153 17.09 -8.42 4.69
C MET A 153 15.63 -8.22 5.10
N SER A 154 14.72 -8.66 4.24
CA SER A 154 13.30 -8.38 4.44
C SER A 154 12.67 -9.30 5.46
N THR A 155 13.22 -10.51 5.56
CA THR A 155 12.66 -11.53 6.44
C THR A 155 13.23 -11.44 7.83
N THR A 156 14.44 -10.90 7.93
CA THR A 156 15.09 -10.78 9.23
C THR A 156 14.58 -9.56 10.00
N MET A 157 14.08 -8.57 9.26
CA MET A 157 13.51 -7.37 9.86
C MET A 157 12.06 -7.59 10.22
N PHE A 158 11.38 -8.38 9.40
CA PHE A 158 10.02 -8.78 9.68
C PHE A 158 9.94 -9.21 11.12
N HIS A 159 10.89 -10.03 11.53
CA HIS A 159 10.87 -10.61 12.85
C HIS A 159 11.34 -9.61 13.90
N TRP A 160 12.24 -8.71 13.53
CA TRP A 160 12.93 -7.89 14.53
C TRP A 160 12.68 -6.38 14.50
N THR A 161 11.58 -5.94 13.87
CA THR A 161 11.31 -4.50 13.72
C THR A 161 9.87 -4.14 14.05
N LEU A 162 9.09 -3.84 13.01
CA LEU A 162 7.71 -3.38 13.15
C LEU A 162 6.81 -4.33 13.91
N HIS A 163 6.84 -5.60 13.51
CA HIS A 163 6.00 -6.61 14.16
C HIS A 163 6.27 -6.81 15.67
N PRO A 164 7.49 -7.21 16.03
CA PRO A 164 7.72 -7.54 17.43
C PRO A 164 7.34 -6.37 18.34
N TRP A 165 7.84 -5.18 18.03
CA TRP A 165 7.59 -4.03 18.89
C TRP A 165 6.11 -3.70 19.10
N ALA A 166 5.24 -4.04 18.14
CA ALA A 166 3.83 -3.68 18.26
C ALA A 166 3.10 -4.55 19.30
N ILE A 167 3.68 -5.72 19.59
CA ILE A 167 3.12 -6.61 20.60
C ILE A 167 3.38 -6.00 21.97
N TYR A 168 4.46 -5.23 22.06
CA TYR A 168 4.78 -4.44 23.25
C TYR A 168 3.83 -3.27 23.46
N ALA A 169 3.83 -2.35 22.49
CA ALA A 169 3.11 -1.08 22.59
C ALA A 169 1.63 -1.26 22.90
N ILE A 170 1.04 -2.34 22.43
CA ILE A 170 -0.29 -2.69 22.89
C ILE A 170 -0.24 -2.82 24.40
N VAL A 171 0.47 -3.83 24.89
CA VAL A 171 0.57 -4.06 26.33
C VAL A 171 1.16 -2.87 27.05
N GLY A 172 2.13 -2.23 26.42
CA GLY A 172 2.63 -0.96 26.89
C GLY A 172 1.48 -0.01 27.22
N LEU A 173 0.74 0.39 26.21
CA LEU A 173 -0.34 1.36 26.43
C LEU A 173 -1.42 0.91 27.42
N ALA A 174 -1.85 -0.34 27.36
CA ALA A 174 -2.88 -0.78 28.30
C ALA A 174 -2.36 -0.70 29.74
N ILE A 175 -1.11 -1.15 29.93
CA ILE A 175 -0.47 -1.12 31.24
C ILE A 175 -0.17 0.30 31.71
N ALA A 176 0.28 1.12 30.77
CA ALA A 176 0.66 2.51 31.00
C ALA A 176 -0.56 3.38 31.26
N TYR A 177 -1.59 3.21 30.44
CA TYR A 177 -2.79 4.01 30.58
C TYR A 177 -3.51 3.60 31.86
N SER A 178 -3.52 2.30 32.11
CA SER A 178 -4.04 1.75 33.36
C SER A 178 -3.51 2.52 34.58
N THR A 179 -2.19 2.63 34.68
CA THR A 179 -1.57 3.13 35.91
C THR A 179 -1.38 4.65 36.02
N PHE A 180 -0.71 5.26 35.05
CA PHE A 180 -0.31 6.66 35.20
C PHE A 180 -1.43 7.66 34.97
N ARG A 181 -2.30 7.38 34.01
CA ARG A 181 -3.44 8.24 33.69
C ARG A 181 -4.57 8.02 34.68
N VAL A 182 -5.28 6.91 34.51
CA VAL A 182 -6.32 6.51 35.45
C VAL A 182 -5.83 6.57 36.90
N GLY A 183 -4.55 6.30 37.10
CA GLY A 183 -3.97 6.36 38.42
C GLY A 183 -4.26 5.14 39.26
N ARG A 184 -4.12 3.96 38.68
CA ARG A 184 -4.31 2.73 39.44
C ARG A 184 -3.12 1.78 39.42
N LYS A 185 -3.40 0.51 39.73
CA LYS A 185 -2.36 -0.44 40.11
C LYS A 185 -1.44 -0.97 39.01
N GLN A 186 -0.18 -1.15 39.35
CA GLN A 186 0.85 -1.55 38.40
C GLN A 186 0.77 -3.03 38.09
N LEU A 187 -0.34 -3.65 38.47
CA LEU A 187 -0.59 -5.04 38.15
C LEU A 187 -1.16 -5.15 36.72
N LEU A 188 -0.70 -6.16 35.98
CA LEU A 188 -1.04 -6.25 34.58
C LEU A 188 -2.52 -6.52 34.33
N SER A 189 -3.07 -7.53 35.01
CA SER A 189 -4.46 -7.91 34.78
C SER A 189 -5.36 -6.69 34.92
N SER A 190 -4.86 -5.68 35.61
CA SER A 190 -5.62 -4.45 35.83
C SER A 190 -6.23 -3.93 34.54
N ALA A 191 -5.41 -3.81 33.51
CA ALA A 191 -5.82 -3.24 32.23
C ALA A 191 -7.03 -3.95 31.62
N PHE A 192 -7.56 -4.94 32.31
CA PHE A 192 -8.73 -5.67 31.82
C PHE A 192 -9.97 -5.31 32.60
N VAL A 193 -9.86 -4.34 33.50
CA VAL A 193 -11.04 -3.93 34.29
C VAL A 193 -12.12 -3.27 33.42
N PRO A 194 -11.75 -2.76 32.23
CA PRO A 194 -12.81 -2.22 31.37
C PRO A 194 -13.53 -3.31 30.57
N LEU A 195 -13.31 -4.57 30.92
CA LEU A 195 -13.98 -5.68 30.24
C LEU A 195 -14.62 -6.67 31.20
N ILE A 196 -13.95 -6.91 32.32
CA ILE A 196 -14.41 -7.80 33.36
C ILE A 196 -14.88 -6.93 34.51
N GLY A 197 -15.00 -5.63 34.23
CA GLY A 197 -15.39 -4.64 35.21
C GLY A 197 -14.15 -4.15 35.93
N GLU A 198 -14.34 -3.25 36.89
CA GLU A 198 -13.19 -2.72 37.63
C GLU A 198 -13.24 -3.07 39.11
N LYS A 199 -12.13 -3.60 39.62
CA LYS A 199 -12.05 -3.97 41.03
C LYS A 199 -12.77 -5.28 41.35
N GLY A 200 -13.43 -5.87 40.35
CA GLY A 200 -14.17 -7.09 40.55
C GLY A 200 -13.75 -8.15 39.56
N ALA A 201 -12.60 -7.91 38.95
CA ALA A 201 -12.00 -8.84 38.01
C ALA A 201 -10.81 -9.51 38.68
N GLU A 202 -11.03 -10.04 39.88
CA GLU A 202 -9.99 -10.73 40.63
C GLU A 202 -10.49 -12.11 41.05
N GLY A 203 -10.28 -13.10 40.17
CA GLY A 203 -10.74 -14.46 40.39
C GLY A 203 -10.54 -15.33 39.17
N TRP A 204 -11.63 -15.89 38.65
CA TRP A 204 -11.56 -16.67 37.42
C TRP A 204 -10.59 -15.97 36.48
N LEU A 205 -10.95 -14.76 36.08
CA LEU A 205 -10.10 -13.95 35.23
C LEU A 205 -9.49 -12.84 36.09
N GLY A 206 -8.17 -12.67 36.01
CA GLY A 206 -7.49 -11.66 36.80
C GLY A 206 -6.26 -12.17 37.54
N LYS A 207 -6.47 -12.90 38.65
CA LYS A 207 -5.35 -13.43 39.41
C LYS A 207 -4.62 -14.38 38.48
N LEU A 208 -5.42 -15.16 37.74
CA LEU A 208 -4.94 -16.11 36.74
C LEU A 208 -3.96 -15.46 35.76
N ILE A 209 -4.30 -14.26 35.31
CA ILE A 209 -3.47 -13.48 34.40
C ILE A 209 -2.11 -13.14 35.02
N ASP A 210 -2.13 -12.64 36.26
CA ASP A 210 -0.90 -12.34 37.00
C ASP A 210 -0.06 -13.59 37.15
N ILE A 211 -0.70 -14.69 37.53
CA ILE A 211 0.00 -15.96 37.62
C ILE A 211 0.64 -16.24 36.27
N LEU A 212 -0.19 -16.33 35.24
CA LEU A 212 0.32 -16.58 33.90
C LEU A 212 1.30 -15.48 33.47
N ALA A 213 1.30 -14.38 34.21
CA ALA A 213 2.22 -13.28 33.93
C ALA A 213 3.61 -13.52 34.52
N ILE A 214 3.66 -13.83 35.80
CA ILE A 214 4.95 -14.08 36.44
C ILE A 214 5.70 -15.21 35.76
N ILE A 215 4.98 -16.29 35.45
CA ILE A 215 5.62 -17.46 34.86
C ILE A 215 6.37 -17.12 33.57
N ALA A 216 5.67 -16.50 32.62
CA ALA A 216 6.26 -16.16 31.34
C ALA A 216 7.33 -15.07 31.47
N THR A 217 7.62 -14.67 32.71
CA THR A 217 8.66 -13.68 32.95
C THR A 217 9.88 -14.34 33.61
N VAL A 218 9.66 -15.48 34.23
CA VAL A 218 10.76 -16.28 34.77
C VAL A 218 11.41 -17.06 33.64
N PHE A 219 10.57 -17.66 32.81
CA PHE A 219 11.05 -18.38 31.64
C PHE A 219 11.52 -17.35 30.62
N GLY A 220 10.77 -16.26 30.49
CA GLY A 220 11.11 -15.20 29.56
C GLY A 220 12.52 -14.68 29.77
N THR A 221 12.97 -14.70 31.02
CA THR A 221 14.30 -14.20 31.36
C THR A 221 15.40 -15.17 30.97
N ALA A 222 15.37 -16.35 31.58
CA ALA A 222 16.37 -17.39 31.32
C ALA A 222 16.60 -17.60 29.83
N CYS A 223 15.56 -17.40 29.02
CA CYS A 223 15.67 -17.57 27.57
C CYS A 223 16.77 -16.68 27.00
N SER A 224 17.22 -15.72 27.81
CA SER A 224 18.34 -14.86 27.44
C SER A 224 19.44 -14.95 28.49
N LEU A 225 19.07 -15.40 29.68
CA LEU A 225 20.03 -15.56 30.78
C LEU A 225 20.87 -16.82 30.59
N GLY A 226 20.23 -17.97 30.75
CA GLY A 226 20.89 -19.24 30.49
C GLY A 226 21.46 -19.26 29.09
N LEU A 227 20.88 -18.46 28.22
CA LEU A 227 21.36 -18.31 26.85
C LEU A 227 22.71 -17.61 26.85
N GLY A 228 22.84 -16.56 27.65
CA GLY A 228 24.08 -15.82 27.76
C GLY A 228 25.23 -16.71 28.16
N ALA A 229 24.94 -17.72 28.97
CA ALA A 229 25.95 -18.70 29.36
C ALA A 229 26.30 -19.59 28.18
N LEU A 230 25.29 -19.95 27.39
CA LEU A 230 25.51 -20.81 26.23
C LEU A 230 26.33 -20.10 25.15
N GLN A 231 26.13 -18.79 25.01
CA GLN A 231 26.88 -18.01 24.04
C GLN A 231 28.33 -17.84 24.47
N ILE A 232 28.58 -18.08 25.75
CA ILE A 232 29.93 -18.05 26.28
C ILE A 232 30.52 -19.46 26.25
N GLY A 233 29.67 -20.46 26.43
CA GLY A 233 30.08 -21.86 26.36
C GLY A 233 30.72 -22.18 25.02
N ALA A 234 30.37 -21.39 24.02
CA ALA A 234 30.99 -21.49 22.70
C ALA A 234 31.60 -20.14 22.32
N GLY A 235 31.63 -19.23 23.28
CA GLY A 235 32.14 -17.89 23.04
C GLY A 235 33.58 -17.73 23.45
N LEU A 236 33.95 -18.36 24.56
CA LEU A 236 35.32 -18.29 25.08
C LEU A 236 36.33 -18.91 24.12
N SER A 237 35.85 -19.65 23.13
CA SER A 237 36.72 -20.29 22.15
C SER A 237 37.62 -19.27 21.46
N ALA A 238 37.21 -18.00 21.52
CA ALA A 238 38.00 -16.91 20.98
C ALA A 238 39.25 -16.72 21.83
N ALA A 239 39.21 -17.24 23.05
CA ALA A 239 40.35 -17.18 23.97
C ALA A 239 40.83 -18.59 24.33
N ASN A 240 40.13 -19.22 25.28
CA ASN A 240 40.51 -20.55 25.74
C ASN A 240 39.80 -21.68 25.01
N ASP A 247 33.19 -27.64 28.38
CA ASP A 247 32.55 -26.81 27.37
C ASP A 247 31.03 -26.87 27.50
N TRP A 248 30.48 -28.09 27.55
CA TRP A 248 29.05 -28.28 27.73
C TRP A 248 28.70 -28.46 29.21
N THR A 249 29.67 -28.25 30.09
CA THR A 249 29.44 -28.29 31.54
C THR A 249 30.16 -27.15 32.24
N ILE A 250 30.92 -26.37 31.48
CA ILE A 250 31.57 -25.19 32.01
C ILE A 250 30.52 -24.10 32.27
N VAL A 251 29.33 -24.31 31.72
CA VAL A 251 28.23 -23.36 31.89
C VAL A 251 27.86 -23.13 33.35
N GLY A 252 27.85 -24.21 34.13
CA GLY A 252 27.52 -24.13 35.54
C GLY A 252 28.47 -23.24 36.31
N ILE A 253 29.75 -23.27 35.93
CA ILE A 253 30.77 -22.43 36.56
C ILE A 253 30.61 -20.98 36.11
N VAL A 254 30.31 -20.80 34.83
CA VAL A 254 30.14 -19.46 34.27
C VAL A 254 28.86 -18.78 34.75
N SER A 255 27.76 -19.53 34.77
CA SER A 255 26.48 -19.02 35.26
C SER A 255 26.62 -18.34 36.63
N VAL A 256 27.38 -18.98 37.53
CA VAL A 256 27.56 -18.46 38.89
C VAL A 256 28.49 -17.25 38.91
N LEU A 257 29.44 -17.22 37.98
CA LEU A 257 30.34 -16.08 37.84
C LEU A 257 29.57 -14.78 37.69
N THR A 258 28.48 -14.83 36.93
CA THR A 258 27.73 -13.63 36.61
C THR A 258 26.53 -13.44 37.54
N LEU A 259 25.84 -14.53 37.88
CA LEU A 259 24.67 -14.44 38.73
C LEU A 259 25.01 -13.88 40.10
N ALA A 260 26.24 -14.14 40.54
CA ALA A 260 26.72 -13.62 41.81
C ALA A 260 26.71 -12.09 41.79
N PHE A 261 26.50 -11.53 40.60
CA PHE A 261 26.52 -10.09 40.42
C PHE A 261 25.11 -9.51 40.28
N ILE A 262 24.10 -10.35 40.46
CA ILE A 262 22.72 -9.87 40.46
C ILE A 262 22.41 -9.26 41.82
N PHE A 263 22.88 -9.92 42.87
CA PHE A 263 22.64 -9.49 44.24
C PHE A 263 23.44 -8.25 44.59
N SER A 264 24.41 -7.91 43.75
CA SER A 264 25.20 -6.69 43.97
C SER A 264 24.58 -5.52 43.21
N ALA A 265 24.23 -5.72 41.95
CA ALA A 265 23.69 -4.61 41.18
C ALA A 265 22.41 -4.00 41.77
N ILE A 266 21.44 -4.81 42.17
CA ILE A 266 20.23 -4.24 42.74
C ILE A 266 20.22 -4.28 44.27
N SER A 267 20.56 -5.43 44.83
CA SER A 267 20.60 -5.66 46.28
C SER A 267 21.67 -4.92 47.08
N GLY A 268 22.87 -4.83 46.52
CA GLY A 268 24.01 -4.21 47.19
C GLY A 268 24.37 -2.84 46.67
N VAL A 269 24.14 -2.64 45.37
CA VAL A 269 24.43 -1.38 44.69
C VAL A 269 23.13 -0.60 44.49
N GLY A 270 23.21 0.72 44.71
CA GLY A 270 22.07 1.59 44.57
C GLY A 270 21.64 1.86 43.14
N LYS A 271 20.34 1.87 42.90
CA LYS A 271 19.78 2.24 41.60
C LYS A 271 19.60 1.08 40.61
N GLY A 272 18.77 1.32 39.60
CA GLY A 272 18.50 0.35 38.56
C GLY A 272 18.74 0.84 37.15
N ILE A 273 19.54 0.09 36.40
CA ILE A 273 19.86 0.43 35.02
C ILE A 273 20.42 1.84 34.92
N GLN A 274 20.00 2.56 33.90
CA GLN A 274 20.40 3.95 33.69
C GLN A 274 21.87 4.03 33.28
N TYR A 275 22.73 3.52 34.15
CA TYR A 275 24.16 3.50 33.91
C TYR A 275 24.53 2.61 32.73
N LEU A 276 23.86 1.46 32.64
CA LEU A 276 24.15 0.48 31.60
C LEU A 276 23.65 0.92 30.23
N SER A 277 22.55 1.67 30.23
CA SER A 277 21.92 2.12 28.99
C SER A 277 22.93 2.83 28.10
N ASN A 278 23.73 3.71 28.69
CA ASN A 278 24.78 4.42 27.96
C ASN A 278 25.95 3.48 27.66
N ALA A 279 26.15 2.49 28.51
CA ALA A 279 27.23 1.54 28.32
C ALA A 279 27.00 0.80 27.00
N ASN A 280 25.75 0.43 26.75
CA ASN A 280 25.39 -0.27 25.52
C ASN A 280 25.63 0.60 24.28
N MET A 281 25.32 1.89 24.38
CA MET A 281 25.59 2.78 23.26
C MET A 281 27.09 2.90 22.97
N VAL A 282 27.90 3.04 24.02
CA VAL A 282 29.35 3.13 23.89
C VAL A 282 29.98 1.84 23.38
N LEU A 283 29.49 0.72 23.90
CA LEU A 283 29.96 -0.62 23.55
C LEU A 283 29.43 -1.13 22.22
N ALA A 284 28.14 -0.87 22.00
CA ALA A 284 27.39 -1.28 20.84
C ALA A 284 27.77 -0.30 19.75
N ALA A 285 27.47 0.97 19.98
CA ALA A 285 27.84 2.03 19.05
C ALA A 285 29.29 1.88 18.58
N LEU A 286 30.17 1.48 19.49
CA LEU A 286 31.58 1.34 19.13
C LEU A 286 31.84 0.18 18.18
N LEU A 287 31.51 -1.05 18.58
CA LEU A 287 31.77 -2.20 17.71
C LEU A 287 31.03 -2.04 16.41
N ALA A 288 29.94 -1.28 16.45
CA ALA A 288 29.11 -1.07 15.28
C ALA A 288 29.76 -0.06 14.34
N ILE A 289 30.16 1.09 14.87
CA ILE A 289 30.88 2.07 14.08
C ILE A 289 32.25 1.51 13.70
N PHE A 290 32.80 0.66 14.57
CA PHE A 290 34.02 -0.08 14.24
C PHE A 290 33.84 -0.75 12.90
N VAL A 291 32.90 -1.69 12.86
CA VAL A 291 32.63 -2.48 11.67
C VAL A 291 32.20 -1.62 10.48
N PHE A 292 31.39 -0.60 10.73
CA PHE A 292 30.87 0.26 9.68
C PHE A 292 31.97 1.05 8.98
N VAL A 293 33.14 1.09 9.60
CA VAL A 293 34.26 1.84 9.03
C VAL A 293 35.45 0.94 8.69
N VAL A 294 35.53 -0.21 9.37
CA VAL A 294 36.63 -1.14 9.14
C VAL A 294 36.26 -2.07 7.99
N GLY A 295 35.05 -2.60 8.08
CA GLY A 295 34.50 -3.45 7.05
C GLY A 295 34.18 -2.48 5.94
N PRO A 296 34.14 -2.92 4.70
CA PRO A 296 33.84 -1.93 3.66
C PRO A 296 32.51 -1.32 4.07
N THR A 297 32.43 0.00 4.06
CA THR A 297 31.22 0.69 4.45
C THR A 297 30.17 0.77 3.37
N VAL A 298 30.63 0.94 2.14
CA VAL A 298 29.76 1.23 1.02
C VAL A 298 28.63 0.20 0.83
N SER A 299 28.97 -1.08 1.00
CA SER A 299 27.99 -2.14 0.84
C SER A 299 26.94 -2.12 1.94
N ILE A 300 27.39 -1.95 3.18
CA ILE A 300 26.48 -1.90 4.33
C ILE A 300 25.58 -0.68 4.20
N LEU A 301 26.19 0.43 3.80
CA LEU A 301 25.49 1.68 3.61
C LEU A 301 24.48 1.55 2.49
N ASN A 302 24.87 0.83 1.43
CA ASN A 302 24.01 0.65 0.27
C ASN A 302 22.75 -0.10 0.66
N LEU A 303 22.96 -1.23 1.33
CA LEU A 303 21.90 -2.05 1.86
C LEU A 303 21.08 -1.31 2.94
N LEU A 304 21.39 -0.02 3.14
CA LEU A 304 20.65 0.78 4.12
C LEU A 304 19.23 1.06 3.66
N PRO A 305 19.05 1.56 2.43
CA PRO A 305 17.70 1.66 1.87
C PRO A 305 17.24 0.30 1.36
N GLY A 306 18.14 -0.41 0.70
CA GLY A 306 17.88 -1.77 0.29
C GLY A 306 17.18 -2.57 1.37
N SER A 307 17.54 -2.36 2.63
CA SER A 307 16.92 -3.06 3.74
C SER A 307 15.47 -2.65 3.88
N ILE A 308 15.24 -1.36 4.06
CA ILE A 308 13.88 -0.87 4.22
C ILE A 308 13.05 -1.15 3.00
N GLY A 309 13.57 -0.75 1.84
CA GLY A 309 12.84 -0.87 0.59
C GLY A 309 12.16 -2.22 0.53
N ASN A 310 12.97 -3.28 0.53
CA ASN A 310 12.49 -4.65 0.45
C ASN A 310 11.50 -5.02 1.54
N TYR A 311 11.83 -4.67 2.78
CA TYR A 311 10.90 -4.85 3.89
C TYR A 311 9.49 -4.47 3.46
N LEU A 312 9.33 -3.18 3.21
CA LEU A 312 8.07 -2.69 2.70
C LEU A 312 7.46 -3.53 1.53
N SER A 313 8.25 -3.81 0.49
CA SER A 313 7.75 -4.57 -0.66
C SER A 313 7.28 -6.00 -0.33
N ASN A 314 7.98 -6.66 0.59
CA ASN A 314 7.63 -8.02 0.97
C ASN A 314 6.88 -8.22 2.30
N PHE A 315 6.55 -7.13 2.98
CA PHE A 315 5.89 -7.19 4.29
C PHE A 315 4.50 -7.84 4.31
N PHE A 316 3.67 -7.50 3.32
CA PHE A 316 2.32 -8.08 3.21
C PHE A 316 2.38 -9.56 2.86
N GLN A 317 3.32 -9.85 1.96
CA GLN A 317 3.58 -11.18 1.43
C GLN A 317 4.18 -12.03 2.53
N MET A 318 5.00 -11.41 3.37
CA MET A 318 5.55 -12.08 4.53
C MET A 318 4.42 -12.47 5.48
N ALA A 319 3.47 -11.56 5.64
CA ALA A 319 2.40 -11.74 6.62
C ALA A 319 1.32 -12.70 6.15
N GLY A 320 1.41 -13.15 4.90
CA GLY A 320 0.49 -14.17 4.40
C GLY A 320 1.14 -15.55 4.33
N ARG A 321 2.39 -15.60 4.75
CA ARG A 321 3.14 -16.84 4.74
C ARG A 321 2.36 -17.74 5.65
N THR A 322 2.03 -18.91 5.14
CA THR A 322 1.28 -19.90 5.89
C THR A 322 1.88 -21.27 5.62
N ALA A 323 1.77 -22.17 6.59
CA ALA A 323 2.31 -23.49 6.42
C ALA A 323 1.65 -23.94 5.14
N MET A 324 0.51 -23.32 4.83
CA MET A 324 -0.22 -23.72 3.64
C MET A 324 0.55 -23.25 2.40
N SER A 325 1.42 -22.27 2.62
CA SER A 325 2.19 -21.63 1.55
C SER A 325 3.70 -21.77 1.77
N ALA A 326 4.40 -22.12 0.70
CA ALA A 326 3.77 -22.26 -0.61
C ALA A 326 3.67 -23.73 -0.96
N ASP A 327 2.46 -24.16 -1.30
CA ASP A 327 2.21 -25.56 -1.58
C ASP A 327 2.08 -26.27 -0.24
N GLY A 328 2.06 -25.48 0.83
CA GLY A 328 1.97 -26.03 2.18
C GLY A 328 3.19 -26.73 2.74
N THR A 329 4.38 -26.31 2.33
CA THR A 329 5.62 -26.90 2.81
C THR A 329 6.50 -25.98 3.67
N ALA A 330 5.94 -24.87 4.16
CA ALA A 330 6.74 -23.92 4.92
C ALA A 330 6.56 -24.08 6.42
N GLY A 331 5.61 -24.93 6.81
CA GLY A 331 5.27 -25.16 8.21
C GLY A 331 6.47 -25.30 9.13
N GLU A 332 7.39 -26.18 8.74
CA GLU A 332 8.57 -26.44 9.58
C GLU A 332 9.63 -25.35 9.49
N TRP A 333 9.64 -24.60 8.39
CA TRP A 333 10.42 -23.37 8.37
C TRP A 333 9.76 -22.41 9.35
N LEU A 334 8.49 -22.10 9.09
CA LEU A 334 7.75 -21.11 9.88
C LEU A 334 7.66 -21.43 11.36
N GLY A 335 7.44 -22.69 11.70
CA GLY A 335 7.37 -23.03 13.10
C GLY A 335 8.75 -22.72 13.67
N SER A 336 9.77 -23.05 12.90
CA SER A 336 11.16 -22.82 13.27
C SER A 336 11.56 -21.34 13.42
N TRP A 337 11.07 -20.49 12.51
CA TRP A 337 11.44 -19.08 12.55
C TRP A 337 10.30 -18.12 12.93
N THR A 338 9.44 -17.81 11.97
CA THR A 338 8.33 -16.89 12.24
C THR A 338 7.39 -17.38 13.34
N ILE A 339 7.00 -18.60 13.42
CA ILE A 339 6.17 -18.74 14.56
C ILE A 339 7.03 -18.74 15.79
N PHE A 340 8.25 -19.25 15.71
CA PHE A 340 9.10 -19.15 16.89
C PHE A 340 9.25 -17.78 17.56
N TYR A 341 9.38 -16.71 16.78
CA TYR A 341 9.56 -15.40 17.39
C TYR A 341 8.25 -14.84 17.90
N TRP A 342 7.18 -15.02 17.12
CA TRP A 342 5.90 -14.48 17.54
C TRP A 342 5.57 -14.99 18.93
N ALA A 343 5.35 -16.29 19.04
CA ALA A 343 5.10 -16.90 20.33
C ALA A 343 6.04 -16.32 21.38
N TRP A 344 7.33 -16.29 21.07
CA TRP A 344 8.34 -15.80 22.02
C TRP A 344 8.13 -14.34 22.47
N TRP A 345 7.90 -13.44 21.51
CA TRP A 345 7.69 -12.03 21.84
C TRP A 345 6.47 -11.88 22.73
N ILE A 346 5.45 -12.68 22.45
CA ILE A 346 4.24 -12.64 23.24
C ILE A 346 4.59 -13.07 24.64
N SER A 347 5.39 -14.12 24.73
CA SER A 347 5.94 -14.57 26.00
C SER A 347 7.20 -13.80 26.29
N TRP A 348 7.04 -12.50 26.49
CA TRP A 348 8.13 -11.61 26.87
C TRP A 348 7.58 -10.20 26.85
N SER A 349 6.35 -10.07 26.37
CA SER A 349 5.71 -8.77 26.26
C SER A 349 5.31 -8.20 27.63
N PRO A 350 5.08 -9.07 28.63
CA PRO A 350 4.86 -8.53 29.97
C PRO A 350 6.07 -7.75 30.49
N PHE A 351 7.21 -8.39 30.65
CA PHE A 351 8.40 -7.64 31.08
C PHE A 351 8.49 -6.31 30.31
N VAL A 352 8.41 -6.39 28.99
CA VAL A 352 8.69 -5.23 28.13
C VAL A 352 7.55 -4.24 28.00
N GLY A 353 6.35 -4.66 28.40
CA GLY A 353 5.22 -3.75 28.47
C GLY A 353 5.26 -3.07 29.83
N MET A 354 5.68 -3.83 30.83
CA MET A 354 5.80 -3.32 32.18
C MET A 354 6.95 -2.34 32.24
N PHE A 355 8.07 -2.67 31.59
CA PHE A 355 9.26 -1.83 31.69
C PHE A 355 9.13 -0.55 30.87
N LEU A 356 8.50 -0.68 29.72
CA LEU A 356 8.33 0.47 28.86
C LEU A 356 7.33 1.45 29.44
N ALA A 357 6.32 0.94 30.15
CA ALA A 357 5.35 1.82 30.80
C ALA A 357 6.08 2.88 31.62
N ARG A 358 7.02 2.43 32.44
CA ARG A 358 7.85 3.34 33.21
C ARG A 358 8.77 4.15 32.29
N ILE A 359 8.98 5.41 32.64
CA ILE A 359 9.82 6.33 31.87
C ILE A 359 9.09 6.68 30.60
N SER A 360 7.78 6.44 30.62
CA SER A 360 6.92 6.86 29.54
C SER A 360 5.79 7.71 30.12
N ARG A 361 5.84 7.92 31.43
CA ARG A 361 4.96 8.88 32.10
C ARG A 361 5.27 10.27 31.57
N GLY A 362 4.23 11.04 31.31
CA GLY A 362 4.41 12.40 30.84
C GLY A 362 4.61 12.42 29.33
N ARG A 363 4.89 11.25 28.78
CA ARG A 363 4.93 11.11 27.34
C ARG A 363 3.52 10.73 26.91
N SER A 364 3.11 11.22 25.74
CA SER A 364 1.76 10.97 25.29
C SER A 364 1.67 9.64 24.55
N ILE A 365 0.45 9.34 24.10
CA ILE A 365 0.18 8.12 23.36
C ILE A 365 0.99 8.05 22.06
N ARG A 366 0.77 9.03 21.20
CA ARG A 366 1.44 9.07 19.91
C ARG A 366 2.94 8.98 20.09
N GLU A 367 3.51 9.98 20.75
CA GLU A 367 4.95 10.07 20.94
C GLU A 367 5.53 8.81 21.57
N PHE A 368 4.68 8.07 22.27
CA PHE A 368 5.09 6.79 22.84
C PHE A 368 4.97 5.64 21.82
N ILE A 369 3.90 5.64 21.01
CA ILE A 369 3.76 4.62 19.97
C ILE A 369 4.79 4.81 18.85
N LEU A 370 4.96 6.04 18.38
CA LEU A 370 6.01 6.31 17.41
C LEU A 370 7.34 6.04 18.09
N GLY A 371 7.41 6.40 19.37
CA GLY A 371 8.56 6.04 20.20
C GLY A 371 8.93 4.57 20.09
N VAL A 372 8.09 3.68 20.63
CA VAL A 372 8.42 2.25 20.64
C VAL A 372 8.57 1.64 19.25
N LEU A 373 7.94 2.24 18.24
CA LEU A 373 8.14 1.74 16.90
C LEU A 373 9.31 2.45 16.24
N LEU A 374 9.06 3.04 15.08
CA LEU A 374 10.09 3.71 14.30
C LEU A 374 11.54 3.55 14.77
N VAL A 375 11.89 4.11 15.91
CA VAL A 375 13.28 4.13 16.34
C VAL A 375 13.87 2.77 16.80
N PRO A 376 13.28 2.14 17.83
CA PRO A 376 13.71 0.77 18.14
C PRO A 376 13.64 -0.10 16.90
N ALA A 377 12.64 0.12 16.04
CA ALA A 377 12.56 -0.60 14.78
C ALA A 377 13.76 -0.27 13.90
N GLY A 378 13.96 1.02 13.66
CA GLY A 378 15.03 1.49 12.79
C GLY A 378 16.44 1.43 13.35
N VAL A 379 16.61 0.95 14.58
CA VAL A 379 17.95 0.68 15.06
C VAL A 379 18.30 -0.74 14.66
N SER A 380 17.41 -1.67 14.99
CA SER A 380 17.61 -3.05 14.63
C SER A 380 18.01 -3.10 13.16
N THR A 381 17.25 -2.40 12.32
CA THR A 381 17.45 -2.45 10.87
C THR A 381 18.87 -2.10 10.45
N VAL A 382 19.42 -1.04 11.04
CA VAL A 382 20.77 -0.60 10.68
C VAL A 382 21.80 -1.54 11.32
N TRP A 383 21.35 -2.30 12.31
CA TRP A 383 22.20 -3.25 12.99
C TRP A 383 22.40 -4.54 12.18
N PHE A 384 21.34 -5.00 11.51
CA PHE A 384 21.47 -6.15 10.63
C PHE A 384 22.06 -5.67 9.31
N SER A 385 22.15 -4.35 9.17
CA SER A 385 22.69 -3.76 7.95
C SER A 385 24.21 -3.83 7.95
N ILE A 386 24.81 -3.68 9.12
CA ILE A 386 26.26 -3.82 9.27
C ILE A 386 26.66 -5.28 9.55
N PHE A 387 26.11 -5.89 10.58
CA PHE A 387 26.47 -7.28 10.83
C PHE A 387 26.03 -8.14 9.64
N GLY A 388 24.80 -7.93 9.18
CA GLY A 388 24.27 -8.67 8.05
C GLY A 388 24.91 -8.47 6.69
N GLY A 389 25.21 -7.21 6.35
CA GLY A 389 25.81 -6.87 5.07
C GLY A 389 27.21 -7.41 4.86
N THR A 390 28.02 -7.32 5.91
CA THR A 390 29.40 -7.77 5.91
C THR A 390 29.40 -9.28 6.00
N ALA A 391 28.66 -9.79 6.98
CA ALA A 391 28.46 -11.22 7.13
C ALA A 391 28.19 -11.87 5.77
N ILE A 392 27.44 -11.16 4.93
CA ILE A 392 27.10 -11.68 3.60
C ILE A 392 28.20 -11.41 2.59
N VAL A 393 28.68 -10.18 2.56
CA VAL A 393 29.71 -9.80 1.59
C VAL A 393 30.90 -10.72 1.70
N PHE A 394 31.05 -11.35 2.86
CA PHE A 394 32.12 -12.31 3.09
C PHE A 394 31.79 -13.67 2.50
N GLU A 395 30.51 -13.93 2.23
CA GLU A 395 30.13 -15.16 1.56
C GLU A 395 30.07 -14.90 0.07
N GLN A 396 29.94 -13.63 -0.27
CA GLN A 396 29.94 -13.22 -1.68
C GLN A 396 31.29 -13.53 -2.28
N ASN A 397 32.32 -13.52 -1.45
CA ASN A 397 33.68 -13.78 -1.90
C ASN A 397 34.10 -15.22 -1.63
N GLY A 398 33.87 -15.67 -0.40
CA GLY A 398 34.17 -17.04 -0.01
C GLY A 398 34.73 -17.11 1.39
N GLU A 399 34.72 -15.96 2.08
CA GLU A 399 35.15 -15.90 3.45
C GLU A 399 33.90 -16.17 4.29
N SER A 400 33.42 -17.41 4.23
CA SER A 400 32.21 -17.79 4.98
C SER A 400 32.45 -17.66 6.47
N ILE A 401 31.46 -17.20 7.21
CA ILE A 401 31.64 -17.05 8.64
C ILE A 401 30.91 -18.19 9.33
N TRP A 402 30.13 -18.92 8.55
CA TRP A 402 29.33 -20.03 9.04
C TRP A 402 30.19 -21.06 9.79
N GLY A 403 30.25 -20.91 11.10
CA GLY A 403 31.03 -21.80 11.93
C GLY A 403 30.29 -23.10 12.20
N ASP A 404 30.37 -24.03 11.26
CA ASP A 404 29.70 -25.32 11.40
C ASP A 404 28.25 -25.15 11.86
N GLY A 405 27.59 -24.09 11.39
CA GLY A 405 26.20 -23.84 11.74
C GLY A 405 25.99 -23.61 13.23
N ALA A 406 26.71 -22.64 13.79
CA ALA A 406 26.64 -22.37 15.22
C ALA A 406 26.46 -20.88 15.53
N ALA A 407 25.33 -20.55 16.16
CA ALA A 407 24.94 -19.17 16.41
C ALA A 407 26.00 -18.31 17.11
N GLU A 408 26.76 -18.92 18.02
CA GLU A 408 27.78 -18.19 18.78
C GLU A 408 29.06 -18.02 17.98
N GLU A 409 29.28 -18.91 17.03
CA GLU A 409 30.52 -18.94 16.27
C GLU A 409 30.58 -17.83 15.22
N GLN A 410 29.46 -17.57 14.57
CA GLN A 410 29.40 -16.57 13.50
C GLN A 410 29.80 -15.18 13.98
N LEU A 411 29.18 -14.73 15.07
CA LEU A 411 29.44 -13.40 15.60
C LEU A 411 30.93 -13.05 15.49
N PHE A 412 31.76 -13.90 16.10
CA PHE A 412 33.18 -13.63 16.19
C PHE A 412 33.92 -14.04 14.93
N GLY A 413 33.44 -15.07 14.26
CA GLY A 413 34.06 -15.54 13.04
C GLY A 413 34.23 -14.42 12.04
N LEU A 414 33.47 -13.35 12.23
CA LEU A 414 33.44 -12.26 11.26
C LEU A 414 34.05 -10.97 11.76
N LEU A 415 34.41 -10.90 13.04
CA LEU A 415 35.18 -9.76 13.53
C LEU A 415 36.67 -10.08 13.70
N HIS A 416 37.00 -11.33 14.03
CA HIS A 416 38.40 -11.74 14.03
C HIS A 416 38.88 -11.82 12.57
N ALA A 417 38.02 -11.37 11.66
CA ALA A 417 38.36 -11.23 10.25
C ALA A 417 38.57 -9.75 9.93
N LEU A 418 38.77 -8.97 10.99
CA LEU A 418 38.99 -7.53 10.93
C LEU A 418 40.14 -7.27 11.87
N PRO A 419 40.77 -6.11 11.76
CA PRO A 419 41.90 -5.81 12.64
C PRO A 419 41.42 -5.80 14.08
N GLY A 420 42.23 -6.35 14.98
CA GLY A 420 41.87 -6.43 16.39
C GLY A 420 40.63 -7.27 16.61
N GLY A 421 40.45 -8.31 15.80
CA GLY A 421 39.30 -9.19 15.92
C GLY A 421 39.07 -9.59 17.36
N GLN A 422 40.17 -9.72 18.11
CA GLN A 422 40.10 -10.06 19.52
C GLN A 422 39.93 -8.80 20.35
N ILE A 423 40.47 -7.69 19.88
CA ILE A 423 40.37 -6.42 20.60
C ILE A 423 38.92 -5.97 20.76
N MET A 424 38.09 -6.33 19.78
CA MET A 424 36.66 -6.06 19.87
C MET A 424 35.95 -7.28 20.47
N GLY A 425 36.29 -8.46 19.97
CA GLY A 425 35.72 -9.69 20.47
C GLY A 425 35.64 -9.73 21.98
N ILE A 426 36.53 -8.96 22.62
CA ILE A 426 36.51 -8.81 24.07
C ILE A 426 35.33 -7.93 24.49
N ILE A 427 35.21 -6.78 23.85
CA ILE A 427 34.11 -5.86 24.17
C ILE A 427 32.75 -6.46 23.84
N ALA A 428 32.74 -7.48 22.99
CA ALA A 428 31.51 -8.17 22.62
C ALA A 428 31.09 -9.12 23.74
N MET A 429 32.07 -9.88 24.25
CA MET A 429 31.88 -10.69 25.45
C MET A 429 31.26 -9.84 26.54
N ILE A 430 31.99 -8.81 26.96
CA ILE A 430 31.54 -7.91 28.01
C ILE A 430 30.21 -7.23 27.64
N LEU A 431 29.94 -7.13 26.35
CA LEU A 431 28.66 -6.59 25.89
C LEU A 431 27.54 -7.57 26.23
N LEU A 432 27.83 -8.86 26.10
CA LEU A 432 26.86 -9.90 26.46
C LEU A 432 26.87 -10.14 27.96
N GLY A 433 27.80 -9.49 28.65
CA GLY A 433 27.88 -9.56 30.09
C GLY A 433 26.98 -8.54 30.74
N THR A 434 27.12 -7.29 30.33
CA THR A 434 26.25 -6.22 30.81
C THR A 434 24.80 -6.59 30.53
N PHE A 435 24.54 -7.00 29.29
CA PHE A 435 23.19 -7.38 28.86
C PHE A 435 22.57 -8.44 29.76
N PHE A 436 23.41 -9.27 30.37
CA PHE A 436 22.93 -10.31 31.27
C PHE A 436 22.24 -9.71 32.48
N ILE A 437 22.78 -8.59 32.96
CA ILE A 437 22.23 -7.94 34.15
C ILE A 437 21.19 -6.87 33.81
N THR A 438 21.28 -6.30 32.61
CA THR A 438 20.28 -5.35 32.17
C THR A 438 18.93 -6.04 32.17
N SER A 439 18.84 -7.12 31.41
CA SER A 439 17.62 -7.91 31.31
C SER A 439 17.21 -8.40 32.70
N ALA A 440 18.12 -9.08 33.37
CA ALA A 440 17.86 -9.58 34.71
C ALA A 440 17.36 -8.48 35.63
N ASP A 441 18.21 -7.47 35.83
CA ASP A 441 17.85 -6.33 36.66
C ASP A 441 16.42 -5.90 36.38
N SER A 442 16.20 -5.34 35.20
CA SER A 442 14.88 -4.90 34.79
C SER A 442 13.83 -5.99 34.99
N ALA A 443 13.98 -7.11 34.29
CA ALA A 443 12.99 -8.19 34.38
C ALA A 443 12.52 -8.41 35.82
N SER A 444 13.48 -8.56 36.73
CA SER A 444 13.16 -8.76 38.14
C SER A 444 12.42 -7.55 38.71
N THR A 445 12.83 -6.35 38.30
CA THR A 445 12.10 -5.14 38.67
C THR A 445 10.64 -5.41 38.36
N VAL A 446 10.38 -5.82 37.12
CA VAL A 446 9.02 -6.03 36.63
C VAL A 446 8.31 -7.15 37.39
N MET A 447 8.90 -8.34 37.36
CA MET A 447 8.27 -9.49 38.00
C MET A 447 8.06 -9.21 39.49
N GLY A 448 9.11 -8.75 40.15
CA GLY A 448 9.01 -8.41 41.57
C GLY A 448 7.93 -7.38 41.83
N THR A 449 7.66 -6.55 40.83
CA THR A 449 6.68 -5.47 40.95
C THR A 449 5.24 -5.98 40.95
N MET A 450 5.00 -7.08 40.25
CA MET A 450 3.64 -7.57 40.14
C MET A 450 3.23 -8.46 41.31
N SER A 451 4.20 -8.80 42.14
CA SER A 451 3.94 -9.61 43.32
C SER A 451 3.69 -8.74 44.56
N GLN A 452 3.87 -7.44 44.43
CA GLN A 452 3.71 -6.54 45.57
C GLN A 452 2.36 -5.84 45.63
N HIS A 453 1.44 -6.23 44.77
CA HIS A 453 0.18 -5.52 44.65
C HIS A 453 0.34 -4.45 43.56
N GLY A 454 1.44 -4.55 42.82
CA GLY A 454 1.75 -3.62 41.73
C GLY A 454 2.45 -2.31 42.04
N GLN A 455 2.85 -2.10 43.28
CA GLN A 455 3.53 -0.86 43.66
C GLN A 455 4.91 -0.70 43.02
N LEU A 456 5.27 0.54 42.66
CA LEU A 456 6.57 0.85 42.05
C LEU A 456 7.81 0.79 42.96
N GLU A 457 7.71 1.35 44.16
CA GLU A 457 8.78 1.33 45.14
C GLU A 457 9.72 0.15 44.89
N ALA A 458 11.02 0.40 45.04
CA ALA A 458 12.03 -0.62 44.81
C ALA A 458 12.04 -1.64 45.95
N ASN A 459 11.72 -2.87 45.63
CA ASN A 459 11.71 -3.95 46.63
C ASN A 459 12.95 -4.81 46.52
N LYS A 460 14.01 -4.40 47.19
CA LYS A 460 15.26 -5.14 47.17
C LYS A 460 15.01 -6.62 47.39
N TRP A 461 14.21 -6.95 48.41
CA TRP A 461 13.98 -8.32 48.81
C TRP A 461 13.53 -9.24 47.66
N VAL A 462 12.48 -8.84 46.95
CA VAL A 462 11.94 -9.68 45.89
C VAL A 462 12.75 -9.61 44.60
N THR A 463 13.43 -8.50 44.38
CA THR A 463 14.22 -8.41 43.15
C THR A 463 15.28 -9.49 43.18
N ALA A 464 15.94 -9.64 44.33
CA ALA A 464 16.98 -10.66 44.50
C ALA A 464 16.49 -12.11 44.40
N ALA A 465 15.33 -12.39 45.00
CA ALA A 465 14.79 -13.75 45.00
C ALA A 465 14.45 -14.28 43.60
N TRP A 466 13.84 -13.43 42.78
CA TRP A 466 13.48 -13.80 41.43
C TRP A 466 14.74 -14.04 40.61
N GLY A 467 15.72 -13.20 40.87
CA GLY A 467 17.00 -13.22 40.19
C GLY A 467 17.43 -14.62 39.81
N VAL A 468 17.48 -15.52 40.79
CA VAL A 468 17.88 -16.89 40.56
C VAL A 468 16.88 -17.62 39.66
N ALA A 469 15.61 -17.50 39.98
CA ALA A 469 14.55 -18.13 39.21
C ALA A 469 14.55 -17.62 37.77
N SER A 487 17.83 -27.88 21.02
CA SER A 487 17.01 -26.67 21.08
C SER A 487 15.89 -26.78 22.11
N ASN A 488 16.27 -26.88 23.38
CA ASN A 488 15.29 -26.86 24.47
C ASN A 488 15.41 -25.55 25.23
N LEU A 489 16.28 -24.68 24.71
CA LEU A 489 16.39 -23.31 25.18
C LEU A 489 15.27 -22.52 24.55
N GLN A 490 15.02 -22.78 23.27
CA GLN A 490 13.95 -22.13 22.55
C GLN A 490 12.74 -23.04 22.44
N ASN A 491 11.91 -23.03 23.49
CA ASN A 491 10.74 -23.89 23.54
C ASN A 491 9.97 -23.78 24.86
N VAL A 492 10.71 -23.59 25.94
CA VAL A 492 10.10 -23.55 27.27
C VAL A 492 9.34 -22.23 27.50
N THR A 493 9.82 -21.18 26.85
CA THR A 493 9.18 -19.87 26.95
C THR A 493 7.79 -19.87 26.32
N ILE A 494 7.73 -20.34 25.07
CA ILE A 494 6.54 -20.18 24.24
C ILE A 494 5.31 -20.97 24.71
N VAL A 495 5.50 -22.23 25.09
CA VAL A 495 4.39 -23.04 25.58
C VAL A 495 3.82 -22.41 26.85
N ALA A 496 4.73 -21.90 27.68
CA ALA A 496 4.42 -21.35 28.99
C ALA A 496 3.37 -20.24 28.99
N ALA A 497 3.37 -19.37 27.99
CA ALA A 497 2.33 -18.37 27.98
C ALA A 497 1.69 -18.39 26.61
N THR A 498 1.08 -19.53 26.33
CA THR A 498 0.35 -19.78 25.10
C THR A 498 -0.92 -18.95 25.06
N PRO A 499 -1.57 -18.85 26.22
CA PRO A 499 -2.83 -18.13 26.32
C PRO A 499 -2.61 -16.64 26.10
N PHE A 500 -1.40 -16.17 26.38
CA PHE A 500 -1.10 -14.75 26.33
C PHE A 500 -1.51 -14.11 25.02
N LEU A 501 -1.36 -14.87 23.93
CA LEU A 501 -1.77 -14.41 22.61
C LEU A 501 -3.22 -13.96 22.63
N PHE A 502 -4.08 -14.69 23.35
CA PHE A 502 -5.48 -14.31 23.45
C PHE A 502 -5.64 -13.17 24.46
N VAL A 503 -4.64 -13.01 25.30
CA VAL A 503 -4.66 -11.96 26.30
C VAL A 503 -4.40 -10.61 25.65
N VAL A 504 -3.45 -10.57 24.71
CA VAL A 504 -3.17 -9.34 23.98
C VAL A 504 -4.21 -9.12 22.88
N ILE A 505 -4.85 -10.20 22.44
CA ILE A 505 -5.96 -10.07 21.50
C ILE A 505 -7.11 -9.32 22.17
N GLY A 506 -7.60 -9.87 23.27
CA GLY A 506 -8.63 -9.20 24.04
C GLY A 506 -8.15 -7.87 24.60
N LEU A 507 -6.84 -7.71 24.69
CA LEU A 507 -6.28 -6.49 25.27
C LEU A 507 -6.54 -5.31 24.38
N MET A 508 -6.79 -5.56 23.10
CA MET A 508 -7.06 -4.47 22.18
C MET A 508 -8.33 -3.79 22.64
N PHE A 509 -9.31 -4.59 23.03
CA PHE A 509 -10.61 -4.04 23.41
C PHE A 509 -10.51 -3.33 24.76
N ALA A 510 -10.03 -4.07 25.75
CA ALA A 510 -9.83 -3.53 27.10
C ALA A 510 -9.07 -2.22 27.05
N LEU A 511 -8.24 -2.07 26.01
CA LEU A 511 -7.51 -0.83 25.79
C LEU A 511 -8.41 0.19 25.12
N VAL A 512 -8.96 -0.16 23.96
CA VAL A 512 -9.73 0.81 23.20
C VAL A 512 -11.02 1.18 23.92
N LYS A 513 -11.60 0.24 24.67
CA LYS A 513 -12.82 0.52 25.41
C LYS A 513 -12.59 1.54 26.53
N ASP A 514 -11.51 1.35 27.27
CA ASP A 514 -11.13 2.22 28.40
C ASP A 514 -10.67 3.66 28.13
N LEU A 515 -9.81 3.86 27.13
CA LEU A 515 -9.31 5.20 26.81
C LEU A 515 -10.45 6.07 26.28
N SER A 516 -11.26 5.43 25.46
CA SER A 516 -12.41 5.99 24.80
C SER A 516 -13.31 6.68 25.84
N ASN A 517 -13.01 6.45 27.11
CA ASN A 517 -13.76 7.09 28.17
C ASN A 517 -12.91 8.14 28.84
N ASP A 518 -11.72 8.32 28.30
CA ASP A 518 -10.83 9.37 28.75
C ASP A 518 -11.51 10.73 28.59
N VAL A 519 -11.51 11.49 29.67
CA VAL A 519 -12.17 12.80 29.71
C VAL A 519 -11.91 13.64 28.47
N ILE A 520 -10.65 13.89 28.14
CA ILE A 520 -10.31 14.69 26.97
C ILE A 520 -11.02 14.20 25.71
N TYR A 521 -10.93 12.90 25.45
CA TYR A 521 -11.58 12.29 24.30
C TYR A 521 -13.09 12.24 24.46
N LEU A 522 -13.54 12.03 25.70
CA LEU A 522 -14.95 12.07 26.03
C LEU A 522 -15.51 13.46 25.77
N GLU A 523 -14.70 14.46 26.10
CA GLU A 523 -15.03 15.84 25.81
C GLU A 523 -15.10 16.03 24.29
N TYR A 524 -14.03 15.64 23.60
CA TYR A 524 -13.96 15.78 22.16
C TYR A 524 -15.19 15.22 21.42
N ARG A 525 -15.68 14.05 21.81
CA ARG A 525 -16.85 13.49 21.14
C ARG A 525 -18.18 14.08 21.61
N GLU A 526 -18.27 14.45 22.88
CA GLU A 526 -19.44 15.20 23.33
C GLU A 526 -19.54 16.49 22.57
N GLN A 527 -18.44 17.23 22.50
CA GLN A 527 -18.41 18.52 21.82
C GLN A 527 -18.86 18.38 20.37
N GLN A 528 -18.51 17.26 19.75
CA GLN A 528 -18.89 17.04 18.35
C GLN A 528 -20.41 17.01 18.18
N ARG A 529 -21.12 16.39 19.13
CA ARG A 529 -22.57 16.31 19.06
C ARG A 529 -23.18 17.71 19.10
N PHE A 530 -22.70 18.54 20.01
CA PHE A 530 -23.21 19.89 20.14
C PHE A 530 -22.95 20.70 18.87
N ASN A 531 -21.73 20.57 18.35
CA ASN A 531 -21.35 21.27 17.13
C ASN A 531 -22.17 20.76 15.96
N ALA A 532 -22.38 19.45 15.93
CA ALA A 532 -23.13 18.79 14.88
C ALA A 532 -24.60 19.21 14.82
N ARG A 533 -25.24 19.37 15.98
CA ARG A 533 -26.64 19.75 16.00
C ARG A 533 -26.87 21.25 16.07
N LEU A 534 -26.10 21.94 16.89
CA LEU A 534 -26.17 23.39 16.87
C LEU A 534 -26.18 23.84 15.42
N ALA A 535 -25.20 23.37 14.65
CA ALA A 535 -25.13 23.64 13.23
C ALA A 535 -26.35 23.19 12.44
N ARG A 536 -27.16 22.34 13.07
CA ARG A 536 -28.48 21.92 12.59
C ARG A 536 -29.59 22.99 12.67
N GLU A 537 -29.61 23.70 13.81
CA GLU A 537 -30.59 24.71 14.12
C GLU A 537 -30.33 25.83 13.13
N ARG A 538 -29.09 26.32 13.12
CA ARG A 538 -28.69 27.37 12.19
C ARG A 538 -29.20 27.17 10.75
N ARG A 539 -29.31 25.92 10.32
CA ARG A 539 -29.61 25.64 8.94
C ARG A 539 -31.09 25.40 8.67
N VAL A 540 -31.77 24.69 9.57
CA VAL A 540 -33.19 24.36 9.34
C VAL A 540 -34.01 25.65 9.32
N HIS A 541 -33.50 26.66 10.01
CA HIS A 541 -34.19 27.94 10.12
C HIS A 541 -34.11 28.74 8.82
N ASN A 542 -32.90 28.90 8.29
CA ASN A 542 -32.75 29.55 7.00
C ASN A 542 -33.75 29.03 5.99
N GLU A 543 -33.77 27.72 5.78
CA GLU A 543 -34.62 27.12 4.77
C GLU A 543 -36.11 27.36 5.02
N HIS A 544 -36.42 28.02 6.14
CA HIS A 544 -37.77 28.43 6.46
C HIS A 544 -37.92 29.94 6.29
N ARG A 545 -36.81 30.64 6.53
CA ARG A 545 -36.62 32.06 6.26
C ARG A 545 -36.46 32.42 4.78
N LYS A 546 -35.64 31.63 4.08
CA LYS A 546 -35.35 31.77 2.66
C LYS A 546 -36.48 31.15 1.87
N ARG A 547 -37.35 30.43 2.57
CA ARG A 547 -38.57 29.88 1.98
C ARG A 547 -39.72 30.89 2.12
N GLU A 548 -39.97 31.34 3.34
CA GLU A 548 -41.04 32.31 3.58
C GLU A 548 -40.73 33.57 2.80
N LEU A 549 -39.44 33.88 2.70
CA LEU A 549 -38.99 35.05 1.99
C LEU A 549 -39.22 34.84 0.51
N ALA A 550 -38.98 33.63 0.05
CA ALA A 550 -39.15 33.29 -1.35
C ALA A 550 -40.62 33.43 -1.76
N ALA A 551 -41.51 32.76 -1.02
CA ALA A 551 -42.94 32.84 -1.30
C ALA A 551 -43.46 34.27 -1.16
N LYS A 552 -42.57 35.20 -0.81
CA LYS A 552 -42.93 36.63 -0.69
C LYS A 552 -42.77 37.38 -2.00
N ARG A 553 -42.03 36.78 -2.94
CA ARG A 553 -41.77 37.41 -4.23
C ARG A 553 -42.89 37.11 -5.22
N ARG A 554 -44.00 36.61 -4.70
CA ARG A 554 -45.12 36.21 -5.54
C ARG A 554 -46.20 37.30 -5.59
N SER B 28 24.15 45.53 -11.11
CA SER B 28 23.22 44.43 -10.83
C SER B 28 23.86 43.06 -11.06
N LEU B 29 24.70 42.95 -12.09
CA LEU B 29 25.39 41.70 -12.38
C LEU B 29 26.32 41.31 -11.24
N ASN B 30 25.97 40.22 -10.56
CA ASN B 30 26.81 39.70 -9.48
C ASN B 30 28.07 39.04 -10.05
N TRP B 31 29.21 39.70 -9.88
CA TRP B 31 30.46 39.21 -10.45
C TRP B 31 31.38 38.55 -9.43
N SER B 32 30.80 38.03 -8.35
CA SER B 32 31.57 37.26 -7.38
C SER B 32 31.17 35.80 -7.49
N VAL B 33 30.03 35.56 -8.14
CA VAL B 33 29.55 34.22 -8.40
C VAL B 33 29.87 33.82 -9.83
N ILE B 34 29.95 34.80 -10.72
CA ILE B 34 30.27 34.53 -12.12
C ILE B 34 31.71 34.08 -12.28
N VAL B 35 32.61 34.67 -11.50
CA VAL B 35 34.03 34.39 -11.61
C VAL B 35 34.40 32.93 -11.38
N PRO B 36 34.14 32.40 -10.17
CA PRO B 36 34.54 31.03 -9.87
C PRO B 36 33.92 30.03 -10.86
N ALA B 37 32.73 30.36 -11.37
CA ALA B 37 32.06 29.49 -12.34
C ALA B 37 32.59 29.72 -13.75
N LEU B 38 32.70 30.99 -14.14
CA LEU B 38 33.16 31.35 -15.47
C LEU B 38 34.56 30.81 -15.78
N VAL B 39 35.38 30.66 -14.74
CA VAL B 39 36.72 30.14 -14.92
C VAL B 39 36.71 28.64 -15.21
N ILE B 40 35.89 27.90 -14.46
CA ILE B 40 35.79 26.46 -14.69
C ILE B 40 35.22 26.17 -16.07
N VAL B 41 34.20 26.93 -16.47
CA VAL B 41 33.57 26.73 -17.78
C VAL B 41 34.51 27.02 -18.94
N LEU B 42 35.28 28.10 -18.83
CA LEU B 42 36.23 28.46 -19.89
C LEU B 42 37.27 27.37 -19.97
N ALA B 43 37.66 26.89 -18.78
CA ALA B 43 38.65 25.83 -18.63
C ALA B 43 38.23 24.41 -19.05
N THR B 44 37.00 24.04 -18.72
CA THR B 44 36.49 22.70 -19.03
C THR B 44 36.39 22.30 -20.50
N VAL B 45 35.92 23.22 -21.33
CA VAL B 45 35.78 22.93 -22.76
C VAL B 45 37.15 22.65 -23.36
N VAL B 46 38.12 23.42 -22.90
CA VAL B 46 39.50 23.34 -23.37
C VAL B 46 40.20 22.06 -22.89
N TRP B 47 40.25 21.85 -21.59
CA TRP B 47 40.99 20.72 -21.02
C TRP B 47 40.48 19.38 -21.55
N GLY B 48 39.35 19.42 -22.26
CA GLY B 48 38.79 18.25 -22.91
C GLY B 48 39.00 18.40 -24.42
N ILE B 49 39.87 19.34 -24.78
CA ILE B 49 40.18 19.69 -26.16
C ILE B 49 41.68 19.86 -26.39
N GLY B 50 42.05 20.16 -27.64
CA GLY B 50 43.44 20.35 -28.01
C GLY B 50 44.40 19.20 -27.79
N PHE B 51 43.94 17.99 -28.07
CA PHE B 51 44.74 16.78 -27.93
C PHE B 51 44.76 16.21 -26.51
N LYS B 52 43.99 16.83 -25.63
CA LYS B 52 43.87 16.37 -24.26
C LYS B 52 42.66 15.46 -24.28
N ASP B 53 42.04 15.30 -25.44
CA ASP B 53 40.76 14.59 -25.48
C ASP B 53 40.75 13.26 -24.76
N SER B 54 41.91 12.68 -24.50
CA SER B 54 41.91 11.42 -23.78
C SER B 54 41.83 11.55 -22.25
N PHE B 55 42.49 12.56 -21.70
CA PHE B 55 42.59 12.66 -20.24
C PHE B 55 41.35 13.27 -19.59
N THR B 56 40.39 13.67 -20.41
CA THR B 56 39.07 14.05 -19.91
C THR B 56 38.16 12.83 -20.04
N ASN B 57 38.77 11.70 -20.38
CA ASN B 57 38.06 10.44 -20.54
C ASN B 57 38.33 9.47 -19.39
N PHE B 58 39.59 9.37 -18.98
CA PHE B 58 39.91 8.64 -17.77
C PHE B 58 39.30 9.38 -16.59
N ALA B 59 39.18 10.69 -16.76
CA ALA B 59 38.52 11.53 -15.77
C ALA B 59 37.05 11.16 -15.67
N SER B 60 36.47 10.71 -16.78
CA SER B 60 35.08 10.26 -16.77
C SER B 60 34.90 9.11 -15.79
N SER B 61 35.75 8.09 -15.92
CA SER B 61 35.65 6.90 -15.09
C SER B 61 35.71 7.19 -13.60
N ALA B 62 36.17 8.39 -13.24
CA ALA B 62 36.17 8.82 -11.85
C ALA B 62 34.76 9.19 -11.39
N LEU B 63 33.83 9.19 -12.35
CA LEU B 63 32.40 9.15 -12.04
C LEU B 63 32.09 7.87 -11.28
N SER B 64 32.49 6.73 -11.84
CA SER B 64 32.21 5.47 -11.19
C SER B 64 32.46 5.57 -9.69
N ALA B 65 33.56 6.24 -9.35
CA ALA B 65 33.92 6.45 -7.96
C ALA B 65 32.73 6.93 -7.15
N VAL B 66 32.00 7.89 -7.68
CA VAL B 66 30.86 8.47 -6.96
C VAL B 66 29.69 7.50 -6.89
N VAL B 67 29.26 7.01 -8.04
CA VAL B 67 28.17 6.05 -8.11
C VAL B 67 28.32 4.88 -7.12
N ASP B 68 29.53 4.66 -6.64
CA ASP B 68 29.79 3.47 -5.84
C ASP B 68 29.81 3.74 -4.35
N ASN B 69 30.11 4.98 -3.96
CA ASN B 69 30.19 5.36 -2.54
C ASN B 69 29.09 6.36 -2.18
N LEU B 70 28.55 7.00 -3.22
CA LEU B 70 27.33 7.80 -3.11
C LEU B 70 26.20 7.12 -3.85
N GLY B 71 26.47 5.87 -4.26
CA GLY B 71 25.44 5.04 -4.85
C GLY B 71 24.25 4.99 -3.92
N TRP B 72 24.51 4.64 -2.67
CA TRP B 72 23.47 4.58 -1.66
C TRP B 72 22.77 5.94 -1.52
N ALA B 73 23.53 7.01 -1.74
CA ALA B 73 23.03 8.35 -1.53
C ALA B 73 21.78 8.66 -2.34
N PHE B 74 21.86 8.56 -3.64
CA PHE B 74 20.68 8.85 -4.44
C PHE B 74 19.60 7.87 -4.13
N ILE B 75 19.87 6.62 -4.42
CA ILE B 75 18.82 5.61 -4.34
C ILE B 75 18.06 5.70 -3.03
N LEU B 76 18.71 6.20 -1.99
CA LEU B 76 18.04 6.34 -0.70
C LEU B 76 17.14 7.58 -0.64
N PHE B 77 17.69 8.75 -0.92
CA PHE B 77 16.91 9.96 -0.84
C PHE B 77 15.96 10.14 -2.02
N GLY B 78 16.42 9.80 -3.22
CA GLY B 78 15.57 9.86 -4.39
C GLY B 78 14.16 9.45 -3.99
N THR B 79 14.05 8.43 -3.15
CA THR B 79 12.77 7.89 -2.73
C THR B 79 12.12 8.66 -1.59
N VAL B 80 12.93 9.33 -0.76
CA VAL B 80 12.35 10.09 0.35
C VAL B 80 11.73 11.39 -0.12
N PHE B 81 12.41 12.11 -1.00
CA PHE B 81 11.85 13.32 -1.54
C PHE B 81 10.40 13.07 -1.91
N VAL B 82 10.13 11.99 -2.63
CA VAL B 82 8.77 11.69 -3.03
C VAL B 82 7.90 11.63 -1.80
N PHE B 83 8.26 10.74 -0.88
CA PHE B 83 7.47 10.57 0.33
C PHE B 83 7.38 11.86 1.11
N PHE B 84 8.50 12.57 1.14
CA PHE B 84 8.59 13.85 1.80
C PHE B 84 7.51 14.78 1.29
N ILE B 85 7.63 15.27 0.06
CA ILE B 85 6.64 16.20 -0.46
C ILE B 85 5.23 15.71 -0.21
N VAL B 86 4.94 14.47 -0.59
CA VAL B 86 3.67 13.90 -0.20
C VAL B 86 3.39 14.22 1.26
N VAL B 87 4.23 13.74 2.17
CA VAL B 87 4.04 14.04 3.58
C VAL B 87 4.08 15.54 3.86
N ILE B 88 4.45 16.34 2.86
CA ILE B 88 4.35 17.79 3.04
C ILE B 88 3.01 18.26 2.54
N ALA B 89 2.72 17.97 1.27
CA ALA B 89 1.45 18.37 0.67
C ALA B 89 0.28 17.85 1.51
N ALA B 90 0.54 16.82 2.31
CA ALA B 90 -0.49 16.18 3.13
C ALA B 90 -0.82 17.00 4.37
N SER B 91 0.20 17.65 4.93
CA SER B 91 0.06 18.31 6.22
C SER B 91 -0.23 19.80 6.08
N LYS B 92 -0.48 20.45 7.22
CA LYS B 92 -0.98 21.82 7.28
C LYS B 92 -0.38 22.79 6.27
N PHE B 93 0.95 22.77 6.15
CA PHE B 93 1.66 23.71 5.28
C PHE B 93 0.98 23.78 3.93
N GLY B 94 0.29 22.70 3.57
CA GLY B 94 -0.29 22.58 2.24
C GLY B 94 -1.24 23.68 1.83
N THR B 95 -2.14 23.99 2.75
CA THR B 95 -3.21 24.98 2.57
C THR B 95 -2.78 26.43 2.36
N ILE B 96 -1.74 26.86 3.06
CA ILE B 96 -1.32 28.24 2.92
C ILE B 96 -0.90 28.52 1.49
N ARG B 97 -1.35 29.66 0.97
CA ARG B 97 -1.07 30.07 -0.39
C ARG B 97 0.37 30.50 -0.61
N LEU B 98 0.91 30.17 -1.78
CA LEU B 98 2.26 30.57 -2.14
C LEU B 98 2.28 32.06 -2.37
N GLY B 99 2.92 32.79 -1.46
CA GLY B 99 3.05 34.23 -1.62
C GLY B 99 2.33 35.05 -0.56
N ARG B 100 1.66 36.10 -1.03
CA ARG B 100 0.91 36.99 -0.16
C ARG B 100 -0.35 36.30 0.36
N ILE B 101 -0.61 36.46 1.65
CA ILE B 101 -1.75 35.83 2.31
C ILE B 101 -3.01 35.92 1.46
N ASP B 102 -3.59 34.76 1.16
CA ASP B 102 -4.81 34.67 0.37
C ASP B 102 -4.82 35.63 -0.82
N GLU B 103 -4.09 35.26 -1.87
CA GLU B 103 -4.06 36.06 -3.08
C GLU B 103 -4.70 35.32 -4.24
N ALA B 104 -5.45 36.05 -5.06
CA ALA B 104 -5.98 35.49 -6.29
C ALA B 104 -4.81 35.11 -7.20
N PRO B 105 -4.65 33.80 -7.46
CA PRO B 105 -3.56 33.32 -8.31
C PRO B 105 -3.55 34.02 -9.66
N GLU B 106 -2.51 33.80 -10.45
CA GLU B 106 -2.39 34.47 -11.74
C GLU B 106 -3.04 33.66 -12.86
N PHE B 107 -3.76 32.60 -12.49
CA PHE B 107 -4.50 31.78 -13.43
C PHE B 107 -5.69 31.10 -12.75
N ARG B 108 -6.30 30.16 -13.46
CA ARG B 108 -7.32 29.28 -12.89
C ARG B 108 -6.98 27.86 -13.31
N THR B 109 -7.79 26.89 -12.92
CA THR B 109 -7.46 25.48 -13.16
C THR B 109 -7.39 25.10 -14.64
N VAL B 110 -8.44 25.38 -15.40
CA VAL B 110 -8.49 25.02 -16.83
C VAL B 110 -7.36 25.64 -17.65
N SER B 111 -6.83 26.78 -17.21
CA SER B 111 -5.72 27.44 -17.90
C SER B 111 -4.37 27.01 -17.32
N TRP B 112 -4.24 27.13 -16.00
CA TRP B 112 -3.05 26.65 -15.30
C TRP B 112 -2.62 25.32 -15.87
N ILE B 113 -3.58 24.40 -16.02
CA ILE B 113 -3.25 23.05 -16.46
C ILE B 113 -2.41 23.02 -17.72
N SER B 114 -2.45 24.09 -18.50
CA SER B 114 -1.66 24.13 -19.73
C SER B 114 -0.19 24.47 -19.45
N MET B 115 0.04 25.44 -18.58
CA MET B 115 1.39 25.92 -18.29
C MET B 115 2.29 24.84 -17.71
N MET B 116 1.71 24.01 -16.84
CA MET B 116 2.46 22.93 -16.21
C MET B 116 2.92 21.91 -17.26
N PHE B 117 2.04 21.64 -18.22
CA PHE B 117 2.34 20.71 -19.30
C PHE B 117 3.64 21.12 -20.01
N ALA B 118 3.90 22.42 -20.06
CA ALA B 118 5.09 22.94 -20.73
C ALA B 118 6.35 22.15 -20.35
N ALA B 119 6.45 21.79 -19.07
CA ALA B 119 7.60 21.04 -18.57
C ALA B 119 7.51 19.54 -18.86
N GLY B 120 6.29 19.00 -18.86
CA GLY B 120 6.07 17.57 -19.01
C GLY B 120 6.63 16.95 -20.27
N MET B 121 6.87 17.75 -21.30
CA MET B 121 7.39 17.22 -22.56
C MET B 121 8.76 17.79 -22.90
N GLY B 122 9.62 16.96 -23.50
CA GLY B 122 11.01 17.36 -23.71
C GLY B 122 11.75 16.57 -24.78
N ILE B 123 13.08 16.58 -24.69
CA ILE B 123 13.96 15.89 -25.65
C ILE B 123 14.36 14.51 -25.16
N ASP B 124 14.48 14.41 -23.84
CA ASP B 124 14.66 13.12 -23.19
C ASP B 124 13.59 12.16 -23.66
N LEU B 125 12.34 12.61 -23.56
CA LEU B 125 11.19 11.79 -23.91
C LEU B 125 11.09 11.49 -25.40
N MET B 126 12.19 11.65 -26.12
CA MET B 126 12.18 11.33 -27.53
C MET B 126 12.83 9.98 -27.75
N PHE B 127 14.16 9.97 -27.67
CA PHE B 127 14.92 8.75 -27.83
C PHE B 127 14.56 7.76 -26.73
N TYR B 128 14.56 8.23 -25.48
CA TYR B 128 14.36 7.35 -24.34
C TYR B 128 12.94 6.81 -24.25
N GLY B 129 11.92 7.55 -24.67
CA GLY B 129 10.62 6.94 -24.50
C GLY B 129 10.50 5.62 -25.26
N THR B 130 10.88 5.61 -26.54
CA THR B 130 10.83 4.37 -27.31
C THR B 130 11.83 3.26 -26.91
N THR B 131 13.08 3.67 -26.69
CA THR B 131 14.20 2.78 -26.35
C THR B 131 14.26 2.07 -24.99
N GLU B 132 13.94 2.81 -23.94
CA GLU B 132 14.01 2.34 -22.58
C GLU B 132 13.02 1.23 -22.30
N PRO B 133 11.72 1.52 -22.44
CA PRO B 133 10.76 0.44 -22.22
C PRO B 133 11.14 -0.75 -23.11
N LEU B 134 11.46 -0.51 -24.38
CA LEU B 134 11.96 -1.58 -25.23
C LEU B 134 13.19 -2.31 -24.65
N THR B 135 14.25 -1.57 -24.32
CA THR B 135 15.43 -2.20 -23.72
C THR B 135 15.06 -3.12 -22.56
N PHE B 136 14.29 -2.62 -21.61
CA PHE B 136 14.06 -3.39 -20.40
C PHE B 136 13.30 -4.67 -20.71
N TYR B 137 12.28 -4.58 -21.55
CA TYR B 137 11.64 -5.77 -22.07
C TYR B 137 12.65 -6.74 -22.60
N ARG B 138 13.53 -6.31 -23.51
CA ARG B 138 14.47 -7.22 -24.17
C ARG B 138 15.57 -7.81 -23.29
N ASN B 139 16.27 -7.00 -22.50
CA ASN B 139 17.36 -7.58 -21.74
C ASN B 139 16.98 -7.86 -20.30
N GLY B 140 15.84 -7.33 -19.89
CA GLY B 140 15.43 -7.46 -18.50
C GLY B 140 16.16 -6.47 -17.62
N VAL B 141 15.56 -6.16 -16.47
CA VAL B 141 16.25 -5.34 -15.48
C VAL B 141 16.57 -6.24 -14.31
N PRO B 142 17.50 -5.80 -13.46
CA PRO B 142 18.06 -6.76 -12.51
C PRO B 142 16.98 -7.38 -11.66
N GLY B 143 17.21 -8.62 -11.24
CA GLY B 143 16.28 -9.27 -10.34
C GLY B 143 15.05 -9.78 -11.05
N HIS B 144 15.17 -10.04 -12.33
CA HIS B 144 14.04 -10.57 -13.04
C HIS B 144 14.45 -11.51 -14.18
N ASP B 145 13.44 -11.93 -14.93
CA ASP B 145 13.69 -12.58 -16.19
C ASP B 145 13.35 -11.51 -17.19
N GLU B 146 13.68 -11.77 -18.45
CA GLU B 146 13.45 -10.86 -19.56
C GLU B 146 12.19 -11.19 -20.36
N HIS B 147 11.75 -10.22 -21.16
CA HIS B 147 10.56 -10.39 -22.00
C HIS B 147 9.28 -10.09 -21.22
N ASN B 148 9.42 -9.62 -20.00
CA ASN B 148 8.25 -9.32 -19.18
C ASN B 148 7.81 -7.88 -19.35
N VAL B 149 6.55 -7.69 -19.75
CA VAL B 149 6.04 -6.35 -20.09
C VAL B 149 5.81 -5.46 -18.87
N GLY B 150 5.28 -6.03 -17.80
CA GLY B 150 5.10 -5.30 -16.56
C GLY B 150 6.33 -4.55 -16.06
N VAL B 151 7.39 -5.27 -15.71
CA VAL B 151 8.63 -4.67 -15.25
C VAL B 151 9.17 -3.61 -16.23
N ALA B 152 9.24 -3.95 -17.51
CA ALA B 152 9.69 -3.00 -18.53
C ALA B 152 8.87 -1.69 -18.59
N MET B 153 7.67 -1.68 -18.03
CA MET B 153 6.95 -0.42 -17.96
C MET B 153 7.27 0.29 -16.65
N SER B 154 7.12 -0.45 -15.55
CA SER B 154 7.15 0.13 -14.23
C SER B 154 8.53 0.64 -13.96
N THR B 155 9.52 -0.01 -14.57
CA THR B 155 10.90 0.42 -14.41
C THR B 155 11.10 1.77 -15.12
N THR B 156 10.61 1.85 -16.35
CA THR B 156 10.70 3.07 -17.14
C THR B 156 9.93 4.23 -16.52
N MET B 157 8.72 3.93 -16.07
CA MET B 157 7.88 4.93 -15.42
C MET B 157 8.55 5.39 -14.14
N PHE B 158 9.15 4.44 -13.42
CA PHE B 158 9.81 4.72 -12.17
C PHE B 158 10.92 5.78 -12.31
N HIS B 159 11.82 5.59 -13.28
CA HIS B 159 12.85 6.58 -13.57
C HIS B 159 12.24 7.90 -14.03
N TRP B 160 10.97 7.86 -14.46
CA TRP B 160 10.33 9.04 -15.07
C TRP B 160 9.02 9.57 -14.47
N THR B 161 8.81 9.37 -13.18
CA THR B 161 7.58 9.81 -12.53
C THR B 161 7.81 10.71 -11.31
N LEU B 162 7.36 10.21 -10.16
CA LEU B 162 7.46 10.90 -8.89
C LEU B 162 8.90 11.15 -8.45
N HIS B 163 9.78 10.18 -8.73
CA HIS B 163 11.17 10.29 -8.33
C HIS B 163 11.89 11.50 -8.92
N PRO B 164 11.65 11.84 -10.18
CA PRO B 164 12.32 13.00 -10.74
C PRO B 164 11.51 14.27 -10.51
N TRP B 165 10.34 14.16 -9.90
CA TRP B 165 9.53 15.36 -9.71
C TRP B 165 9.44 15.83 -8.26
N ALA B 166 9.96 15.02 -7.35
CA ALA B 166 10.09 15.46 -5.98
C ALA B 166 11.42 16.20 -5.89
N ILE B 167 12.43 15.65 -6.56
CA ILE B 167 13.73 16.29 -6.56
C ILE B 167 13.60 17.64 -7.27
N TYR B 168 12.45 17.88 -7.89
CA TYR B 168 12.09 19.18 -8.42
C TYR B 168 11.21 19.90 -7.42
N ALA B 169 10.16 19.23 -6.95
CA ALA B 169 9.25 19.88 -6.04
C ALA B 169 9.98 20.47 -4.84
N ILE B 170 10.97 19.77 -4.30
CA ILE B 170 11.70 20.35 -3.18
C ILE B 170 12.41 21.65 -3.59
N VAL B 171 13.05 21.64 -4.76
CA VAL B 171 13.74 22.82 -5.28
C VAL B 171 12.76 23.93 -5.64
N GLY B 172 11.65 23.51 -6.26
CA GLY B 172 10.56 24.36 -6.69
C GLY B 172 9.79 25.00 -5.54
N LEU B 173 9.36 24.19 -4.58
CA LEU B 173 8.58 24.66 -3.44
C LEU B 173 9.39 25.60 -2.55
N ALA B 174 10.66 25.25 -2.34
CA ALA B 174 11.52 26.04 -1.46
C ALA B 174 11.78 27.44 -2.01
N ILE B 175 12.36 27.50 -3.21
CA ILE B 175 12.63 28.78 -3.85
C ILE B 175 11.41 29.69 -3.81
N ALA B 176 10.30 29.24 -4.39
CA ALA B 176 9.10 30.06 -4.46
C ALA B 176 8.72 30.64 -3.10
N TYR B 177 8.81 29.81 -2.06
CA TYR B 177 8.42 30.25 -0.73
C TYR B 177 9.41 31.25 -0.16
N SER B 178 10.67 31.15 -0.54
CA SER B 178 11.65 32.12 -0.10
C SER B 178 11.28 33.51 -0.64
N THR B 179 10.85 33.55 -1.91
CA THR B 179 10.51 34.83 -2.56
C THR B 179 9.03 35.30 -2.66
N PHE B 180 8.11 34.42 -3.05
CA PHE B 180 6.72 34.81 -3.21
C PHE B 180 6.00 34.90 -1.87
N ARG B 181 6.28 33.96 -0.97
CA ARG B 181 5.73 34.02 0.38
C ARG B 181 6.52 35.01 1.22
N VAL B 182 7.75 34.61 1.54
CA VAL B 182 8.73 35.39 2.29
C VAL B 182 9.21 36.64 1.55
N GLY B 183 9.37 36.51 0.23
CA GLY B 183 9.86 37.60 -0.60
C GLY B 183 11.37 37.72 -0.70
N ARG B 184 12.09 36.75 -0.14
CA ARG B 184 13.56 36.75 -0.21
C ARG B 184 13.98 36.58 -1.67
N LYS B 185 15.08 37.21 -2.06
CA LYS B 185 15.52 37.13 -3.45
C LYS B 185 15.54 35.68 -3.91
N GLN B 186 15.25 35.48 -5.20
CA GLN B 186 15.11 34.15 -5.79
C GLN B 186 16.44 33.51 -6.18
N LEU B 187 17.07 32.87 -5.21
CA LEU B 187 18.40 32.28 -5.37
C LEU B 187 18.55 31.15 -4.35
N LEU B 188 19.01 29.99 -4.80
CA LEU B 188 18.98 28.78 -3.96
C LEU B 188 19.43 29.01 -2.52
N SER B 189 20.56 29.67 -2.35
CA SER B 189 21.11 29.91 -1.00
C SER B 189 20.09 30.60 -0.10
N SER B 190 19.27 31.47 -0.69
CA SER B 190 18.29 32.24 0.07
C SER B 190 17.31 31.34 0.81
N ALA B 191 17.10 30.13 0.30
CA ALA B 191 16.19 29.19 0.92
C ALA B 191 16.84 28.53 2.13
N PHE B 192 18.17 28.63 2.21
CA PHE B 192 18.94 28.05 3.30
C PHE B 192 19.03 28.94 4.52
N VAL B 193 18.51 30.16 4.40
CA VAL B 193 18.41 31.07 5.52
C VAL B 193 18.03 30.31 6.80
N PRO B 194 16.88 29.63 6.80
CA PRO B 194 16.48 28.96 8.03
C PRO B 194 17.65 28.25 8.71
N LEU B 195 18.24 27.28 8.00
CA LEU B 195 19.31 26.44 8.54
C LEU B 195 20.60 27.19 8.88
N ILE B 196 20.86 28.27 8.17
CA ILE B 196 22.12 28.98 8.33
C ILE B 196 21.98 30.24 9.19
N GLY B 197 21.39 31.28 8.61
CA GLY B 197 21.14 32.51 9.34
C GLY B 197 20.62 33.61 8.45
N GLU B 198 19.99 34.60 9.07
CA GLU B 198 19.52 35.78 8.35
C GLU B 198 20.73 36.59 7.91
N LYS B 199 21.00 36.58 6.61
CA LYS B 199 22.12 37.34 6.05
C LYS B 199 23.47 36.80 6.52
N GLY B 200 23.45 35.65 7.16
CA GLY B 200 24.67 35.04 7.68
C GLY B 200 25.29 33.95 6.83
N ALA B 201 24.56 33.50 5.82
CA ALA B 201 25.02 32.42 4.95
C ALA B 201 26.28 32.80 4.17
N GLU B 202 26.31 34.05 3.70
CA GLU B 202 27.39 34.55 2.84
C GLU B 202 28.77 33.87 2.79
N GLY B 203 29.22 33.32 3.92
CA GLY B 203 30.52 32.68 4.02
C GLY B 203 30.76 31.38 3.27
N TRP B 204 31.03 30.33 4.03
CA TRP B 204 31.33 29.01 3.47
C TRP B 204 30.17 28.40 2.68
N LEU B 205 28.95 28.56 3.18
CA LEU B 205 27.79 28.01 2.51
C LEU B 205 27.00 29.09 1.78
N GLY B 206 26.75 28.86 0.50
CA GLY B 206 26.00 29.80 -0.32
C GLY B 206 26.80 30.31 -1.51
N LYS B 207 27.98 30.88 -1.26
CA LYS B 207 28.80 31.35 -2.36
C LYS B 207 29.12 30.10 -3.16
N LEU B 208 29.37 29.03 -2.43
CA LEU B 208 29.66 27.71 -2.98
C LEU B 208 28.43 27.18 -3.69
N ILE B 209 27.25 27.43 -3.12
CA ILE B 209 25.98 27.06 -3.74
C ILE B 209 25.82 27.69 -5.12
N ASP B 210 25.70 29.01 -5.15
CA ASP B 210 25.42 29.76 -6.37
C ASP B 210 26.28 29.33 -7.57
N ILE B 211 27.50 28.89 -7.28
CA ILE B 211 28.43 28.46 -8.32
C ILE B 211 28.14 27.04 -8.80
N LEU B 212 27.81 26.17 -7.84
CA LEU B 212 27.49 24.79 -8.14
C LEU B 212 26.02 24.64 -8.55
N ALA B 213 25.31 25.77 -8.60
CA ALA B 213 23.97 25.84 -9.15
C ALA B 213 24.02 26.56 -10.50
N ILE B 214 25.21 26.56 -11.09
CA ILE B 214 25.42 27.02 -12.45
C ILE B 214 26.04 25.85 -13.20
N ILE B 215 27.19 25.40 -12.71
CA ILE B 215 27.81 24.18 -13.18
C ILE B 215 26.72 23.14 -13.40
N ALA B 216 25.78 23.08 -12.46
CA ALA B 216 24.68 22.14 -12.54
C ALA B 216 23.72 22.47 -13.69
N THR B 217 23.45 23.75 -13.88
CA THR B 217 22.51 24.17 -14.91
C THR B 217 23.10 23.99 -16.32
N VAL B 218 24.38 24.30 -16.46
CA VAL B 218 25.08 24.10 -17.71
C VAL B 218 25.10 22.62 -18.13
N PHE B 219 25.80 21.80 -17.36
CA PHE B 219 25.99 20.39 -17.68
C PHE B 219 24.68 19.58 -17.70
N GLY B 220 23.79 19.86 -16.75
CA GLY B 220 22.52 19.16 -16.68
C GLY B 220 21.77 19.23 -17.99
N THR B 221 21.58 20.46 -18.49
CA THR B 221 20.93 20.67 -19.77
C THR B 221 21.86 20.25 -20.92
N ALA B 222 23.15 20.24 -20.66
CA ALA B 222 24.13 19.87 -21.67
C ALA B 222 24.04 18.38 -22.02
N CYS B 223 23.56 17.58 -21.08
CA CYS B 223 23.36 16.15 -21.33
C CYS B 223 21.94 15.91 -21.82
N SER B 224 21.20 16.99 -22.02
CA SER B 224 19.87 16.91 -22.60
C SER B 224 19.89 17.53 -23.99
N LEU B 225 20.92 18.33 -24.25
CA LEU B 225 21.12 18.92 -25.57
C LEU B 225 22.18 18.14 -26.34
N GLY B 226 23.17 17.61 -25.62
CA GLY B 226 24.24 16.85 -26.23
C GLY B 226 23.71 15.63 -26.95
N LEU B 227 22.66 15.04 -26.39
CA LEU B 227 22.01 13.89 -27.01
C LEU B 227 21.19 14.36 -28.19
N GLY B 228 20.87 15.66 -28.21
CA GLY B 228 20.03 16.23 -29.23
C GLY B 228 20.80 16.82 -30.40
N ALA B 229 22.02 17.27 -30.13
CA ALA B 229 22.87 17.75 -31.20
C ALA B 229 23.20 16.55 -32.08
N LEU B 230 23.34 15.40 -31.44
CA LEU B 230 23.64 14.17 -32.16
C LEU B 230 22.37 13.60 -32.78
N GLN B 231 21.33 13.43 -31.97
CA GLN B 231 20.14 12.74 -32.44
C GLN B 231 19.52 13.43 -33.65
N ILE B 232 19.85 14.70 -33.85
CA ILE B 232 19.37 15.39 -35.04
C ILE B 232 20.11 14.86 -36.27
N GLY B 233 21.43 14.78 -36.18
CA GLY B 233 22.23 14.22 -37.26
C GLY B 233 21.91 12.75 -37.46
N ALA B 234 21.60 12.06 -36.36
CA ALA B 234 21.21 10.66 -36.43
C ALA B 234 19.80 10.52 -37.01
N GLY B 235 18.93 11.46 -36.66
CA GLY B 235 17.56 11.44 -37.13
C GLY B 235 17.44 11.98 -38.53
N LEU B 236 18.37 12.84 -38.91
CA LEU B 236 18.46 13.35 -40.27
C LEU B 236 19.03 12.28 -41.18
N SER B 237 19.41 11.14 -40.59
CA SER B 237 19.75 9.96 -41.38
C SER B 237 18.47 9.19 -41.67
N ALA B 238 17.36 9.76 -41.24
CA ALA B 238 16.06 9.25 -41.61
C ALA B 238 15.41 10.20 -42.63
N ALA B 239 15.96 11.41 -42.76
CA ALA B 239 15.45 12.39 -43.72
C ALA B 239 16.38 12.54 -44.93
N ASN B 240 17.56 13.10 -44.70
CA ASN B 240 18.56 13.27 -45.74
C ASN B 240 19.69 12.25 -45.71
N ILE B 241 19.36 10.99 -45.95
CA ILE B 241 20.37 9.93 -45.98
C ILE B 241 21.61 10.41 -46.73
N ILE B 242 22.75 10.53 -46.05
CA ILE B 242 22.88 10.21 -44.63
C ILE B 242 22.66 11.43 -43.72
N THR B 249 31.12 16.29 -38.54
CA THR B 249 30.96 17.50 -39.34
C THR B 249 29.54 18.04 -39.24
N ILE B 250 28.64 17.42 -39.99
CA ILE B 250 27.26 17.88 -40.12
C ILE B 250 26.55 17.90 -38.77
N VAL B 251 27.03 17.10 -37.82
CA VAL B 251 26.46 17.07 -36.49
C VAL B 251 26.61 18.47 -35.89
N GLY B 252 27.77 19.07 -36.13
CA GLY B 252 28.08 20.38 -35.59
C GLY B 252 27.47 21.54 -36.36
N ILE B 253 27.04 21.28 -37.60
CA ILE B 253 26.37 22.31 -38.37
C ILE B 253 24.98 22.54 -37.78
N VAL B 254 24.40 21.50 -37.21
CA VAL B 254 23.06 21.59 -36.65
C VAL B 254 23.01 22.41 -35.38
N SER B 255 24.01 22.21 -34.52
CA SER B 255 24.08 22.94 -33.26
C SER B 255 23.87 24.43 -33.48
N VAL B 256 24.34 24.95 -34.61
CA VAL B 256 24.21 26.37 -34.87
C VAL B 256 22.84 26.71 -35.45
N LEU B 257 22.32 25.87 -36.33
CA LEU B 257 21.06 26.15 -37.02
C LEU B 257 19.86 26.12 -36.07
N THR B 258 20.11 25.76 -34.82
CA THR B 258 19.09 25.80 -33.79
C THR B 258 19.49 26.89 -32.80
N LEU B 259 20.79 26.96 -32.55
CA LEU B 259 21.38 27.96 -31.67
C LEU B 259 21.24 29.38 -32.27
N ALA B 260 21.24 29.44 -33.60
CA ALA B 260 21.14 30.71 -34.30
C ALA B 260 19.77 31.33 -34.14
N PHE B 261 18.86 30.60 -33.50
CA PHE B 261 17.54 31.11 -33.20
C PHE B 261 17.24 31.00 -31.71
N ILE B 262 18.28 31.04 -30.90
CA ILE B 262 18.13 31.12 -29.46
C ILE B 262 18.17 32.58 -29.02
N PHE B 263 18.83 33.41 -29.82
CA PHE B 263 18.98 34.82 -29.51
C PHE B 263 17.95 35.68 -30.23
N SER B 264 17.72 35.40 -31.50
CA SER B 264 16.74 36.17 -32.27
C SER B 264 15.31 35.82 -31.86
N ALA B 265 15.18 34.99 -30.83
CA ALA B 265 13.88 34.50 -30.35
C ALA B 265 13.40 35.19 -29.08
N ILE B 266 14.32 35.84 -28.36
CA ILE B 266 13.96 36.57 -27.15
C ILE B 266 14.55 37.98 -27.17
N SER B 267 15.68 38.14 -27.85
CA SER B 267 16.36 39.43 -27.94
C SER B 267 15.51 40.49 -28.67
N GLY B 268 14.99 40.14 -29.83
CA GLY B 268 14.16 41.06 -30.59
C GLY B 268 12.72 41.05 -30.15
N VAL B 269 11.94 40.10 -30.66
CA VAL B 269 10.56 39.93 -30.26
C VAL B 269 10.51 39.04 -29.01
N GLY B 270 9.55 39.31 -28.13
CA GLY B 270 9.35 38.54 -26.90
C GLY B 270 8.35 37.39 -26.99
N LYS B 271 8.12 36.74 -25.85
CA LYS B 271 7.13 35.64 -25.76
C LYS B 271 7.50 34.20 -26.17
N GLY B 272 8.78 33.91 -26.41
CA GLY B 272 9.18 32.56 -26.80
C GLY B 272 8.89 31.44 -25.81
N ILE B 273 9.12 31.69 -24.52
CA ILE B 273 8.90 30.73 -23.44
C ILE B 273 7.44 30.29 -23.38
N GLN B 274 6.57 31.28 -23.54
CA GLN B 274 5.12 31.12 -23.56
C GLN B 274 4.61 30.50 -24.86
N TYR B 275 5.16 30.92 -25.99
CA TYR B 275 4.64 30.52 -27.29
C TYR B 275 5.16 29.18 -27.81
N LEU B 276 6.43 28.89 -27.55
CA LEU B 276 7.02 27.67 -28.08
C LEU B 276 6.50 26.43 -27.35
N SER B 277 6.73 26.37 -26.04
CA SER B 277 6.24 25.26 -25.22
C SER B 277 4.80 24.88 -25.61
N ASN B 278 3.94 25.86 -25.81
CA ASN B 278 2.56 25.58 -26.18
C ASN B 278 2.45 24.86 -27.52
N ALA B 279 3.06 25.45 -28.55
CA ALA B 279 3.14 24.80 -29.85
C ALA B 279 3.72 23.39 -29.67
N ASN B 280 4.90 23.31 -29.07
CA ASN B 280 5.61 22.04 -28.96
C ASN B 280 4.76 20.94 -28.38
N MET B 281 3.93 21.28 -27.41
CA MET B 281 3.05 20.29 -26.82
C MET B 281 2.09 19.75 -27.90
N VAL B 282 1.66 20.63 -28.80
CA VAL B 282 0.70 20.26 -29.83
C VAL B 282 1.37 19.30 -30.80
N LEU B 283 2.65 19.57 -31.11
CA LEU B 283 3.47 18.65 -31.88
C LEU B 283 3.53 17.28 -31.23
N ALA B 284 4.09 17.23 -30.03
CA ALA B 284 4.23 15.97 -29.29
C ALA B 284 2.88 15.26 -29.15
N ALA B 285 1.84 16.03 -28.86
CA ALA B 285 0.48 15.50 -28.81
C ALA B 285 0.16 14.81 -30.12
N LEU B 286 0.27 15.55 -31.22
CA LEU B 286 0.01 15.01 -32.54
C LEU B 286 0.74 13.67 -32.72
N LEU B 287 2.08 13.74 -32.69
CA LEU B 287 2.94 12.57 -32.68
C LEU B 287 2.35 11.40 -31.87
N ALA B 288 2.20 11.63 -30.58
CA ALA B 288 1.63 10.63 -29.69
C ALA B 288 0.30 10.10 -30.22
N ILE B 289 -0.63 11.00 -30.51
CA ILE B 289 -1.95 10.60 -30.98
C ILE B 289 -1.93 9.81 -32.28
N PHE B 290 -1.10 10.22 -33.24
CA PHE B 290 -1.06 9.49 -34.51
C PHE B 290 -0.59 8.06 -34.31
N VAL B 291 0.44 7.89 -33.47
CA VAL B 291 0.97 6.56 -33.17
C VAL B 291 -0.07 5.74 -32.41
N PHE B 292 -0.75 6.40 -31.49
CA PHE B 292 -1.78 5.80 -30.64
C PHE B 292 -2.88 5.14 -31.42
N VAL B 293 -3.28 5.79 -32.50
CA VAL B 293 -4.39 5.33 -33.34
C VAL B 293 -3.93 4.37 -34.43
N VAL B 294 -2.94 4.80 -35.21
CA VAL B 294 -2.39 4.00 -36.30
C VAL B 294 -1.74 2.76 -35.72
N GLY B 295 -1.02 2.96 -34.62
CA GLY B 295 -0.37 1.88 -33.92
C GLY B 295 -1.56 1.20 -33.30
N PRO B 296 -1.47 -0.08 -32.98
CA PRO B 296 -2.67 -0.71 -32.41
C PRO B 296 -3.08 0.14 -31.22
N THR B 297 -4.36 0.49 -31.18
CA THR B 297 -4.89 1.32 -30.12
C THR B 297 -5.03 0.63 -28.77
N VAL B 298 -5.42 -0.64 -28.81
CA VAL B 298 -5.71 -1.38 -27.59
C VAL B 298 -4.47 -1.56 -26.76
N SER B 299 -3.47 -2.25 -27.32
CA SER B 299 -2.24 -2.47 -26.59
C SER B 299 -1.82 -1.22 -25.80
N ILE B 300 -1.59 -0.10 -26.47
CA ILE B 300 -1.30 1.11 -25.72
C ILE B 300 -2.35 1.21 -24.64
N LEU B 301 -3.61 1.09 -25.06
CA LEU B 301 -4.74 1.40 -24.22
C LEU B 301 -5.09 0.29 -23.24
N ASN B 302 -4.36 -0.81 -23.35
CA ASN B 302 -4.48 -1.97 -22.48
C ASN B 302 -3.38 -1.89 -21.48
N LEU B 303 -2.61 -0.82 -21.57
CA LEU B 303 -1.39 -0.64 -20.77
C LEU B 303 -1.47 0.60 -19.90
N LEU B 304 -2.60 1.31 -19.94
CA LEU B 304 -2.83 2.33 -18.93
C LEU B 304 -2.98 1.67 -17.54
N PRO B 305 -4.07 0.88 -17.35
CA PRO B 305 -4.08 0.08 -16.12
C PRO B 305 -2.79 -0.69 -15.96
N GLY B 306 -2.21 -1.15 -17.05
CA GLY B 306 -1.06 -2.04 -16.99
C GLY B 306 0.13 -1.41 -16.31
N SER B 307 0.52 -0.23 -16.79
CA SER B 307 1.65 0.47 -16.18
C SER B 307 1.37 0.92 -14.75
N ILE B 308 0.17 1.47 -14.52
CA ILE B 308 -0.21 1.96 -13.20
C ILE B 308 -0.30 0.89 -12.11
N GLY B 309 -0.89 -0.25 -12.44
CA GLY B 309 -1.02 -1.34 -11.48
C GLY B 309 0.34 -1.87 -11.09
N ASN B 310 1.20 -1.94 -12.10
CA ASN B 310 2.56 -2.42 -11.97
C ASN B 310 3.46 -1.43 -11.26
N TYR B 311 3.43 -0.17 -11.71
CA TYR B 311 4.22 0.88 -11.11
C TYR B 311 3.99 0.95 -9.62
N LEU B 312 2.72 0.89 -9.20
CA LEU B 312 2.46 0.73 -7.78
C LEU B 312 3.06 -0.59 -7.26
N SER B 313 2.64 -1.71 -7.83
CA SER B 313 3.11 -2.98 -7.33
C SER B 313 4.62 -3.01 -7.21
N ASN B 314 5.35 -2.72 -8.28
CA ASN B 314 6.80 -2.81 -8.19
C ASN B 314 7.50 -1.61 -7.55
N PHE B 315 6.74 -0.74 -6.91
CA PHE B 315 7.33 0.50 -6.38
C PHE B 315 8.42 0.33 -5.32
N PHE B 316 8.14 -0.42 -4.25
CA PHE B 316 9.12 -0.48 -3.17
C PHE B 316 10.31 -1.37 -3.44
N GLN B 317 10.11 -2.39 -4.26
CA GLN B 317 11.19 -3.32 -4.62
C GLN B 317 12.22 -2.62 -5.50
N MET B 318 11.72 -1.91 -6.50
CA MET B 318 12.60 -1.17 -7.42
C MET B 318 13.33 -0.08 -6.65
N ALA B 319 12.61 0.56 -5.75
CA ALA B 319 13.16 1.62 -4.93
C ALA B 319 14.30 1.13 -4.06
N GLY B 320 14.17 -0.07 -3.52
CA GLY B 320 15.22 -0.59 -2.66
C GLY B 320 16.22 -1.40 -3.45
N ARG B 321 16.28 -1.11 -4.76
CA ARG B 321 17.13 -1.86 -5.64
C ARG B 321 18.53 -1.38 -5.47
N THR B 322 19.04 -1.66 -4.28
CA THR B 322 20.40 -1.34 -3.92
C THR B 322 21.18 -2.30 -4.78
N ALA B 323 22.40 -1.93 -5.12
CA ALA B 323 23.21 -2.78 -5.96
C ALA B 323 23.41 -4.12 -5.28
N MET B 324 23.37 -4.13 -3.95
CA MET B 324 23.62 -5.36 -3.23
C MET B 324 22.74 -6.48 -3.78
N SER B 325 21.77 -6.08 -4.60
CA SER B 325 20.81 -7.01 -5.20
C SER B 325 20.92 -7.02 -6.73
N ALA B 326 20.91 -8.22 -7.30
CA ALA B 326 20.79 -9.44 -6.51
C ALA B 326 22.06 -10.27 -6.60
N ASP B 327 22.58 -10.65 -5.44
CA ASP B 327 23.80 -11.44 -5.38
C ASP B 327 24.99 -10.51 -5.54
N GLY B 328 24.71 -9.21 -5.55
CA GLY B 328 25.76 -8.21 -5.71
C GLY B 328 25.90 -7.74 -7.14
N THR B 329 25.02 -8.23 -8.00
CA THR B 329 25.12 -8.02 -9.43
C THR B 329 24.80 -6.59 -9.92
N ALA B 330 23.62 -6.08 -9.60
CA ALA B 330 23.11 -4.88 -10.26
C ALA B 330 24.00 -3.66 -10.12
N GLY B 331 25.12 -3.80 -9.43
CA GLY B 331 26.07 -2.71 -9.35
C GLY B 331 26.01 -1.90 -10.63
N GLU B 332 26.30 -2.57 -11.75
CA GLU B 332 26.48 -1.88 -13.02
C GLU B 332 25.19 -1.34 -13.64
N TRP B 333 24.15 -2.16 -13.70
CA TRP B 333 22.87 -1.72 -14.25
C TRP B 333 22.43 -0.44 -13.56
N LEU B 334 22.64 -0.41 -12.25
CA LEU B 334 22.29 0.76 -11.46
C LEU B 334 23.07 1.94 -11.99
N GLY B 335 24.36 1.72 -12.26
CA GLY B 335 25.27 2.76 -12.70
C GLY B 335 24.98 3.32 -14.08
N SER B 336 24.54 2.45 -14.98
CA SER B 336 24.16 2.90 -16.31
C SER B 336 22.89 3.78 -16.36
N TRP B 337 21.84 3.40 -15.65
CA TRP B 337 20.59 4.18 -15.69
C TRP B 337 19.91 4.78 -14.44
N THR B 338 19.59 3.96 -13.44
CA THR B 338 18.87 4.42 -12.24
C THR B 338 19.62 5.46 -11.39
N ILE B 339 20.90 5.18 -11.20
CA ILE B 339 21.83 6.05 -10.47
C ILE B 339 22.36 7.23 -11.29
N PHE B 340 22.86 6.95 -12.49
CA PHE B 340 23.17 8.01 -13.43
C PHE B 340 21.91 8.85 -13.57
N TYR B 341 20.76 8.17 -13.61
CA TYR B 341 19.47 8.82 -13.77
C TYR B 341 19.18 9.86 -12.70
N TRP B 342 19.55 9.55 -11.47
CA TRP B 342 19.31 10.44 -10.33
C TRP B 342 20.20 11.68 -10.42
N ALA B 343 21.49 11.45 -10.64
CA ALA B 343 22.41 12.57 -10.80
C ALA B 343 21.86 13.57 -11.81
N TRP B 344 21.80 13.21 -13.09
CA TRP B 344 21.26 14.12 -14.10
C TRP B 344 20.02 14.84 -13.55
N TRP B 345 19.13 14.07 -12.92
CA TRP B 345 17.91 14.63 -12.35
C TRP B 345 18.28 15.60 -11.23
N ILE B 346 19.27 15.22 -10.43
CA ILE B 346 19.73 16.06 -9.35
C ILE B 346 20.30 17.31 -9.99
N SER B 347 20.97 17.16 -11.13
CA SER B 347 21.56 18.30 -11.83
C SER B 347 20.50 19.32 -12.25
N TRP B 348 19.33 18.80 -12.62
CA TRP B 348 18.19 19.58 -13.09
C TRP B 348 17.44 20.46 -12.07
N SER B 349 17.69 20.25 -10.77
CA SER B 349 16.96 20.97 -9.73
C SER B 349 17.01 22.52 -9.73
N PRO B 350 18.15 23.15 -9.95
CA PRO B 350 18.13 24.62 -9.98
C PRO B 350 17.39 25.18 -11.18
N PHE B 351 17.69 24.75 -12.40
CA PHE B 351 16.96 25.30 -13.55
C PHE B 351 15.45 24.94 -13.58
N VAL B 352 15.14 23.68 -13.39
CA VAL B 352 13.74 23.19 -13.39
C VAL B 352 12.89 23.66 -12.21
N GLY B 353 13.51 23.62 -11.04
CA GLY B 353 12.92 23.97 -9.76
C GLY B 353 12.51 25.43 -9.76
N MET B 354 13.25 26.22 -10.52
CA MET B 354 12.92 27.63 -10.67
C MET B 354 11.58 27.82 -11.35
N PHE B 355 11.49 27.43 -12.62
CA PHE B 355 10.33 27.72 -13.45
C PHE B 355 9.01 27.33 -12.81
N LEU B 356 8.98 26.18 -12.17
CA LEU B 356 7.74 25.68 -11.58
C LEU B 356 7.36 26.52 -10.36
N ALA B 357 8.37 27.16 -9.76
CA ALA B 357 8.11 28.11 -8.69
C ALA B 357 7.64 29.42 -9.31
N ARG B 358 8.40 29.88 -10.31
CA ARG B 358 8.09 31.11 -11.01
C ARG B 358 6.65 31.10 -11.52
N ILE B 359 6.26 30.01 -12.19
CA ILE B 359 4.93 29.92 -12.76
C ILE B 359 3.83 30.15 -11.72
N SER B 360 4.09 29.73 -10.49
CA SER B 360 3.05 29.72 -9.46
C SER B 360 3.09 30.93 -8.53
N ARG B 361 1.98 31.66 -8.51
CA ARG B 361 1.75 32.74 -7.56
C ARG B 361 0.33 32.56 -7.06
N GLY B 362 0.08 32.88 -5.79
CA GLY B 362 -1.25 32.83 -5.22
C GLY B 362 -1.85 31.43 -5.10
N ARG B 363 -1.23 30.46 -5.75
CA ARG B 363 -1.73 29.09 -5.71
C ARG B 363 -1.10 28.25 -4.61
N SER B 364 -1.94 27.79 -3.68
CA SER B 364 -1.51 27.01 -2.52
C SER B 364 -0.51 25.94 -2.90
N ILE B 365 0.47 25.72 -2.03
CA ILE B 365 1.51 24.73 -2.29
C ILE B 365 0.87 23.39 -2.67
N ARG B 366 -0.23 23.07 -2.02
CA ARG B 366 -0.93 21.79 -2.20
C ARG B 366 -1.38 21.61 -3.64
N GLU B 367 -2.11 22.59 -4.15
CA GLU B 367 -2.52 22.58 -5.54
C GLU B 367 -1.30 22.65 -6.46
N PHE B 368 -0.12 22.76 -5.86
CA PHE B 368 1.13 22.81 -6.64
C PHE B 368 2.00 21.53 -6.53
N ILE B 369 2.17 21.02 -5.31
CA ILE B 369 2.93 19.79 -5.09
C ILE B 369 2.32 18.67 -5.90
N LEU B 370 1.03 18.41 -5.68
CA LEU B 370 0.32 17.47 -6.52
C LEU B 370 0.27 18.07 -7.92
N GLY B 371 0.17 19.39 -8.00
CA GLY B 371 0.24 20.02 -9.30
C GLY B 371 1.35 19.35 -10.10
N VAL B 372 2.57 19.40 -9.54
CA VAL B 372 3.75 18.88 -10.23
C VAL B 372 4.00 17.38 -9.98
N LEU B 373 2.97 16.66 -9.52
CA LEU B 373 3.11 15.22 -9.30
C LEU B 373 2.13 14.39 -10.14
N LEU B 374 0.90 14.88 -10.24
CA LEU B 374 -0.14 14.23 -11.03
C LEU B 374 0.11 14.35 -12.53
N VAL B 375 0.44 15.57 -12.96
CA VAL B 375 0.69 15.88 -14.37
C VAL B 375 1.89 15.19 -14.97
N PRO B 376 2.97 15.11 -14.20
CA PRO B 376 4.21 14.48 -14.64
C PRO B 376 4.04 12.99 -14.93
N ALA B 377 3.26 12.32 -14.09
CA ALA B 377 3.08 10.88 -14.23
C ALA B 377 2.19 10.63 -15.45
N GLY B 378 1.14 11.43 -15.61
CA GLY B 378 0.25 11.28 -16.76
C GLY B 378 0.83 11.55 -18.14
N VAL B 379 1.63 12.62 -18.25
CA VAL B 379 2.27 12.99 -19.52
C VAL B 379 3.32 11.95 -19.88
N SER B 380 4.04 11.54 -18.87
CA SER B 380 5.11 10.56 -18.93
C SER B 380 4.49 9.18 -19.17
N THR B 381 3.67 8.74 -18.24
CA THR B 381 3.09 7.40 -18.31
C THR B 381 2.55 7.10 -19.69
N VAL B 382 1.51 7.82 -20.08
CA VAL B 382 0.89 7.67 -21.39
C VAL B 382 1.91 7.69 -22.55
N TRP B 383 2.79 8.69 -22.51
CA TRP B 383 3.83 8.88 -23.51
C TRP B 383 4.71 7.65 -23.68
N PHE B 384 5.20 7.10 -22.58
CA PHE B 384 5.89 5.83 -22.62
C PHE B 384 4.94 4.76 -23.07
N SER B 385 3.77 4.74 -22.45
CA SER B 385 2.71 3.84 -22.85
C SER B 385 2.58 3.76 -24.36
N ILE B 386 2.34 4.89 -25.00
CA ILE B 386 2.11 4.86 -26.45
C ILE B 386 3.34 4.38 -27.21
N PHE B 387 4.41 5.18 -27.18
CA PHE B 387 5.63 4.83 -27.92
C PHE B 387 6.42 3.62 -27.44
N GLY B 388 6.62 3.55 -26.13
CA GLY B 388 7.36 2.46 -25.52
C GLY B 388 6.65 1.13 -25.64
N GLY B 389 5.34 1.20 -25.46
CA GLY B 389 4.45 0.05 -25.48
C GLY B 389 4.32 -0.50 -26.88
N THR B 390 4.12 0.39 -27.83
CA THR B 390 4.08 0.02 -29.24
C THR B 390 5.36 -0.75 -29.59
N ALA B 391 6.50 -0.19 -29.17
CA ALA B 391 7.78 -0.85 -29.36
C ALA B 391 7.73 -2.26 -28.81
N ILE B 392 7.18 -2.43 -27.60
CA ILE B 392 7.08 -3.78 -27.04
C ILE B 392 6.16 -4.64 -27.89
N VAL B 393 5.12 -4.03 -28.46
CA VAL B 393 4.18 -4.76 -29.30
C VAL B 393 4.91 -5.24 -30.53
N PHE B 394 5.64 -4.34 -31.17
CA PHE B 394 6.35 -4.71 -32.40
C PHE B 394 7.34 -5.85 -32.17
N GLU B 395 8.03 -5.81 -31.03
CA GLU B 395 8.99 -6.86 -30.70
C GLU B 395 8.31 -8.22 -30.56
N GLN B 396 7.13 -8.22 -29.95
CA GLN B 396 6.35 -9.44 -29.73
C GLN B 396 5.86 -10.11 -31.02
N ASN B 397 5.39 -9.30 -31.97
CA ASN B 397 4.90 -9.82 -33.23
C ASN B 397 5.98 -10.20 -34.22
N GLY B 398 7.23 -10.13 -33.77
CA GLY B 398 8.39 -10.43 -34.58
C GLY B 398 8.86 -9.22 -35.34
N GLU B 399 8.10 -8.14 -35.25
CA GLU B 399 8.44 -6.89 -35.93
C GLU B 399 9.37 -6.06 -35.04
N SER B 400 10.61 -6.51 -34.90
CA SER B 400 11.59 -5.79 -34.08
C SER B 400 12.03 -4.50 -34.74
N ILE B 401 12.24 -3.46 -33.93
CA ILE B 401 12.70 -2.19 -34.46
C ILE B 401 13.93 -1.79 -33.69
N TRP B 402 14.53 -2.78 -33.05
CA TRP B 402 15.67 -2.52 -32.18
C TRP B 402 16.96 -2.33 -33.01
N GLY B 403 17.08 -3.14 -34.07
CA GLY B 403 18.18 -3.12 -35.02
C GLY B 403 19.45 -2.36 -34.69
N ASP B 404 20.60 -3.01 -34.91
CA ASP B 404 21.90 -2.42 -34.64
C ASP B 404 22.10 -2.16 -33.15
N GLY B 405 21.19 -1.38 -32.59
CA GLY B 405 21.10 -1.23 -31.15
C GLY B 405 21.46 0.13 -30.57
N ALA B 406 21.19 1.20 -31.31
CA ALA B 406 21.48 2.55 -30.82
C ALA B 406 20.21 3.34 -30.54
N ALA B 407 20.12 3.94 -29.35
CA ALA B 407 18.92 4.67 -28.91
C ALA B 407 18.34 5.63 -29.93
N GLU B 408 19.21 6.40 -30.59
CA GLU B 408 18.80 7.48 -31.48
C GLU B 408 18.18 6.97 -32.78
N GLU B 409 18.52 5.75 -33.17
CA GLU B 409 17.97 5.18 -34.40
C GLU B 409 16.57 4.61 -34.19
N GLN B 410 16.22 4.31 -32.94
CA GLN B 410 15.02 3.53 -32.64
C GLN B 410 13.68 4.26 -32.72
N LEU B 411 13.63 5.51 -32.28
CA LEU B 411 12.36 6.22 -32.32
C LEU B 411 11.83 6.26 -33.75
N PHE B 412 12.70 6.60 -34.68
CA PHE B 412 12.33 6.70 -36.09
C PHE B 412 12.08 5.32 -36.66
N GLY B 413 12.71 4.31 -36.05
CA GLY B 413 12.47 2.93 -36.44
C GLY B 413 11.00 2.58 -36.39
N LEU B 414 10.37 2.71 -35.22
CA LEU B 414 8.98 2.37 -35.13
C LEU B 414 8.20 3.40 -35.91
N LEU B 415 8.70 4.63 -35.95
CA LEU B 415 7.96 5.65 -36.69
C LEU B 415 7.74 5.22 -38.13
N HIS B 416 8.82 5.11 -38.90
CA HIS B 416 8.75 4.69 -40.30
C HIS B 416 8.05 3.35 -40.49
N ALA B 417 7.77 2.68 -39.37
CA ALA B 417 7.10 1.40 -39.45
C ALA B 417 5.59 1.60 -39.47
N LEU B 418 5.15 2.84 -39.59
CA LEU B 418 3.72 3.15 -39.63
C LEU B 418 3.44 4.02 -40.85
N PRO B 419 2.20 4.00 -41.33
CA PRO B 419 1.86 4.81 -42.50
C PRO B 419 2.06 6.28 -42.17
N GLY B 420 2.63 7.03 -43.10
CA GLY B 420 2.91 8.43 -42.87
C GLY B 420 4.16 8.52 -42.01
N GLY B 421 4.81 7.37 -41.83
CA GLY B 421 6.01 7.28 -41.03
C GLY B 421 6.99 8.42 -41.23
N GLN B 422 7.67 8.44 -42.37
CA GLN B 422 8.66 9.47 -42.65
C GLN B 422 8.07 10.84 -42.36
N ILE B 423 6.81 11.03 -42.75
CA ILE B 423 6.15 12.32 -42.58
C ILE B 423 6.08 12.71 -41.11
N MET B 424 5.40 11.91 -40.30
CA MET B 424 5.35 12.17 -38.86
C MET B 424 6.78 12.27 -38.40
N GLY B 425 7.65 11.56 -39.10
CA GLY B 425 9.06 11.57 -38.78
C GLY B 425 9.68 12.95 -38.92
N ILE B 426 9.15 13.75 -39.84
CA ILE B 426 9.68 15.08 -40.06
C ILE B 426 9.37 15.95 -38.86
N ILE B 427 8.13 15.87 -38.37
CA ILE B 427 7.71 16.66 -37.23
C ILE B 427 8.40 16.15 -35.97
N ALA B 428 8.56 14.83 -35.89
CA ALA B 428 9.36 14.22 -34.83
C ALA B 428 10.78 14.78 -34.86
N MET B 429 11.32 14.96 -36.06
CA MET B 429 12.61 15.63 -36.23
C MET B 429 12.54 16.99 -35.57
N ILE B 430 11.64 17.83 -36.09
CA ILE B 430 11.44 19.18 -35.57
C ILE B 430 11.29 19.17 -34.06
N LEU B 431 10.46 18.27 -33.57
CA LEU B 431 10.23 18.13 -32.15
C LEU B 431 11.56 18.16 -31.41
N LEU B 432 12.54 17.39 -31.87
CA LEU B 432 13.87 17.39 -31.27
C LEU B 432 14.41 18.82 -31.05
N GLY B 433 14.31 19.65 -32.09
CA GLY B 433 14.84 20.99 -32.02
C GLY B 433 13.93 22.00 -31.33
N THR B 434 12.64 21.70 -31.32
CA THR B 434 11.69 22.48 -30.57
C THR B 434 11.97 22.22 -29.11
N PHE B 435 11.46 23.10 -28.26
CA PHE B 435 11.76 23.07 -26.83
C PHE B 435 13.26 23.09 -26.55
N PHE B 436 14.04 22.42 -27.37
CA PHE B 436 15.48 22.54 -27.22
C PHE B 436 15.79 24.02 -27.18
N ILE B 437 15.12 24.76 -28.07
CA ILE B 437 15.24 26.20 -28.06
C ILE B 437 14.52 26.80 -26.84
N THR B 438 13.39 26.22 -26.46
CA THR B 438 12.65 26.69 -25.30
C THR B 438 13.30 26.22 -23.99
N SER B 439 14.26 25.31 -24.13
CA SER B 439 14.92 24.71 -22.98
C SER B 439 16.37 25.17 -22.97
N ALA B 440 16.76 25.88 -24.03
CA ALA B 440 18.07 26.50 -24.10
C ALA B 440 17.92 27.99 -23.82
N ASP B 441 16.85 28.58 -24.35
CA ASP B 441 16.56 29.97 -24.09
C ASP B 441 16.15 30.16 -22.64
N SER B 442 15.72 29.07 -21.99
CA SER B 442 15.24 29.16 -20.62
C SER B 442 16.23 28.55 -19.63
N ALA B 443 17.09 27.68 -20.14
CA ALA B 443 18.20 27.19 -19.36
C ALA B 443 19.08 28.40 -19.17
N SER B 444 18.99 29.29 -20.15
CA SER B 444 19.69 30.58 -20.16
C SER B 444 19.12 31.57 -19.15
N THR B 445 17.80 31.59 -19.07
CA THR B 445 17.06 32.50 -18.19
C THR B 445 17.35 32.31 -16.71
N VAL B 446 17.44 31.06 -16.29
CA VAL B 446 17.72 30.76 -14.89
C VAL B 446 19.07 31.36 -14.53
N MET B 447 20.01 31.27 -15.47
CA MET B 447 21.35 31.77 -15.26
C MET B 447 21.34 33.29 -15.14
N GLY B 448 20.63 33.95 -16.06
CA GLY B 448 20.53 35.39 -16.07
C GLY B 448 19.91 35.93 -14.79
N THR B 449 19.06 35.12 -14.17
CA THR B 449 18.38 35.53 -12.94
C THR B 449 19.16 35.13 -11.70
N MET B 450 20.00 34.10 -11.82
CA MET B 450 20.86 33.70 -10.71
C MET B 450 22.24 34.33 -10.87
N SER B 451 22.32 35.31 -11.75
CA SER B 451 23.56 36.03 -11.96
C SER B 451 23.40 37.38 -11.28
N GLN B 452 22.30 38.07 -11.59
CA GLN B 452 22.00 39.37 -11.01
C GLN B 452 21.22 39.30 -9.70
N HIS B 453 21.86 38.78 -8.65
CA HIS B 453 21.24 38.70 -7.33
C HIS B 453 19.86 38.02 -7.25
N GLY B 454 19.67 36.92 -7.96
CA GLY B 454 18.38 36.23 -7.91
C GLY B 454 17.23 37.13 -8.28
N GLN B 455 17.43 37.93 -9.33
CA GLN B 455 16.39 38.85 -9.79
C GLN B 455 15.51 38.23 -10.87
N LEU B 456 14.20 38.23 -10.61
CA LEU B 456 13.23 37.66 -11.54
C LEU B 456 13.49 38.19 -12.95
N GLU B 457 13.59 39.50 -13.07
CA GLU B 457 13.85 40.13 -14.36
C GLU B 457 15.34 40.45 -14.50
N ALA B 458 15.96 39.99 -15.58
CA ALA B 458 17.38 40.24 -15.73
C ALA B 458 17.64 40.85 -17.08
N ASN B 459 18.80 41.47 -17.23
CA ASN B 459 19.17 42.05 -18.53
C ASN B 459 19.26 40.93 -19.57
N LYS B 460 18.88 41.25 -20.79
CA LYS B 460 18.85 40.29 -21.91
C LYS B 460 20.19 39.68 -22.33
N TRP B 461 21.26 40.46 -22.28
CA TRP B 461 22.57 39.97 -22.71
C TRP B 461 23.09 38.76 -21.92
N VAL B 462 22.89 38.76 -20.60
CA VAL B 462 23.37 37.66 -19.77
C VAL B 462 22.74 36.30 -20.07
N THR B 463 21.43 36.27 -20.30
CA THR B 463 20.71 35.02 -20.59
C THR B 463 21.15 34.32 -21.87
N ALA B 464 21.36 35.11 -22.92
CA ALA B 464 21.75 34.61 -24.23
C ALA B 464 23.24 34.31 -24.28
N ALA B 465 24.04 35.11 -23.56
CA ALA B 465 25.48 34.93 -23.52
C ALA B 465 25.81 33.59 -22.88
N TRP B 466 25.02 33.19 -21.89
CA TRP B 466 25.23 31.92 -21.21
C TRP B 466 24.46 30.80 -21.91
N GLY B 467 23.84 31.15 -23.03
CA GLY B 467 23.11 30.18 -23.83
C GLY B 467 24.01 29.43 -24.80
N VAL B 468 25.22 29.94 -24.97
CA VAL B 468 26.19 29.31 -25.86
C VAL B 468 27.25 28.57 -25.07
N ALA B 469 27.09 28.58 -23.75
CA ALA B 469 28.03 27.91 -22.85
C ALA B 469 28.18 26.45 -23.23
N THR B 470 27.07 25.72 -23.17
CA THR B 470 27.05 24.31 -23.52
C THR B 470 27.37 24.11 -24.99
N ALA B 471 27.25 25.17 -25.77
CA ALA B 471 27.45 25.11 -27.22
C ALA B 471 28.93 25.09 -27.60
N VAL B 492 30.18 13.34 -17.16
CA VAL B 492 30.44 14.40 -16.20
C VAL B 492 29.12 14.93 -15.64
N THR B 493 28.02 14.68 -16.32
CA THR B 493 26.74 15.18 -15.82
C THR B 493 26.45 14.64 -14.42
N ILE B 494 26.78 13.37 -14.18
CA ILE B 494 26.55 12.77 -12.87
C ILE B 494 27.36 13.41 -11.74
N VAL B 495 28.63 13.72 -12.01
CA VAL B 495 29.50 14.35 -11.01
C VAL B 495 29.44 15.87 -11.12
N ALA B 496 28.72 16.36 -12.10
CA ALA B 496 28.55 17.80 -12.23
C ALA B 496 27.74 18.23 -11.00
N ALA B 497 26.76 17.40 -10.66
CA ALA B 497 25.82 17.59 -9.55
C ALA B 497 25.99 16.67 -8.32
N THR B 498 27.14 16.02 -8.17
CA THR B 498 27.33 15.09 -7.05
C THR B 498 27.13 15.69 -5.66
N PRO B 499 27.65 16.89 -5.41
CA PRO B 499 27.46 17.54 -4.11
C PRO B 499 26.05 18.11 -4.00
N PHE B 500 25.50 18.54 -5.14
CA PHE B 500 24.22 19.25 -5.16
C PHE B 500 23.06 18.38 -4.67
N LEU B 501 23.22 17.06 -4.75
CA LEU B 501 22.30 16.15 -4.08
C LEU B 501 22.10 16.70 -2.67
N PHE B 502 23.15 16.62 -1.87
CA PHE B 502 23.12 17.06 -0.47
C PHE B 502 22.47 18.43 -0.33
N VAL B 503 22.76 19.32 -1.28
CA VAL B 503 22.17 20.65 -1.29
C VAL B 503 20.64 20.57 -1.29
N VAL B 504 20.09 19.51 -1.90
CA VAL B 504 18.66 19.30 -1.84
C VAL B 504 18.26 18.89 -0.43
N ILE B 505 18.97 17.89 0.12
CA ILE B 505 18.63 17.33 1.42
C ILE B 505 18.50 18.39 2.49
N GLY B 506 19.48 19.27 2.60
CA GLY B 506 19.41 20.36 3.55
C GLY B 506 18.26 21.28 3.21
N LEU B 507 18.03 21.42 1.91
CA LEU B 507 16.93 22.22 1.38
C LEU B 507 15.60 21.66 1.91
N MET B 508 15.63 20.38 2.27
CA MET B 508 14.44 19.71 2.77
C MET B 508 14.20 20.07 4.23
N PHE B 509 15.29 20.34 4.96
CA PHE B 509 15.20 20.76 6.35
C PHE B 509 14.97 22.25 6.45
N ALA B 510 15.53 22.98 5.50
CA ALA B 510 15.30 24.42 5.43
C ALA B 510 13.86 24.73 5.01
N LEU B 511 13.15 23.74 4.48
CA LEU B 511 11.78 23.96 4.05
C LEU B 511 10.80 23.55 5.14
N VAL B 512 11.20 22.61 5.99
CA VAL B 512 10.37 22.24 7.13
C VAL B 512 10.65 23.16 8.33
N LYS B 513 11.91 23.32 8.67
CA LYS B 513 12.24 24.19 9.80
C LYS B 513 11.75 25.61 9.56
N ASP B 514 11.89 26.10 8.33
CA ASP B 514 11.47 27.45 7.98
C ASP B 514 9.96 27.72 8.12
N LEU B 515 9.13 26.75 7.70
CA LEU B 515 7.67 26.92 7.77
C LEU B 515 7.19 27.03 9.22
N SER B 516 7.77 26.20 10.07
CA SER B 516 7.48 26.16 11.49
C SER B 516 7.83 27.51 12.11
N ASN B 517 8.18 28.45 11.25
CA ASN B 517 8.38 29.84 11.65
C ASN B 517 7.60 30.76 10.73
N ASP B 518 6.58 30.16 10.12
CA ASP B 518 5.59 30.83 9.31
C ASP B 518 4.66 31.42 10.37
N VAL B 519 3.74 32.30 9.98
CA VAL B 519 2.86 32.94 10.97
C VAL B 519 1.91 32.04 11.79
N ILE B 520 1.30 31.04 11.16
CA ILE B 520 0.36 30.16 11.87
C ILE B 520 1.01 29.35 13.00
N TYR B 521 2.20 28.82 12.72
CA TYR B 521 3.00 28.01 13.65
C TYR B 521 3.85 28.87 14.60
N LEU B 522 4.17 30.09 14.18
CA LEU B 522 4.94 31.01 15.00
C LEU B 522 4.06 31.65 16.08
N GLU B 523 2.79 31.85 15.75
CA GLU B 523 1.86 32.48 16.69
C GLU B 523 1.54 31.57 17.87
N TYR B 524 1.19 30.32 17.57
CA TYR B 524 0.96 29.31 18.60
C TYR B 524 2.25 29.07 19.39
N ARG B 525 3.36 29.03 18.67
CA ARG B 525 4.68 28.89 19.27
C ARG B 525 4.87 29.97 20.34
N GLU B 526 4.72 31.22 19.94
CA GLU B 526 4.84 32.35 20.85
C GLU B 526 3.51 32.56 21.58
N GLN B 527 3.11 31.58 22.37
CA GLN B 527 1.89 31.67 23.15
C GLN B 527 2.10 31.05 24.52
N GLN B 528 1.35 29.98 24.82
CA GLN B 528 1.48 29.32 26.11
C GLN B 528 2.83 28.61 26.22
N ARG B 529 3.33 28.12 25.08
CA ARG B 529 4.60 27.42 25.03
C ARG B 529 5.76 28.39 24.84
N SER C 28 -48.60 3.64 -11.11
CA SER C 28 -48.34 4.34 -12.35
C SER C 28 -47.08 3.78 -13.00
N LEU C 29 -47.22 2.65 -13.66
CA LEU C 29 -46.08 1.96 -14.27
C LEU C 29 -45.52 2.72 -15.46
N ASN C 30 -44.23 2.97 -15.40
CA ASN C 30 -43.51 3.59 -16.49
C ASN C 30 -43.49 2.64 -17.67
N TRP C 31 -44.23 2.96 -18.72
CA TRP C 31 -44.28 2.07 -19.88
C TRP C 31 -43.22 2.45 -20.89
N SER C 32 -42.84 3.71 -20.96
CA SER C 32 -41.77 4.07 -21.88
C SER C 32 -40.56 3.23 -21.50
N VAL C 33 -40.37 3.07 -20.19
CA VAL C 33 -39.35 2.22 -19.59
C VAL C 33 -39.55 0.69 -19.58
N ILE C 34 -40.78 0.25 -19.28
CA ILE C 34 -41.11 -1.19 -19.16
C ILE C 34 -40.99 -2.08 -20.41
N VAL C 35 -41.60 -1.60 -21.49
CA VAL C 35 -41.63 -2.28 -22.79
C VAL C 35 -40.28 -2.38 -23.49
N PRO C 36 -39.50 -1.31 -23.43
CA PRO C 36 -38.19 -1.28 -24.09
C PRO C 36 -37.26 -2.33 -23.51
N ALA C 37 -37.29 -2.49 -22.20
CA ALA C 37 -36.47 -3.49 -21.53
C ALA C 37 -36.89 -4.87 -22.01
N LEU C 38 -38.19 -5.06 -22.18
CA LEU C 38 -38.73 -6.34 -22.59
C LEU C 38 -38.44 -6.65 -24.06
N VAL C 39 -38.52 -5.63 -24.92
CA VAL C 39 -38.23 -5.82 -26.33
C VAL C 39 -36.87 -6.50 -26.45
N ILE C 40 -35.97 -6.18 -25.53
CA ILE C 40 -34.64 -6.79 -25.53
C ILE C 40 -34.64 -8.16 -24.82
N VAL C 41 -35.41 -8.25 -23.73
CA VAL C 41 -35.54 -9.53 -23.04
C VAL C 41 -36.05 -10.60 -23.99
N LEU C 42 -37.15 -10.29 -24.67
CA LEU C 42 -37.79 -11.20 -25.63
C LEU C 42 -36.90 -11.54 -26.83
N ALA C 43 -36.15 -10.55 -27.30
CA ALA C 43 -35.27 -10.75 -28.45
C ALA C 43 -34.22 -11.81 -28.13
N THR C 44 -33.66 -11.77 -26.94
CA THR C 44 -32.65 -12.78 -26.64
C THR C 44 -33.25 -14.19 -26.63
N VAL C 45 -34.38 -14.36 -25.95
CA VAL C 45 -35.04 -15.67 -25.90
C VAL C 45 -35.60 -16.16 -27.23
N VAL C 46 -36.27 -15.27 -27.96
CA VAL C 46 -36.86 -15.57 -29.25
C VAL C 46 -35.83 -15.85 -30.33
N TRP C 47 -34.80 -15.01 -30.38
CA TRP C 47 -33.75 -15.21 -31.37
C TRP C 47 -32.90 -16.46 -31.09
N GLY C 48 -32.52 -16.61 -29.82
CA GLY C 48 -31.67 -17.71 -29.37
C GLY C 48 -32.07 -19.18 -29.39
N ILE C 49 -33.30 -19.51 -28.99
CA ILE C 49 -33.71 -20.90 -28.95
C ILE C 49 -34.75 -21.33 -29.98
N GLY C 50 -35.81 -20.54 -30.11
CA GLY C 50 -36.88 -20.83 -31.05
C GLY C 50 -36.51 -20.83 -32.51
N PHE C 51 -35.68 -19.86 -32.87
CA PHE C 51 -35.24 -19.65 -34.25
C PHE C 51 -33.72 -19.55 -34.43
N LYS C 52 -33.21 -20.34 -35.38
CA LYS C 52 -31.80 -20.36 -35.74
C LYS C 52 -30.91 -21.02 -34.68
N ASP C 53 -30.92 -20.46 -33.47
CA ASP C 53 -30.12 -21.00 -32.38
C ASP C 53 -28.63 -20.76 -32.64
N SER C 54 -28.18 -21.27 -33.78
CA SER C 54 -26.79 -21.21 -34.22
C SER C 54 -26.35 -19.75 -34.34
N PHE C 55 -27.30 -18.87 -34.54
CA PHE C 55 -27.03 -17.46 -34.76
C PHE C 55 -26.82 -16.67 -33.46
N THR C 56 -27.42 -17.10 -32.35
CA THR C 56 -27.21 -16.39 -31.08
C THR C 56 -25.72 -16.36 -30.73
N ASN C 57 -25.05 -17.48 -30.97
CA ASN C 57 -23.62 -17.57 -30.70
C ASN C 57 -22.79 -16.65 -31.58
N PHE C 58 -23.44 -15.90 -32.46
CA PHE C 58 -22.77 -14.90 -33.28
C PHE C 58 -22.59 -13.61 -32.47
N ALA C 59 -23.65 -13.21 -31.80
CA ALA C 59 -23.53 -12.06 -30.91
C ALA C 59 -22.47 -12.36 -29.86
N SER C 60 -22.29 -13.65 -29.53
CA SER C 60 -21.25 -14.07 -28.60
C SER C 60 -19.92 -14.24 -29.34
N SER C 61 -19.81 -13.61 -30.49
CA SER C 61 -18.51 -13.39 -31.08
C SER C 61 -18.21 -11.93 -30.79
N ALA C 62 -19.28 -11.16 -30.63
CA ALA C 62 -19.21 -9.75 -30.30
C ALA C 62 -18.55 -9.58 -28.94
N LEU C 63 -18.71 -10.59 -28.09
CA LEU C 63 -18.17 -10.57 -26.75
C LEU C 63 -16.65 -10.46 -26.80
N SER C 64 -16.03 -11.18 -27.72
CA SER C 64 -14.58 -11.10 -27.86
C SER C 64 -14.33 -9.65 -28.20
N ALA C 65 -15.20 -9.11 -29.03
CA ALA C 65 -15.19 -7.71 -29.44
C ALA C 65 -15.06 -6.81 -28.21
N VAL C 66 -16.02 -6.93 -27.28
CA VAL C 66 -15.99 -6.11 -26.09
C VAL C 66 -14.70 -6.28 -25.27
N VAL C 67 -14.27 -7.52 -25.05
CA VAL C 67 -13.09 -7.73 -24.24
C VAL C 67 -11.83 -7.25 -24.92
N ASP C 68 -11.74 -7.44 -26.22
CA ASP C 68 -10.52 -7.07 -26.91
C ASP C 68 -10.27 -5.56 -26.80
N ASN C 69 -11.28 -4.74 -27.10
CA ASN C 69 -11.09 -3.29 -27.23
C ASN C 69 -11.88 -2.38 -26.29
N LEU C 70 -12.57 -2.97 -25.33
CA LEU C 70 -13.22 -2.21 -24.28
C LEU C 70 -12.76 -2.90 -23.03
N GLY C 71 -11.98 -3.97 -23.23
CA GLY C 71 -11.43 -4.75 -22.15
C GLY C 71 -10.66 -3.90 -21.16
N TRP C 72 -9.75 -3.07 -21.66
CA TRP C 72 -8.90 -2.27 -20.77
C TRP C 72 -9.71 -1.45 -19.78
N ALA C 73 -10.82 -0.88 -20.24
CA ALA C 73 -11.66 -0.02 -19.41
C ALA C 73 -12.27 -0.70 -18.19
N PHE C 74 -12.74 -1.93 -18.35
CA PHE C 74 -13.31 -2.65 -17.24
C PHE C 74 -12.21 -2.84 -16.20
N ILE C 75 -11.03 -3.16 -16.70
CA ILE C 75 -9.85 -3.36 -15.86
C ILE C 75 -9.39 -2.10 -15.13
N LEU C 76 -9.44 -0.97 -15.81
CA LEU C 76 -8.98 0.28 -15.21
C LEU C 76 -9.96 0.92 -14.25
N PHE C 77 -11.22 0.97 -14.63
CA PHE C 77 -12.22 1.64 -13.81
C PHE C 77 -12.64 0.73 -12.69
N GLY C 78 -12.38 -0.57 -12.87
CA GLY C 78 -12.51 -1.51 -11.78
C GLY C 78 -11.66 -1.04 -10.60
N THR C 79 -10.36 -0.89 -10.82
CA THR C 79 -9.48 -0.48 -9.75
C THR C 79 -9.71 0.98 -9.38
N VAL C 80 -10.33 1.72 -10.28
CA VAL C 80 -10.68 3.11 -10.00
C VAL C 80 -11.81 3.19 -8.98
N PHE C 81 -12.90 2.48 -9.26
CA PHE C 81 -14.00 2.42 -8.35
C PHE C 81 -13.52 2.16 -6.93
N VAL C 82 -12.54 1.27 -6.76
CA VAL C 82 -12.07 1.01 -5.41
C VAL C 82 -11.43 2.22 -4.78
N PHE C 83 -10.49 2.86 -5.50
CA PHE C 83 -9.91 4.07 -4.94
C PHE C 83 -10.97 5.13 -4.83
N PHE C 84 -11.71 5.33 -5.90
CA PHE C 84 -12.75 6.32 -5.83
C PHE C 84 -13.46 6.28 -4.49
N ILE C 85 -14.09 5.15 -4.22
CA ILE C 85 -14.92 5.03 -3.04
C ILE C 85 -14.19 5.32 -1.70
N VAL C 86 -12.99 4.77 -1.53
CA VAL C 86 -12.24 4.94 -0.30
C VAL C 86 -11.97 6.40 0.00
N VAL C 87 -11.65 7.17 -1.03
CA VAL C 87 -11.39 8.61 -0.84
C VAL C 87 -12.64 9.47 -0.60
N ILE C 88 -13.82 9.06 -1.07
CA ILE C 88 -14.99 9.80 -0.67
C ILE C 88 -15.29 9.38 0.77
N ALA C 89 -15.08 8.12 1.10
CA ALA C 89 -15.23 7.69 2.49
C ALA C 89 -14.24 8.41 3.39
N ALA C 90 -13.01 8.51 2.88
CA ALA C 90 -11.89 9.20 3.50
C ALA C 90 -12.14 10.72 3.56
N SER C 91 -12.79 11.19 2.50
CA SER C 91 -13.10 12.60 2.30
C SER C 91 -14.13 13.09 3.32
N LYS C 92 -14.23 14.41 3.44
CA LYS C 92 -15.09 15.02 4.43
C LYS C 92 -16.50 14.55 4.17
N PHE C 93 -16.89 14.45 2.91
CA PHE C 93 -18.19 13.91 2.61
C PHE C 93 -18.53 12.73 3.52
N GLY C 94 -17.54 11.93 3.88
CA GLY C 94 -17.79 10.73 4.67
C GLY C 94 -18.75 10.99 5.82
N THR C 95 -18.82 12.25 6.26
CA THR C 95 -19.56 12.58 7.46
C THR C 95 -21.02 12.85 7.23
N ILE C 96 -21.35 13.31 6.02
CA ILE C 96 -22.73 13.51 5.61
C ILE C 96 -23.58 12.30 5.98
N ARG C 97 -24.78 12.56 6.46
CA ARG C 97 -25.64 11.47 6.90
C ARG C 97 -26.73 11.20 5.87
N LEU C 98 -26.93 9.92 5.55
CA LEU C 98 -27.96 9.57 4.60
C LEU C 98 -29.21 10.04 5.29
N GLY C 99 -30.13 10.61 4.53
CA GLY C 99 -31.34 11.13 5.13
C GLY C 99 -31.17 12.59 5.52
N ARG C 100 -32.11 13.08 6.31
CA ARG C 100 -32.18 14.46 6.76
C ARG C 100 -30.99 14.73 7.66
N ILE C 101 -30.66 16.00 7.89
CA ILE C 101 -29.50 16.33 8.74
C ILE C 101 -29.45 15.65 10.13
N ASP C 102 -28.28 15.18 10.50
CA ASP C 102 -28.11 14.45 11.75
C ASP C 102 -29.21 13.43 11.87
N GLU C 103 -29.53 12.78 10.78
CA GLU C 103 -30.42 11.64 10.89
C GLU C 103 -29.63 10.48 11.46
N ALA C 104 -30.35 9.48 11.97
CA ALA C 104 -29.75 8.28 12.55
C ALA C 104 -30.28 7.04 11.83
N PRO C 105 -29.50 5.96 11.86
CA PRO C 105 -29.87 4.71 11.19
C PRO C 105 -31.13 4.07 11.76
N GLU C 106 -31.94 3.48 10.88
CA GLU C 106 -33.20 2.85 11.29
C GLU C 106 -32.97 1.68 12.25
N PHE C 107 -31.97 0.86 11.98
CA PHE C 107 -31.67 -0.27 12.86
C PHE C 107 -30.22 -0.34 13.38
N ARG C 108 -29.98 -1.22 14.36
CA ARG C 108 -28.69 -1.33 15.04
C ARG C 108 -27.50 -1.71 14.15
N THR C 109 -26.30 -1.31 14.54
CA THR C 109 -25.10 -1.61 13.74
C THR C 109 -25.10 -3.11 13.47
N VAL C 110 -25.27 -3.87 14.54
CA VAL C 110 -25.27 -5.32 14.43
C VAL C 110 -26.31 -5.82 13.43
N SER C 111 -27.54 -5.32 13.52
CA SER C 111 -28.58 -5.68 12.57
C SER C 111 -28.18 -5.27 11.16
N TRP C 112 -27.83 -4.00 11.01
CA TRP C 112 -27.41 -3.49 9.70
C TRP C 112 -26.38 -4.43 9.06
N ILE C 113 -25.23 -4.62 9.72
CA ILE C 113 -24.28 -5.67 9.38
C ILE C 113 -24.98 -7.02 9.13
N SER C 114 -25.71 -7.51 10.11
CA SER C 114 -26.45 -8.75 9.97
C SER C 114 -27.15 -8.89 8.63
N MET C 115 -27.59 -7.76 8.07
CA MET C 115 -28.20 -7.72 6.75
C MET C 115 -27.17 -8.06 5.67
N MET C 116 -25.97 -7.54 5.87
CA MET C 116 -24.86 -7.67 4.91
C MET C 116 -24.41 -9.09 4.56
N PHE C 117 -24.37 -9.98 5.55
CA PHE C 117 -23.92 -11.35 5.28
C PHE C 117 -24.83 -12.03 4.26
N ALA C 118 -26.14 -11.82 4.41
CA ALA C 118 -27.10 -12.38 3.49
C ALA C 118 -26.89 -11.78 2.10
N ALA C 119 -26.61 -10.48 2.09
CA ALA C 119 -26.40 -9.71 0.87
C ALA C 119 -25.20 -10.32 0.16
N GLY C 120 -24.28 -10.85 0.97
CA GLY C 120 -22.98 -11.31 0.52
C GLY C 120 -22.85 -12.81 0.37
N MET C 121 -23.96 -13.44 -0.01
CA MET C 121 -24.01 -14.87 -0.27
C MET C 121 -25.25 -15.28 -1.05
N GLY C 122 -25.11 -16.36 -1.80
CA GLY C 122 -26.15 -16.85 -2.68
C GLY C 122 -25.64 -17.99 -3.55
N ILE C 123 -26.22 -18.11 -4.73
CA ILE C 123 -25.88 -19.16 -5.69
C ILE C 123 -24.41 -19.09 -6.15
N ASP C 124 -23.91 -17.87 -6.32
CA ASP C 124 -22.56 -17.67 -6.83
C ASP C 124 -21.47 -18.24 -5.93
N LEU C 125 -21.54 -18.06 -4.64
CA LEU C 125 -20.45 -18.67 -3.95
C LEU C 125 -20.59 -20.17 -4.13
N MET C 126 -21.78 -20.70 -3.98
CA MET C 126 -21.96 -22.12 -4.22
C MET C 126 -21.20 -22.59 -5.48
N PHE C 127 -21.55 -22.01 -6.63
CA PHE C 127 -20.92 -22.37 -7.89
C PHE C 127 -19.40 -22.26 -7.82
N TYR C 128 -18.90 -21.05 -7.66
CA TYR C 128 -17.47 -20.75 -7.76
C TYR C 128 -16.72 -20.84 -6.44
N GLY C 129 -17.30 -21.47 -5.43
CA GLY C 129 -16.66 -21.46 -4.12
C GLY C 129 -15.40 -22.28 -4.14
N THR C 130 -15.43 -23.31 -4.97
CA THR C 130 -14.43 -24.38 -4.93
C THR C 130 -13.63 -24.46 -6.23
N THR C 131 -14.34 -24.49 -7.35
CA THR C 131 -13.67 -24.55 -8.62
C THR C 131 -12.76 -23.33 -8.83
N GLU C 132 -13.22 -22.16 -8.39
CA GLU C 132 -12.48 -20.90 -8.53
C GLU C 132 -11.02 -20.98 -8.07
N PRO C 133 -10.78 -21.05 -6.75
CA PRO C 133 -9.37 -21.09 -6.33
C PRO C 133 -8.66 -22.37 -6.80
N LEU C 134 -9.41 -23.42 -7.11
CA LEU C 134 -8.84 -24.69 -7.54
C LEU C 134 -8.33 -24.57 -8.96
N THR C 135 -9.22 -24.30 -9.88
CA THR C 135 -8.83 -23.93 -11.22
C THR C 135 -7.55 -23.07 -11.20
N PHE C 136 -7.36 -22.25 -10.17
CA PHE C 136 -6.14 -21.43 -10.10
C PHE C 136 -4.92 -22.18 -9.58
N TYR C 137 -5.12 -23.11 -8.66
CA TYR C 137 -4.01 -23.90 -8.16
C TYR C 137 -3.70 -24.99 -9.16
N ARG C 138 -4.76 -25.49 -9.76
CA ARG C 138 -4.66 -26.57 -10.71
C ARG C 138 -3.86 -26.07 -11.91
N ASN C 139 -4.29 -24.96 -12.48
CA ASN C 139 -3.71 -24.45 -13.73
C ASN C 139 -2.70 -23.33 -13.53
N GLY C 140 -2.81 -22.61 -12.42
CA GLY C 140 -1.91 -21.49 -12.17
C GLY C 140 -2.45 -20.25 -12.84
N VAL C 141 -1.86 -19.10 -12.57
CA VAL C 141 -2.35 -17.87 -13.15
C VAL C 141 -1.29 -17.29 -14.05
N PRO C 142 -1.69 -16.45 -15.00
CA PRO C 142 -0.67 -15.88 -15.87
C PRO C 142 0.23 -15.15 -14.91
N GLY C 143 1.53 -15.33 -15.07
CA GLY C 143 2.49 -14.72 -14.18
C GLY C 143 2.67 -15.57 -12.94
N HIS C 144 1.98 -16.71 -12.83
CA HIS C 144 2.17 -17.56 -11.66
C HIS C 144 2.35 -19.04 -12.02
N ASP C 145 3.35 -19.70 -11.43
CA ASP C 145 3.59 -21.12 -11.68
C ASP C 145 2.37 -21.84 -11.12
N GLU C 146 1.96 -22.96 -11.72
CA GLU C 146 0.77 -23.59 -11.21
C GLU C 146 1.05 -24.09 -9.80
N HIS C 147 0.07 -24.77 -9.20
CA HIS C 147 0.14 -25.10 -7.78
C HIS C 147 0.75 -23.92 -7.03
N ASN C 148 -0.02 -22.83 -6.93
CA ASN C 148 0.43 -21.65 -6.20
C ASN C 148 -0.64 -21.16 -5.24
N VAL C 149 -0.64 -21.66 -4.01
CA VAL C 149 -1.73 -21.37 -3.08
C VAL C 149 -1.95 -19.87 -2.88
N GLY C 150 -0.92 -19.19 -2.39
CA GLY C 150 -0.99 -17.76 -2.14
C GLY C 150 -1.61 -17.00 -3.29
N VAL C 151 -1.01 -17.11 -4.48
CA VAL C 151 -1.56 -16.44 -5.65
C VAL C 151 -2.98 -16.89 -5.85
N ALA C 152 -3.14 -18.18 -6.12
CA ALA C 152 -4.43 -18.75 -6.46
C ALA C 152 -5.53 -18.16 -5.62
N MET C 153 -5.31 -18.16 -4.30
CA MET C 153 -6.26 -17.65 -3.31
C MET C 153 -6.50 -16.14 -3.46
N SER C 154 -5.40 -15.40 -3.57
CA SER C 154 -5.41 -13.96 -3.67
C SER C 154 -6.05 -13.46 -4.95
N THR C 155 -6.15 -14.32 -5.96
CA THR C 155 -6.73 -13.90 -7.22
C THR C 155 -8.23 -13.97 -7.05
N THR C 156 -8.66 -15.03 -6.35
CA THR C 156 -10.07 -15.28 -6.06
C THR C 156 -10.59 -14.19 -5.13
N MET C 157 -9.77 -13.85 -4.14
CA MET C 157 -10.13 -12.82 -3.19
C MET C 157 -10.27 -11.55 -4.00
N PHE C 158 -9.36 -11.38 -4.96
CA PHE C 158 -9.38 -10.24 -5.84
C PHE C 158 -10.74 -10.01 -6.45
N HIS C 159 -11.41 -11.07 -6.88
CA HIS C 159 -12.64 -10.90 -7.63
C HIS C 159 -13.81 -10.60 -6.74
N TRP C 160 -13.70 -11.01 -5.48
CA TRP C 160 -14.88 -11.16 -4.67
C TRP C 160 -14.92 -10.25 -3.44
N THR C 161 -13.93 -9.37 -3.31
CA THR C 161 -13.87 -8.48 -2.16
C THR C 161 -14.21 -7.00 -2.45
N LEU C 162 -13.20 -6.16 -2.33
CA LEU C 162 -13.33 -4.71 -2.53
C LEU C 162 -13.73 -4.21 -3.92
N HIS C 163 -13.17 -4.80 -4.96
CA HIS C 163 -13.47 -4.33 -6.32
C HIS C 163 -14.94 -4.55 -6.68
N PRO C 164 -15.46 -5.72 -6.31
CA PRO C 164 -16.87 -6.05 -6.56
C PRO C 164 -17.79 -5.16 -5.73
N TRP C 165 -17.35 -4.93 -4.49
CA TRP C 165 -18.08 -4.16 -3.50
C TRP C 165 -17.84 -2.65 -3.56
N ALA C 166 -16.78 -2.22 -4.24
CA ALA C 166 -16.60 -0.79 -4.51
C ALA C 166 -17.69 -0.35 -5.46
N ILE C 167 -17.84 -1.11 -6.55
CA ILE C 167 -18.98 -0.97 -7.45
C ILE C 167 -20.33 -0.91 -6.73
N TYR C 168 -20.63 -1.90 -5.89
CA TYR C 168 -21.92 -1.91 -5.23
C TYR C 168 -22.13 -0.64 -4.39
N ALA C 169 -21.14 -0.29 -3.57
CA ALA C 169 -21.17 0.96 -2.83
C ALA C 169 -21.26 2.16 -3.77
N ILE C 170 -20.52 2.16 -4.88
CA ILE C 170 -20.60 3.29 -5.82
C ILE C 170 -22.03 3.59 -6.20
N VAL C 171 -22.81 2.52 -6.40
CA VAL C 171 -24.19 2.62 -6.86
C VAL C 171 -25.12 2.76 -5.67
N GLY C 172 -24.82 2.02 -4.60
CA GLY C 172 -25.58 2.10 -3.36
C GLY C 172 -25.67 3.51 -2.81
N LEU C 173 -24.51 4.10 -2.61
CA LEU C 173 -24.40 5.50 -2.22
C LEU C 173 -25.28 6.39 -3.08
N ALA C 174 -25.04 6.35 -4.39
CA ALA C 174 -25.80 7.14 -5.35
C ALA C 174 -27.30 7.05 -5.11
N ILE C 175 -27.79 5.84 -4.87
CA ILE C 175 -29.23 5.63 -4.63
C ILE C 175 -29.66 6.08 -3.24
N ALA C 176 -28.96 5.58 -2.22
CA ALA C 176 -29.24 5.91 -0.84
C ALA C 176 -29.13 7.41 -0.60
N TYR C 177 -28.30 8.06 -1.40
CA TYR C 177 -28.15 9.49 -1.29
C TYR C 177 -29.26 10.20 -2.04
N SER C 178 -29.55 9.82 -3.28
CA SER C 178 -30.59 10.61 -3.94
C SER C 178 -31.95 10.55 -3.24
N THR C 179 -32.44 9.35 -2.92
CA THR C 179 -33.73 9.26 -2.23
C THR C 179 -33.75 9.80 -0.80
N PHE C 180 -32.72 9.44 -0.04
CA PHE C 180 -32.55 9.82 1.37
C PHE C 180 -32.23 11.27 1.77
N ARG C 181 -31.35 11.89 1.00
CA ARG C 181 -30.85 13.24 1.28
C ARG C 181 -31.48 14.34 0.46
N VAL C 182 -31.48 14.20 -0.84
CA VAL C 182 -31.98 15.25 -1.70
C VAL C 182 -33.43 14.94 -2.01
N GLY C 183 -33.88 13.81 -1.47
CA GLY C 183 -35.24 13.35 -1.66
C GLY C 183 -35.72 13.35 -3.10
N ARG C 184 -35.14 12.49 -3.92
CA ARG C 184 -35.63 12.25 -5.26
C ARG C 184 -36.24 10.86 -5.33
N LYS C 185 -36.56 10.42 -6.54
CA LYS C 185 -37.15 9.09 -6.75
C LYS C 185 -36.06 8.03 -6.70
N GLN C 186 -36.42 6.85 -6.20
CA GLN C 186 -35.51 5.71 -6.11
C GLN C 186 -35.23 5.13 -7.51
N LEU C 187 -34.48 5.88 -8.28
CA LEU C 187 -34.17 5.53 -9.67
C LEU C 187 -32.77 5.99 -10.00
N LEU C 188 -31.98 5.11 -10.59
CA LEU C 188 -30.63 5.47 -10.94
C LEU C 188 -30.57 6.81 -11.68
N SER C 189 -31.57 7.05 -12.51
CA SER C 189 -31.62 8.31 -13.25
C SER C 189 -31.70 9.49 -12.30
N SER C 190 -32.52 9.34 -11.26
CA SER C 190 -32.70 10.37 -10.24
C SER C 190 -31.42 10.57 -9.43
N ALA C 191 -30.32 10.03 -9.92
CA ALA C 191 -29.07 10.12 -9.23
C ALA C 191 -28.05 10.68 -10.22
N PHE C 192 -28.55 11.01 -11.41
CA PHE C 192 -27.74 11.67 -12.43
C PHE C 192 -28.20 13.10 -12.60
N VAL C 193 -29.25 13.46 -11.86
CA VAL C 193 -29.89 14.76 -12.02
C VAL C 193 -28.92 15.93 -11.96
N PRO C 194 -27.88 15.84 -11.14
CA PRO C 194 -26.92 16.94 -11.08
C PRO C 194 -26.23 17.12 -12.45
N LEU C 195 -25.90 16.03 -13.13
CA LEU C 195 -25.24 16.08 -14.44
C LEU C 195 -26.16 16.02 -15.68
N ILE C 196 -27.45 15.81 -15.49
CA ILE C 196 -28.33 15.72 -16.64
C ILE C 196 -29.62 16.48 -16.40
N GLY C 197 -30.17 17.03 -17.48
CA GLY C 197 -31.42 17.73 -17.35
C GLY C 197 -32.39 16.66 -16.89
N GLU C 198 -33.23 16.97 -15.91
CA GLU C 198 -33.35 18.29 -15.32
C GLU C 198 -34.60 18.83 -15.96
N LYS C 199 -35.37 19.64 -15.25
CA LYS C 199 -36.59 20.13 -15.84
C LYS C 199 -37.29 18.83 -16.21
N GLY C 200 -37.18 17.85 -15.32
CA GLY C 200 -37.74 16.53 -15.54
C GLY C 200 -36.66 15.61 -16.13
N ALA C 201 -35.82 15.05 -15.25
CA ALA C 201 -34.73 14.17 -15.64
C ALA C 201 -35.25 12.89 -16.30
N GLU C 202 -34.50 12.37 -17.26
CA GLU C 202 -34.92 11.17 -17.98
C GLU C 202 -35.45 11.45 -19.39
N GLY C 203 -35.11 12.62 -19.94
CA GLY C 203 -35.41 12.93 -21.33
C GLY C 203 -34.78 11.92 -22.27
N TRP C 204 -34.08 12.40 -23.31
CA TRP C 204 -33.35 11.50 -24.18
C TRP C 204 -32.68 10.48 -23.27
N LEU C 205 -31.92 11.02 -22.32
CA LEU C 205 -31.17 10.25 -21.33
C LEU C 205 -32.05 9.85 -20.18
N GLY C 206 -31.71 8.76 -19.49
CA GLY C 206 -32.35 8.51 -18.20
C GLY C 206 -33.43 7.45 -18.27
N LYS C 207 -34.44 7.69 -19.10
CA LYS C 207 -35.27 6.59 -19.56
C LYS C 207 -34.24 5.57 -20.01
N LEU C 208 -33.33 6.06 -20.86
CA LEU C 208 -32.24 5.26 -21.35
C LEU C 208 -31.55 4.57 -20.19
N ILE C 209 -31.05 5.38 -19.25
CA ILE C 209 -30.28 4.84 -18.12
C ILE C 209 -31.02 3.74 -17.36
N ASP C 210 -32.25 4.01 -16.93
CA ASP C 210 -33.02 3.00 -16.23
C ASP C 210 -33.16 1.75 -17.10
N ILE C 211 -33.34 1.95 -18.40
CA ILE C 211 -33.47 0.84 -19.32
C ILE C 211 -32.18 0.00 -19.29
N LEU C 212 -31.04 0.67 -19.27
CA LEU C 212 -29.75 0.02 -19.12
C LEU C 212 -29.58 -0.67 -17.77
N ALA C 213 -30.37 -0.26 -16.79
CA ALA C 213 -30.41 -0.93 -15.49
C ALA C 213 -31.18 -2.24 -15.60
N ILE C 214 -32.49 -2.15 -15.82
CA ILE C 214 -33.33 -3.33 -15.96
C ILE C 214 -32.60 -4.45 -16.70
N ILE C 215 -32.22 -4.17 -17.93
CA ILE C 215 -31.58 -5.16 -18.79
C ILE C 215 -30.40 -5.82 -18.11
N ALA C 216 -29.48 -4.99 -17.61
CA ALA C 216 -28.30 -5.52 -16.96
C ALA C 216 -28.69 -6.30 -15.72
N THR C 217 -29.72 -5.84 -15.01
CA THR C 217 -30.19 -6.53 -13.82
C THR C 217 -30.79 -7.89 -14.16
N VAL C 218 -31.32 -8.01 -15.38
CA VAL C 218 -31.92 -9.27 -15.80
C VAL C 218 -30.85 -10.33 -16.04
N PHE C 219 -29.88 -10.00 -16.88
CA PHE C 219 -28.83 -10.95 -17.26
C PHE C 219 -27.85 -11.21 -16.12
N GLY C 220 -27.73 -10.25 -15.21
CA GLY C 220 -26.93 -10.47 -14.03
C GLY C 220 -27.56 -11.63 -13.30
N THR C 221 -28.73 -11.39 -12.72
CA THR C 221 -29.47 -12.42 -12.00
C THR C 221 -29.64 -13.69 -12.82
N ALA C 222 -29.68 -13.53 -14.14
CA ALA C 222 -29.84 -14.65 -15.05
C ALA C 222 -28.77 -15.68 -14.82
N CYS C 223 -27.51 -15.25 -14.90
CA CYS C 223 -26.39 -16.16 -14.68
C CYS C 223 -26.58 -16.89 -13.37
N SER C 224 -26.87 -16.12 -12.32
CA SER C 224 -27.00 -16.67 -10.98
C SER C 224 -28.12 -17.69 -11.03
N LEU C 225 -29.19 -17.35 -11.75
CA LEU C 225 -30.27 -18.33 -11.94
C LEU C 225 -29.77 -19.46 -12.83
N GLY C 226 -28.96 -19.09 -13.83
CA GLY C 226 -28.43 -20.01 -14.82
C GLY C 226 -27.47 -21.04 -14.25
N LEU C 227 -26.28 -20.61 -13.87
CA LEU C 227 -25.29 -21.54 -13.36
C LEU C 227 -25.77 -22.17 -12.05
N GLY C 228 -26.69 -21.49 -11.38
CA GLY C 228 -27.28 -22.01 -10.17
C GLY C 228 -28.13 -23.22 -10.50
N ALA C 229 -28.81 -23.15 -11.64
CA ALA C 229 -29.66 -24.24 -12.10
C ALA C 229 -28.85 -25.49 -12.39
N LEU C 230 -27.90 -25.37 -13.32
CA LEU C 230 -27.12 -26.52 -13.75
C LEU C 230 -26.13 -27.00 -12.68
N GLN C 231 -26.04 -26.23 -11.60
CA GLN C 231 -25.23 -26.66 -10.49
C GLN C 231 -26.06 -27.80 -9.92
N ILE C 232 -27.37 -27.52 -9.84
CA ILE C 232 -28.40 -28.44 -9.33
C ILE C 232 -28.67 -29.71 -10.14
N GLY C 233 -28.69 -29.61 -11.45
CA GLY C 233 -28.95 -30.75 -12.30
C GLY C 233 -27.83 -31.73 -12.01
N ALA C 234 -26.64 -31.16 -11.88
CA ALA C 234 -25.43 -31.90 -11.54
C ALA C 234 -25.60 -32.57 -10.18
N GLY C 235 -26.06 -31.79 -9.20
CA GLY C 235 -26.19 -32.28 -7.85
C GLY C 235 -27.12 -33.46 -7.74
N LEU C 236 -28.06 -33.57 -8.68
CA LEU C 236 -29.05 -34.63 -8.71
C LEU C 236 -28.35 -35.98 -8.79
N SER C 237 -27.11 -35.96 -9.26
CA SER C 237 -26.31 -37.17 -9.38
C SER C 237 -26.10 -37.79 -8.01
N ALA C 238 -25.93 -36.96 -6.98
CA ALA C 238 -25.70 -37.47 -5.62
C ALA C 238 -26.86 -38.34 -5.14
N ALA C 239 -28.09 -37.90 -5.39
CA ALA C 239 -29.25 -38.73 -5.02
C ALA C 239 -29.72 -39.76 -6.05
N ASN C 240 -29.73 -39.37 -7.32
CA ASN C 240 -30.20 -40.23 -8.41
C ASN C 240 -29.28 -40.25 -9.64
N ILE C 241 -29.41 -41.29 -10.47
CA ILE C 241 -28.54 -41.39 -11.64
C ILE C 241 -29.13 -42.29 -12.73
N ILE C 242 -30.08 -41.77 -13.51
CA ILE C 242 -30.59 -40.42 -13.32
C ILE C 242 -32.10 -40.38 -13.55
N ASP C 247 -30.75 -35.75 -19.84
CA ASP C 247 -30.54 -34.71 -18.83
C ASP C 247 -30.67 -33.31 -19.42
N TRP C 248 -30.44 -33.19 -20.72
CA TRP C 248 -30.51 -31.90 -21.39
C TRP C 248 -31.88 -31.26 -21.19
N THR C 249 -32.90 -32.09 -21.07
CA THR C 249 -34.25 -31.62 -20.80
C THR C 249 -34.45 -31.38 -19.29
N ILE C 250 -33.63 -32.04 -18.49
CA ILE C 250 -33.75 -31.97 -17.03
C ILE C 250 -33.46 -30.57 -16.48
N VAL C 251 -32.65 -29.79 -17.18
CA VAL C 251 -32.39 -28.41 -16.76
C VAL C 251 -33.63 -27.56 -17.03
N GLY C 252 -34.39 -27.94 -18.05
CA GLY C 252 -35.64 -27.28 -18.36
C GLY C 252 -36.61 -27.41 -17.21
N ILE C 253 -36.55 -28.54 -16.52
CA ILE C 253 -37.45 -28.82 -15.40
C ILE C 253 -36.98 -28.14 -14.14
N VAL C 254 -35.67 -28.13 -13.94
CA VAL C 254 -35.08 -27.61 -12.72
C VAL C 254 -35.55 -26.20 -12.37
N SER C 255 -35.45 -25.30 -13.36
CA SER C 255 -35.85 -23.92 -13.15
C SER C 255 -37.38 -23.77 -13.15
N VAL C 256 -38.02 -24.23 -14.22
CA VAL C 256 -39.46 -24.00 -14.41
C VAL C 256 -40.29 -24.48 -13.23
N LEU C 257 -39.68 -25.23 -12.32
CA LEU C 257 -40.40 -25.67 -11.13
C LEU C 257 -40.25 -24.68 -9.97
N THR C 258 -39.01 -24.28 -9.67
CA THR C 258 -38.78 -23.25 -8.66
C THR C 258 -39.20 -21.90 -9.22
N LEU C 259 -39.25 -21.82 -10.55
CA LEU C 259 -39.73 -20.63 -11.22
C LEU C 259 -41.24 -20.57 -11.10
N ALA C 260 -41.87 -21.74 -11.01
CA ALA C 260 -43.28 -21.79 -10.70
C ALA C 260 -43.45 -21.39 -9.24
N PHE C 261 -42.42 -21.70 -8.45
CA PHE C 261 -42.46 -21.45 -7.02
C PHE C 261 -41.89 -20.09 -6.63
N ILE C 262 -41.70 -19.21 -7.61
CA ILE C 262 -41.46 -17.80 -7.31
C ILE C 262 -42.83 -17.15 -7.14
N PHE C 263 -43.83 -17.75 -7.77
CA PHE C 263 -45.22 -17.29 -7.66
C PHE C 263 -45.90 -17.70 -6.36
N SER C 264 -45.73 -18.96 -5.95
CA SER C 264 -46.23 -19.36 -4.65
C SER C 264 -45.53 -18.49 -3.63
N ALA C 265 -44.40 -17.95 -4.05
CA ALA C 265 -43.55 -17.12 -3.19
C ALA C 265 -43.96 -15.65 -3.19
N ILE C 266 -44.35 -15.15 -4.35
CA ILE C 266 -44.77 -13.75 -4.48
C ILE C 266 -46.23 -13.64 -4.91
N SER C 267 -46.68 -14.59 -5.72
CA SER C 267 -48.05 -14.59 -6.21
C SER C 267 -49.05 -14.75 -5.08
N GLY C 268 -48.73 -15.62 -4.13
CA GLY C 268 -49.59 -15.87 -2.98
C GLY C 268 -48.80 -15.82 -1.69
N VAL C 269 -48.40 -14.62 -1.28
CA VAL C 269 -47.64 -14.45 -0.06
C VAL C 269 -48.47 -14.86 1.15
N GLY C 270 -47.83 -15.55 2.10
CA GLY C 270 -48.51 -15.99 3.30
C GLY C 270 -47.79 -15.42 4.51
N LYS C 271 -48.54 -14.82 5.41
CA LYS C 271 -47.96 -14.22 6.60
C LYS C 271 -46.94 -13.16 6.17
N GLY C 272 -45.73 -13.23 6.71
CA GLY C 272 -44.69 -12.29 6.36
C GLY C 272 -43.78 -12.89 5.31
N ILE C 273 -43.56 -12.12 4.25
CA ILE C 273 -42.74 -12.58 3.12
C ILE C 273 -41.30 -12.90 3.50
N GLN C 274 -40.69 -12.08 4.35
CA GLN C 274 -39.32 -12.37 4.74
C GLN C 274 -39.36 -13.74 5.40
N TYR C 275 -38.38 -14.56 5.16
CA TYR C 275 -38.38 -15.89 5.79
C TYR C 275 -37.31 -16.83 5.26
N LEU C 276 -37.02 -16.80 3.97
CA LEU C 276 -36.02 -17.71 3.42
C LEU C 276 -34.64 -17.09 3.49
N SER C 277 -34.58 -15.77 3.61
CA SER C 277 -33.30 -15.10 3.72
C SER C 277 -32.52 -15.77 4.82
N ASN C 278 -33.19 -16.13 5.91
CA ASN C 278 -32.51 -16.84 6.98
C ASN C 278 -32.46 -18.32 6.67
N ALA C 279 -33.53 -18.81 6.06
CA ALA C 279 -33.63 -20.21 5.63
C ALA C 279 -32.45 -20.54 4.73
N ASN C 280 -31.83 -19.50 4.18
CA ASN C 280 -30.61 -19.63 3.41
C ASN C 280 -29.43 -19.66 4.33
N MET C 281 -29.35 -18.65 5.18
CA MET C 281 -28.18 -18.49 6.01
C MET C 281 -27.86 -19.75 6.80
N VAL C 282 -28.88 -20.41 7.31
CA VAL C 282 -28.58 -21.57 8.15
C VAL C 282 -27.90 -22.70 7.38
N LEU C 283 -28.51 -23.16 6.31
CA LEU C 283 -27.85 -24.15 5.47
C LEU C 283 -26.40 -23.73 5.14
N ALA C 284 -26.22 -22.56 4.53
CA ALA C 284 -24.88 -22.04 4.24
C ALA C 284 -23.98 -22.11 5.47
N ALA C 285 -24.56 -21.95 6.65
CA ALA C 285 -23.84 -22.11 7.91
C ALA C 285 -23.50 -23.58 8.17
N LEU C 286 -24.44 -24.48 7.96
CA LEU C 286 -24.12 -25.88 8.20
C LEU C 286 -22.93 -26.27 7.30
N LEU C 287 -22.95 -25.82 6.04
CA LEU C 287 -21.85 -26.14 5.13
C LEU C 287 -20.48 -25.57 5.51
N ALA C 288 -20.43 -24.30 5.94
CA ALA C 288 -19.17 -23.66 6.32
C ALA C 288 -18.57 -24.33 7.55
N ILE C 289 -19.45 -24.61 8.50
CA ILE C 289 -19.15 -25.27 9.78
C ILE C 289 -18.84 -26.74 9.53
N PHE C 290 -19.73 -27.44 8.83
CA PHE C 290 -19.53 -28.83 8.49
C PHE C 290 -18.10 -29.05 8.02
N VAL C 291 -17.80 -28.47 6.86
CA VAL C 291 -16.51 -28.68 6.21
C VAL C 291 -15.33 -28.05 6.96
N PHE C 292 -15.57 -27.02 7.75
CA PHE C 292 -14.50 -26.38 8.50
C PHE C 292 -13.80 -27.40 9.38
N VAL C 293 -14.59 -28.08 10.21
CA VAL C 293 -14.09 -29.07 11.15
C VAL C 293 -13.70 -30.39 10.47
N VAL C 294 -14.64 -31.01 9.76
CA VAL C 294 -14.34 -32.26 9.07
C VAL C 294 -13.13 -32.07 8.14
N GLY C 295 -13.23 -31.12 7.23
CA GLY C 295 -12.14 -30.82 6.32
C GLY C 295 -10.91 -30.37 7.06
N PRO C 296 -9.79 -30.18 6.33
CA PRO C 296 -8.49 -29.78 6.88
C PRO C 296 -8.59 -28.46 7.62
N THR C 297 -9.00 -28.52 8.89
CA THR C 297 -9.35 -27.32 9.63
C THR C 297 -8.17 -26.36 9.72
N VAL C 298 -7.09 -26.82 10.35
CA VAL C 298 -5.89 -26.00 10.52
C VAL C 298 -5.40 -25.35 9.23
N SER C 299 -5.50 -26.07 8.13
CA SER C 299 -5.25 -25.50 6.82
C SER C 299 -6.23 -24.35 6.60
N ILE C 300 -7.52 -24.67 6.64
CA ILE C 300 -8.55 -23.67 6.40
C ILE C 300 -8.28 -22.44 7.23
N LEU C 301 -7.97 -22.64 8.51
CA LEU C 301 -7.58 -21.54 9.39
C LEU C 301 -6.32 -20.87 8.88
N ASN C 302 -5.36 -21.66 8.41
CA ASN C 302 -4.13 -21.09 7.88
C ASN C 302 -4.35 -20.19 6.69
N LEU C 303 -5.45 -20.40 5.97
CA LEU C 303 -5.78 -19.56 4.81
C LEU C 303 -6.30 -18.16 5.17
N LEU C 304 -6.76 -17.97 6.41
CA LEU C 304 -7.31 -16.68 6.82
C LEU C 304 -6.24 -15.61 6.89
N PRO C 305 -5.22 -15.80 7.74
CA PRO C 305 -4.12 -14.84 7.64
C PRO C 305 -3.54 -14.90 6.24
N GLY C 306 -3.16 -16.11 5.81
CA GLY C 306 -2.52 -16.32 4.53
C GLY C 306 -3.15 -15.60 3.36
N SER C 307 -4.47 -15.71 3.23
CA SER C 307 -5.13 -15.20 2.04
C SER C 307 -5.40 -13.71 2.10
N ILE C 308 -5.59 -13.17 3.30
CA ILE C 308 -5.77 -11.73 3.40
C ILE C 308 -4.46 -11.08 2.96
N GLY C 309 -3.34 -11.64 3.42
CA GLY C 309 -2.01 -11.14 3.10
C GLY C 309 -1.53 -11.18 1.66
N ASN C 310 -1.79 -12.28 0.96
CA ASN C 310 -1.38 -12.39 -0.44
C ASN C 310 -2.15 -11.35 -1.22
N TYR C 311 -3.41 -11.24 -0.85
CA TYR C 311 -4.37 -10.29 -1.40
C TYR C 311 -3.79 -8.87 -1.37
N LEU C 312 -3.71 -8.32 -0.17
CA LEU C 312 -3.03 -7.07 0.09
C LEU C 312 -1.72 -6.97 -0.67
N SER C 313 -0.85 -7.96 -0.53
CA SER C 313 0.44 -7.98 -1.22
C SER C 313 0.28 -8.04 -2.73
N ASN C 314 -0.68 -8.82 -3.20
CA ASN C 314 -0.90 -8.97 -4.64
C ASN C 314 -1.94 -8.00 -5.21
N PHE C 315 -2.46 -7.13 -4.36
CA PHE C 315 -3.49 -6.18 -4.77
C PHE C 315 -3.13 -5.29 -5.97
N PHE C 316 -1.90 -4.79 -6.05
CA PHE C 316 -1.56 -3.94 -7.20
C PHE C 316 -1.11 -4.75 -8.43
N GLN C 317 -0.29 -5.78 -8.19
CA GLN C 317 0.23 -6.64 -9.24
C GLN C 317 -0.90 -7.24 -10.06
N MET C 318 -1.96 -7.72 -9.39
CA MET C 318 -3.15 -8.16 -10.11
C MET C 318 -4.03 -7.00 -10.62
N ALA C 319 -3.90 -5.85 -10.00
CA ALA C 319 -4.65 -4.70 -10.45
C ALA C 319 -4.23 -4.35 -11.88
N GLY C 320 -2.98 -4.65 -12.23
CA GLY C 320 -2.42 -4.18 -13.48
C GLY C 320 -2.32 -5.26 -14.53
N ARG C 321 -2.87 -6.42 -14.21
CA ARG C 321 -2.96 -7.53 -15.15
C ARG C 321 -3.93 -7.19 -16.28
N THR C 322 -3.41 -6.75 -17.43
CA THR C 322 -4.24 -6.62 -18.63
C THR C 322 -3.90 -7.72 -19.60
N ALA C 323 -4.19 -7.50 -20.88
CA ALA C 323 -3.86 -8.50 -21.90
C ALA C 323 -2.49 -8.26 -22.52
N MET C 324 -1.62 -7.54 -21.82
CA MET C 324 -0.25 -7.40 -22.29
C MET C 324 0.63 -8.23 -21.43
N SER C 325 0.34 -8.32 -20.14
CA SER C 325 0.95 -9.34 -19.29
C SER C 325 0.04 -10.51 -19.53
N ALA C 326 0.59 -11.71 -19.59
CA ALA C 326 2.02 -11.88 -19.47
C ALA C 326 2.50 -12.17 -20.87
N ASP C 327 3.27 -11.25 -21.42
CA ASP C 327 3.76 -11.41 -22.78
C ASP C 327 2.53 -11.29 -23.66
N GLY C 328 1.46 -10.71 -23.11
CA GLY C 328 0.22 -10.55 -23.85
C GLY C 328 -0.63 -11.82 -23.87
N THR C 329 -0.20 -12.82 -23.11
CA THR C 329 -0.92 -14.08 -23.04
C THR C 329 -2.04 -14.16 -21.98
N ALA C 330 -2.17 -13.13 -21.16
CA ALA C 330 -3.20 -13.15 -20.13
C ALA C 330 -4.49 -12.68 -20.75
N GLY C 331 -4.41 -12.15 -21.97
CA GLY C 331 -5.60 -11.80 -22.72
C GLY C 331 -6.69 -12.83 -22.50
N GLU C 332 -6.38 -14.09 -22.83
CA GLU C 332 -7.35 -15.17 -22.86
C GLU C 332 -7.89 -15.50 -21.48
N TRP C 333 -6.98 -15.50 -20.50
CA TRP C 333 -7.31 -15.83 -19.12
C TRP C 333 -8.27 -14.79 -18.55
N LEU C 334 -8.01 -13.52 -18.88
CA LEU C 334 -8.86 -12.42 -18.42
C LEU C 334 -10.27 -12.63 -18.92
N GLY C 335 -10.40 -12.93 -20.21
CA GLY C 335 -11.71 -13.18 -20.80
C GLY C 335 -12.57 -14.09 -19.97
N SER C 336 -12.08 -15.29 -19.68
CA SER C 336 -12.86 -16.26 -18.92
C SER C 336 -13.24 -15.94 -17.46
N TRP C 337 -12.29 -15.37 -16.77
CA TRP C 337 -12.47 -15.02 -15.40
C TRP C 337 -12.58 -13.58 -15.10
N THR C 338 -11.44 -13.09 -14.80
CA THR C 338 -11.22 -11.76 -14.23
C THR C 338 -12.10 -10.64 -14.77
N ILE C 339 -12.25 -10.63 -16.09
CA ILE C 339 -13.09 -9.68 -16.82
C ILE C 339 -14.57 -9.91 -16.52
N PHE C 340 -14.93 -11.19 -16.41
CA PHE C 340 -16.31 -11.59 -16.15
C PHE C 340 -16.79 -11.07 -14.81
N TYR C 341 -15.91 -11.11 -13.81
CA TYR C 341 -16.27 -10.62 -12.49
C TYR C 341 -16.57 -9.14 -12.65
N TRP C 342 -15.79 -8.49 -13.47
CA TRP C 342 -15.99 -7.13 -13.68
C TRP C 342 -17.30 -6.86 -14.34
N ALA C 343 -17.62 -7.60 -15.38
CA ALA C 343 -18.90 -7.42 -16.06
C ALA C 343 -20.08 -7.81 -15.16
N TRP C 344 -19.92 -8.94 -14.47
CA TRP C 344 -20.96 -9.46 -13.58
C TRP C 344 -21.30 -8.59 -12.37
N TRP C 345 -20.29 -8.02 -11.72
CA TRP C 345 -20.51 -7.18 -10.57
C TRP C 345 -21.29 -5.93 -10.96
N ILE C 346 -20.94 -5.41 -12.12
CA ILE C 346 -21.55 -4.21 -12.70
C ILE C 346 -23.01 -4.44 -13.05
N SER C 347 -23.30 -5.54 -13.72
CA SER C 347 -24.66 -5.82 -14.17
C SER C 347 -25.57 -6.26 -13.02
N TRP C 348 -25.05 -6.19 -11.80
CA TRP C 348 -25.84 -6.53 -10.62
C TRP C 348 -26.02 -5.31 -9.71
N SER C 349 -25.04 -4.39 -9.76
CA SER C 349 -25.07 -3.17 -8.95
C SER C 349 -26.44 -2.48 -8.88
N PRO C 350 -27.25 -2.58 -9.94
CA PRO C 350 -28.63 -2.11 -9.80
C PRO C 350 -29.40 -2.87 -8.72
N PHE C 351 -29.01 -4.08 -8.37
CA PHE C 351 -29.77 -4.74 -7.34
C PHE C 351 -29.12 -4.61 -5.99
N VAL C 352 -27.86 -5.01 -5.86
CA VAL C 352 -27.19 -4.77 -4.60
C VAL C 352 -27.29 -3.30 -4.20
N GLY C 353 -27.17 -2.43 -5.20
CA GLY C 353 -27.16 -0.99 -4.99
C GLY C 353 -28.39 -0.45 -4.31
N MET C 354 -29.56 -0.88 -4.76
CA MET C 354 -30.80 -0.52 -4.08
C MET C 354 -30.93 -1.25 -2.76
N PHE C 355 -30.59 -2.53 -2.73
CA PHE C 355 -30.67 -3.31 -1.50
C PHE C 355 -29.91 -2.62 -0.35
N LEU C 356 -28.60 -2.48 -0.53
CA LEU C 356 -27.74 -1.86 0.44
C LEU C 356 -28.25 -0.50 0.77
N ALA C 357 -28.64 0.26 -0.25
CA ALA C 357 -29.23 1.59 -0.06
C ALA C 357 -30.46 1.56 0.87
N ARG C 358 -31.41 0.70 0.52
CA ARG C 358 -32.65 0.59 1.23
C ARG C 358 -32.39 0.33 2.70
N ILE C 359 -31.67 -0.73 3.00
CA ILE C 359 -31.22 -0.97 4.35
C ILE C 359 -30.51 0.23 5.00
N SER C 360 -29.69 0.88 4.20
CA SER C 360 -28.75 1.88 4.68
C SER C 360 -29.33 3.10 5.37
N ARG C 361 -30.46 3.63 4.90
CA ARG C 361 -30.86 4.93 5.40
C ARG C 361 -30.49 4.98 6.88
N GLY C 362 -30.00 6.13 7.31
CA GLY C 362 -29.56 6.34 8.68
C GLY C 362 -28.07 6.25 8.95
N ARG C 363 -27.25 5.88 7.97
CA ARG C 363 -25.81 5.84 8.17
C ARG C 363 -25.13 7.08 7.59
N SER C 364 -23.82 7.12 7.77
CA SER C 364 -22.99 8.19 7.23
C SER C 364 -22.39 7.60 5.98
N ILE C 365 -21.96 8.44 5.04
CA ILE C 365 -21.38 7.92 3.81
C ILE C 365 -20.14 7.13 4.21
N ARG C 366 -19.39 7.69 5.15
CA ARG C 366 -18.18 7.05 5.66
C ARG C 366 -18.48 5.73 6.38
N GLU C 367 -19.57 5.69 7.15
CA GLU C 367 -19.93 4.51 7.92
C GLU C 367 -20.47 3.44 6.99
N PHE C 368 -21.07 3.88 5.89
CA PHE C 368 -21.75 2.98 4.99
C PHE C 368 -20.81 2.47 3.92
N ILE C 369 -19.82 3.27 3.54
CA ILE C 369 -18.74 2.74 2.69
C ILE C 369 -17.93 1.69 3.45
N LEU C 370 -17.23 2.09 4.50
CA LEU C 370 -16.36 1.16 5.22
C LEU C 370 -17.12 -0.11 5.56
N GLY C 371 -18.37 0.08 5.96
CA GLY C 371 -19.24 -1.05 6.22
C GLY C 371 -19.30 -1.93 4.98
N VAL C 372 -19.69 -1.39 3.84
CA VAL C 372 -19.84 -2.25 2.67
C VAL C 372 -18.59 -3.00 2.18
N LEU C 373 -17.45 -2.33 2.05
CA LEU C 373 -16.26 -3.05 1.59
C LEU C 373 -15.76 -4.11 2.57
N LEU C 374 -15.61 -3.74 3.83
CA LEU C 374 -15.14 -4.65 4.86
C LEU C 374 -16.05 -5.80 5.33
N VAL C 375 -17.32 -5.50 5.62
CA VAL C 375 -18.25 -6.52 6.12
C VAL C 375 -18.63 -7.72 5.25
N PRO C 376 -18.93 -7.48 3.98
CA PRO C 376 -19.29 -8.56 3.05
C PRO C 376 -18.08 -9.42 2.79
N ALA C 377 -16.97 -8.70 2.66
CA ALA C 377 -15.64 -9.21 2.33
C ALA C 377 -15.11 -10.22 3.33
N GLY C 378 -15.49 -10.07 4.60
CA GLY C 378 -15.14 -11.06 5.59
C GLY C 378 -15.60 -12.44 5.14
N VAL C 379 -16.91 -12.56 4.88
CA VAL C 379 -17.57 -13.77 4.38
C VAL C 379 -16.92 -14.36 3.12
N SER C 380 -16.84 -13.59 2.07
CA SER C 380 -16.25 -14.13 0.85
C SER C 380 -14.86 -14.67 1.15
N THR C 381 -14.08 -13.96 1.96
CA THR C 381 -12.75 -14.46 2.29
C THR C 381 -12.83 -15.79 3.06
N VAL C 382 -13.75 -15.88 4.03
CA VAL C 382 -13.94 -17.10 4.81
C VAL C 382 -14.45 -18.27 3.98
N TRP C 383 -15.40 -17.96 3.12
CA TRP C 383 -16.04 -18.91 2.19
C TRP C 383 -15.04 -19.62 1.27
N PHE C 384 -14.39 -18.88 0.37
CA PHE C 384 -13.39 -19.45 -0.53
C PHE C 384 -12.24 -20.09 0.24
N SER C 385 -12.01 -19.70 1.49
CA SER C 385 -10.93 -20.40 2.16
C SER C 385 -11.37 -21.85 2.43
N ILE C 386 -12.52 -22.01 3.08
CA ILE C 386 -13.07 -23.35 3.37
C ILE C 386 -13.63 -24.21 2.22
N PHE C 387 -14.45 -23.63 1.35
CA PHE C 387 -15.04 -24.40 0.25
C PHE C 387 -14.03 -24.68 -0.86
N GLY C 388 -13.23 -23.66 -1.16
CA GLY C 388 -12.23 -23.68 -2.19
C GLY C 388 -10.88 -24.12 -1.66
N GLY C 389 -10.68 -23.99 -0.36
CA GLY C 389 -9.40 -24.26 0.29
C GLY C 389 -9.16 -25.71 0.69
N THR C 390 -10.18 -26.54 0.53
CA THR C 390 -10.03 -27.96 0.73
C THR C 390 -9.78 -28.59 -0.63
N ALA C 391 -10.36 -27.99 -1.66
CA ALA C 391 -10.13 -28.45 -3.00
C ALA C 391 -8.64 -28.35 -3.31
N ILE C 392 -7.97 -27.38 -2.71
CA ILE C 392 -6.54 -27.20 -2.90
C ILE C 392 -5.75 -28.22 -2.08
N VAL C 393 -6.09 -28.32 -0.79
CA VAL C 393 -5.43 -29.27 0.10
C VAL C 393 -5.51 -30.67 -0.47
N PHE C 394 -6.74 -31.10 -0.76
CA PHE C 394 -6.99 -32.36 -1.44
C PHE C 394 -6.04 -32.53 -2.62
N GLU C 395 -6.08 -31.61 -3.57
CA GLU C 395 -5.23 -31.71 -4.76
C GLU C 395 -3.76 -31.91 -4.45
N GLN C 396 -3.41 -31.83 -3.17
CA GLN C 396 -2.01 -31.97 -2.78
C GLN C 396 -1.74 -33.35 -2.21
N ASN C 397 -2.81 -34.03 -1.83
CA ASN C 397 -2.71 -35.39 -1.31
C ASN C 397 -3.07 -36.40 -2.40
N GLY C 398 -3.40 -35.88 -3.59
CA GLY C 398 -3.68 -36.72 -4.73
C GLY C 398 -5.15 -37.09 -4.88
N GLU C 399 -5.96 -36.74 -3.89
CA GLU C 399 -7.38 -37.04 -3.93
C GLU C 399 -8.02 -36.37 -5.14
N SER C 400 -7.89 -35.06 -5.22
CA SER C 400 -8.27 -34.32 -6.42
C SER C 400 -9.74 -34.46 -6.79
N ILE C 401 -10.52 -33.44 -6.48
CA ILE C 401 -11.94 -33.46 -6.76
C ILE C 401 -12.23 -32.95 -8.17
N TRP C 402 -11.22 -32.89 -9.03
CA TRP C 402 -11.40 -32.22 -10.30
C TRP C 402 -12.65 -32.67 -11.05
N GLY C 403 -13.15 -33.86 -10.75
CA GLY C 403 -14.38 -34.35 -11.36
C GLY C 403 -14.47 -34.32 -12.87
N ASP C 404 -13.40 -34.68 -13.56
CA ASP C 404 -13.40 -34.71 -15.03
C ASP C 404 -13.23 -33.34 -15.68
N GLY C 405 -12.92 -32.33 -14.86
CA GLY C 405 -12.73 -30.97 -15.35
C GLY C 405 -13.94 -30.05 -15.45
N ALA C 406 -15.09 -30.49 -14.95
CA ALA C 406 -16.30 -29.67 -14.97
C ALA C 406 -16.42 -29.00 -13.62
N ALA C 407 -16.63 -27.69 -13.58
CA ALA C 407 -16.69 -27.02 -12.28
C ALA C 407 -18.06 -27.14 -11.62
N GLU C 408 -19.07 -27.46 -12.39
CA GLU C 408 -20.40 -27.53 -11.86
C GLU C 408 -20.52 -28.59 -10.82
N GLU C 409 -19.77 -29.67 -10.98
CA GLU C 409 -19.93 -30.85 -10.14
C GLU C 409 -18.92 -30.82 -9.00
N GLN C 410 -17.97 -29.90 -9.07
CA GLN C 410 -16.91 -29.86 -8.07
C GLN C 410 -17.46 -29.71 -6.64
N LEU C 411 -18.51 -28.91 -6.47
CA LEU C 411 -19.06 -28.74 -5.12
C LEU C 411 -19.62 -30.03 -4.51
N PHE C 412 -20.36 -30.82 -5.30
CA PHE C 412 -20.90 -32.09 -4.81
C PHE C 412 -19.76 -33.07 -4.52
N GLY C 413 -18.82 -33.05 -5.45
CA GLY C 413 -17.60 -33.85 -5.45
C GLY C 413 -16.74 -33.72 -4.19
N LEU C 414 -16.31 -32.51 -3.85
CA LEU C 414 -15.43 -32.36 -2.70
C LEU C 414 -16.14 -32.82 -1.43
N LEU C 415 -17.44 -32.56 -1.35
CA LEU C 415 -18.20 -32.96 -0.18
C LEU C 415 -18.20 -34.47 -0.06
N HIS C 416 -18.47 -35.15 -1.18
CA HIS C 416 -18.50 -36.61 -1.21
C HIS C 416 -17.19 -37.25 -0.73
N ALA C 417 -16.15 -36.43 -0.63
CA ALA C 417 -14.87 -36.89 -0.08
C ALA C 417 -14.83 -36.71 1.44
N LEU C 418 -15.97 -36.37 2.03
CA LEU C 418 -16.07 -36.20 3.47
C LEU C 418 -17.18 -37.09 4.01
N PRO C 419 -17.08 -37.47 5.30
CA PRO C 419 -18.07 -38.27 6.01
C PRO C 419 -19.48 -37.68 5.95
N GLY C 420 -20.42 -38.46 5.42
CA GLY C 420 -21.79 -38.03 5.33
C GLY C 420 -21.89 -36.78 4.48
N GLY C 421 -21.15 -36.78 3.38
CA GLY C 421 -21.15 -35.65 2.47
C GLY C 421 -22.33 -35.72 1.53
N GLN C 422 -22.94 -36.89 1.45
CA GLN C 422 -24.07 -37.08 0.57
C GLN C 422 -25.33 -36.36 1.06
N ILE C 423 -25.64 -36.52 2.34
CA ILE C 423 -26.75 -35.78 2.93
C ILE C 423 -26.55 -34.30 2.68
N MET C 424 -25.30 -33.86 2.76
CA MET C 424 -24.95 -32.47 2.60
C MET C 424 -25.16 -31.98 1.17
N GLY C 425 -24.80 -32.81 0.21
CA GLY C 425 -25.05 -32.50 -1.19
C GLY C 425 -26.52 -32.22 -1.41
N ILE C 426 -27.37 -32.99 -0.75
CA ILE C 426 -28.81 -32.80 -0.81
C ILE C 426 -29.17 -31.41 -0.31
N ILE C 427 -28.78 -31.10 0.92
CA ILE C 427 -29.02 -29.78 1.46
C ILE C 427 -28.53 -28.79 0.43
N ALA C 428 -27.35 -29.06 -0.14
CA ALA C 428 -26.75 -28.17 -1.13
C ALA C 428 -27.74 -27.79 -2.22
N MET C 429 -28.33 -28.78 -2.86
CA MET C 429 -29.37 -28.54 -3.85
C MET C 429 -30.50 -27.67 -3.29
N ILE C 430 -31.21 -28.16 -2.27
CA ILE C 430 -32.29 -27.41 -1.64
C ILE C 430 -31.86 -25.98 -1.30
N LEU C 431 -30.54 -25.80 -1.12
CA LEU C 431 -29.99 -24.49 -0.83
C LEU C 431 -29.99 -23.64 -2.09
N LEU C 432 -29.52 -24.23 -3.20
CA LEU C 432 -29.55 -23.54 -4.47
C LEU C 432 -30.97 -23.44 -4.97
N GLY C 433 -31.87 -24.13 -4.27
CA GLY C 433 -33.27 -23.99 -4.56
C GLY C 433 -33.73 -22.69 -3.95
N THR C 434 -33.79 -22.67 -2.62
CA THR C 434 -34.15 -21.48 -1.86
C THR C 434 -33.48 -20.23 -2.39
N PHE C 435 -32.23 -20.36 -2.84
CA PHE C 435 -31.48 -19.22 -3.36
C PHE C 435 -32.09 -18.59 -4.61
N PHE C 436 -32.59 -19.40 -5.50
CA PHE C 436 -33.18 -18.98 -6.75
C PHE C 436 -34.41 -18.10 -6.56
N ILE C 437 -35.28 -18.51 -5.65
CA ILE C 437 -36.50 -17.79 -5.33
C ILE C 437 -36.17 -16.47 -4.64
N THR C 438 -35.18 -16.53 -3.77
CA THR C 438 -34.70 -15.41 -2.99
C THR C 438 -33.83 -14.50 -3.84
N SER C 439 -33.10 -15.10 -4.76
CA SER C 439 -32.32 -14.35 -5.74
C SER C 439 -33.23 -13.59 -6.70
N ALA C 440 -34.33 -14.25 -7.06
CA ALA C 440 -35.30 -13.74 -8.04
C ALA C 440 -36.27 -12.72 -7.47
N ASP C 441 -36.80 -12.98 -6.28
CA ASP C 441 -37.77 -12.06 -5.68
C ASP C 441 -37.17 -10.70 -5.43
N SER C 442 -36.01 -10.68 -4.79
CA SER C 442 -35.30 -9.43 -4.51
C SER C 442 -34.97 -8.67 -5.80
N ALA C 443 -34.55 -9.40 -6.83
CA ALA C 443 -34.31 -8.78 -8.13
C ALA C 443 -35.62 -8.22 -8.72
N SER C 444 -36.63 -9.08 -8.84
CA SER C 444 -37.85 -8.66 -9.50
C SER C 444 -38.58 -7.57 -8.75
N THR C 445 -38.22 -7.36 -7.50
CA THR C 445 -38.78 -6.22 -6.77
C THR C 445 -38.05 -4.95 -7.19
N VAL C 446 -36.73 -4.93 -7.03
CA VAL C 446 -35.91 -3.82 -7.50
C VAL C 446 -36.29 -3.50 -8.95
N MET C 447 -36.37 -4.54 -9.75
CA MET C 447 -36.64 -4.40 -11.19
C MET C 447 -38.06 -3.92 -11.47
N GLY C 448 -38.96 -4.16 -10.52
CA GLY C 448 -40.30 -3.63 -10.61
C GLY C 448 -40.26 -2.20 -10.16
N THR C 449 -39.65 -1.98 -9.01
CA THR C 449 -39.47 -0.65 -8.45
C THR C 449 -38.92 0.33 -9.50
N MET C 450 -37.93 -0.09 -10.29
CA MET C 450 -37.41 0.83 -11.31
C MET C 450 -38.12 0.71 -12.63
N SER C 451 -39.10 -0.17 -12.70
CA SER C 451 -39.94 -0.24 -13.89
C SER C 451 -41.19 0.61 -13.70
N GLN C 452 -41.43 1.04 -12.46
CA GLN C 452 -42.60 1.88 -12.17
C GLN C 452 -42.31 3.17 -11.39
N HIS C 453 -41.27 3.87 -11.79
CA HIS C 453 -41.05 5.22 -11.28
C HIS C 453 -40.45 5.22 -9.87
N GLY C 454 -39.79 4.12 -9.54
CA GLY C 454 -39.07 4.01 -8.29
C GLY C 454 -39.95 4.10 -7.06
N GLN C 455 -41.05 3.36 -7.05
CA GLN C 455 -41.89 3.32 -5.88
C GLN C 455 -41.36 2.30 -4.88
N LEU C 456 -41.12 2.74 -3.64
CA LEU C 456 -40.74 1.81 -2.58
C LEU C 456 -41.80 0.71 -2.50
N GLU C 457 -43.05 1.12 -2.41
CA GLU C 457 -44.15 0.18 -2.52
C GLU C 457 -43.93 -0.62 -3.79
N ALA C 458 -44.04 -1.93 -3.69
CA ALA C 458 -43.76 -2.81 -4.83
C ALA C 458 -45.00 -3.55 -5.29
N ASN C 459 -45.37 -3.40 -6.55
CA ASN C 459 -46.53 -4.10 -7.09
C ASN C 459 -46.29 -5.60 -7.19
N LYS C 460 -47.04 -6.40 -6.46
CA LYS C 460 -46.80 -7.85 -6.51
C LYS C 460 -46.90 -8.40 -7.93
N TRP C 461 -47.87 -7.93 -8.72
CA TRP C 461 -48.02 -8.43 -10.08
C TRP C 461 -46.83 -8.14 -11.02
N VAL C 462 -46.28 -6.93 -10.94
CA VAL C 462 -45.14 -6.54 -11.79
C VAL C 462 -43.85 -7.33 -11.53
N THR C 463 -43.57 -7.52 -10.25
CA THR C 463 -42.40 -8.25 -9.76
C THR C 463 -42.27 -9.62 -10.45
N ALA C 464 -43.29 -10.46 -10.26
CA ALA C 464 -43.33 -11.79 -10.87
C ALA C 464 -43.00 -11.74 -12.35
N ALA C 465 -43.63 -10.79 -13.03
CA ALA C 465 -43.33 -10.52 -14.43
C ALA C 465 -41.81 -10.50 -14.64
N TRP C 466 -41.12 -9.65 -13.88
CA TRP C 466 -39.67 -9.63 -13.95
C TRP C 466 -39.08 -10.93 -13.41
N GLY C 467 -39.87 -11.68 -12.67
CA GLY C 467 -39.48 -13.01 -12.26
C GLY C 467 -39.30 -13.92 -13.47
N VAL C 468 -40.41 -14.21 -14.14
CA VAL C 468 -40.37 -15.12 -15.28
C VAL C 468 -39.47 -14.61 -16.42
N ALA C 469 -39.66 -13.35 -16.79
CA ALA C 469 -38.92 -12.77 -17.91
C ALA C 469 -37.44 -13.04 -17.73
N THR C 470 -36.97 -12.80 -16.51
CA THR C 470 -35.57 -13.02 -16.14
C THR C 470 -35.22 -14.51 -16.14
N ALA C 471 -36.13 -15.31 -15.59
CA ALA C 471 -35.95 -16.75 -15.51
C ALA C 471 -35.89 -17.31 -16.91
N ALA C 472 -36.73 -16.75 -17.78
CA ALA C 472 -36.80 -17.18 -19.16
C ALA C 472 -35.47 -16.94 -19.89
N ILE C 473 -34.82 -15.82 -19.61
CA ILE C 473 -33.55 -15.55 -20.30
C ILE C 473 -32.41 -16.34 -19.68
N GLY C 474 -32.52 -16.59 -18.39
CA GLY C 474 -31.54 -17.40 -17.68
C GLY C 474 -31.53 -18.81 -18.25
N LEU C 475 -32.73 -19.38 -18.38
CA LEU C 475 -32.88 -20.70 -18.97
C LEU C 475 -32.46 -20.65 -20.43
N THR C 476 -32.94 -19.63 -21.14
CA THR C 476 -32.63 -19.45 -22.56
C THR C 476 -31.14 -19.49 -22.87
N LEU C 477 -30.31 -19.10 -21.89
CA LEU C 477 -28.87 -19.08 -22.07
C LEU C 477 -28.22 -20.44 -21.83
N LEU C 478 -28.77 -21.21 -20.90
CA LEU C 478 -28.28 -22.54 -20.63
C LEU C 478 -28.48 -23.42 -21.85
N LEU C 479 -29.72 -23.45 -22.33
CA LEU C 479 -30.13 -24.29 -23.46
C LEU C 479 -29.33 -23.99 -24.72
N SER C 480 -29.05 -22.72 -24.98
CA SER C 480 -28.26 -22.42 -26.15
C SER C 480 -26.84 -22.59 -25.65
N GLY C 481 -26.12 -23.54 -26.25
CA GLY C 481 -24.76 -23.81 -25.84
C GLY C 481 -24.46 -25.30 -25.78
N GLY C 482 -25.41 -26.10 -25.30
CA GLY C 482 -25.17 -27.53 -25.22
C GLY C 482 -24.20 -27.92 -24.13
N ASP C 483 -23.03 -28.39 -24.54
CA ASP C 483 -22.01 -28.84 -23.59
C ASP C 483 -21.26 -27.68 -22.94
N ASN C 484 -21.22 -26.53 -23.63
CA ASN C 484 -20.57 -25.34 -23.09
C ASN C 484 -21.59 -24.31 -22.60
N ALA C 485 -22.69 -24.82 -22.03
CA ALA C 485 -23.79 -23.98 -21.57
C ALA C 485 -23.31 -22.81 -20.72
N LEU C 486 -22.33 -23.07 -19.86
CA LEU C 486 -21.74 -22.02 -19.05
C LEU C 486 -21.22 -20.87 -19.92
N SER C 487 -20.43 -21.23 -20.94
CA SER C 487 -19.74 -20.26 -21.78
C SER C 487 -20.67 -19.20 -22.37
N ASN C 488 -21.70 -19.61 -23.08
CA ASN C 488 -22.65 -18.69 -23.70
C ASN C 488 -23.36 -17.76 -22.72
N LEU C 489 -23.46 -18.22 -21.48
CA LEU C 489 -24.09 -17.46 -20.41
C LEU C 489 -23.24 -16.22 -20.03
N GLN C 490 -21.96 -16.46 -19.79
CA GLN C 490 -21.06 -15.41 -19.33
C GLN C 490 -20.71 -14.41 -20.42
N ASN C 491 -20.96 -14.75 -21.68
CA ASN C 491 -20.60 -13.87 -22.81
C ASN C 491 -21.67 -12.85 -23.15
N VAL C 492 -22.93 -13.20 -22.92
CA VAL C 492 -24.00 -12.26 -23.10
C VAL C 492 -24.10 -11.37 -21.87
N THR C 493 -24.18 -11.98 -20.70
CA THR C 493 -24.18 -11.20 -19.47
C THR C 493 -23.00 -10.22 -19.43
N ILE C 494 -21.96 -10.54 -20.20
CA ILE C 494 -20.84 -9.63 -20.37
C ILE C 494 -21.21 -8.50 -21.30
N VAL C 495 -21.93 -8.80 -22.37
CA VAL C 495 -22.34 -7.74 -23.29
C VAL C 495 -23.38 -6.81 -22.66
N ALA C 496 -24.50 -7.36 -22.19
CA ALA C 496 -25.53 -6.55 -21.54
C ALA C 496 -24.96 -5.73 -20.38
N ALA C 497 -23.82 -6.16 -19.87
CA ALA C 497 -23.10 -5.46 -18.80
C ALA C 497 -22.30 -4.29 -19.38
N THR C 498 -21.58 -4.55 -20.47
CA THR C 498 -20.67 -3.54 -21.03
C THR C 498 -21.28 -2.15 -21.06
N PRO C 499 -22.57 -2.04 -21.41
CA PRO C 499 -23.19 -0.71 -21.48
C PRO C 499 -23.22 -0.11 -20.09
N PHE C 500 -23.82 -0.83 -19.16
CA PHE C 500 -23.97 -0.31 -17.82
C PHE C 500 -22.64 0.12 -17.20
N LEU C 501 -21.55 -0.55 -17.55
CA LEU C 501 -20.29 -0.18 -16.94
C LEU C 501 -20.06 1.32 -17.11
N PHE C 502 -20.39 1.86 -18.28
CA PHE C 502 -20.23 3.30 -18.52
C PHE C 502 -21.14 4.08 -17.56
N VAL C 503 -22.36 3.59 -17.39
CA VAL C 503 -23.35 4.17 -16.47
C VAL C 503 -22.68 4.33 -15.11
N VAL C 504 -22.21 3.23 -14.54
CA VAL C 504 -21.57 3.30 -13.24
C VAL C 504 -20.31 4.17 -13.24
N ILE C 505 -19.65 4.30 -14.39
CA ILE C 505 -18.53 5.22 -14.43
C ILE C 505 -19.09 6.64 -14.25
N GLY C 506 -20.12 6.98 -15.02
CA GLY C 506 -20.67 8.33 -14.97
C GLY C 506 -21.21 8.65 -13.59
N LEU C 507 -21.82 7.63 -13.01
CA LEU C 507 -22.34 7.67 -11.67
C LEU C 507 -21.33 8.16 -10.61
N MET C 508 -20.04 8.23 -10.94
CA MET C 508 -19.09 8.80 -9.99
C MET C 508 -19.21 10.29 -10.09
N PHE C 509 -19.19 10.73 -11.33
CA PHE C 509 -19.22 12.14 -11.64
C PHE C 509 -20.45 12.86 -11.09
N ALA C 510 -21.61 12.22 -11.19
CA ALA C 510 -22.80 12.82 -10.63
C ALA C 510 -22.60 12.83 -9.13
N LEU C 511 -21.97 11.77 -8.65
CA LEU C 511 -21.93 11.52 -7.24
C LEU C 511 -21.00 12.53 -6.59
N VAL C 512 -20.02 13.01 -7.34
CA VAL C 512 -19.08 13.96 -6.76
C VAL C 512 -19.61 15.36 -6.87
N LYS C 513 -20.53 15.61 -7.81
CA LYS C 513 -21.09 16.94 -7.95
C LYS C 513 -22.25 17.07 -7.01
N ASP C 514 -22.77 15.93 -6.59
CA ASP C 514 -23.94 15.91 -5.73
C ASP C 514 -23.50 16.14 -4.30
N LEU C 515 -22.25 15.78 -4.02
CA LEU C 515 -21.75 15.81 -2.66
C LEU C 515 -21.07 17.12 -2.37
N SER C 516 -20.72 17.84 -3.43
CA SER C 516 -20.11 19.14 -3.30
C SER C 516 -21.14 20.23 -3.00
N ASN C 517 -22.34 20.09 -3.57
CA ASN C 517 -23.38 21.08 -3.29
C ASN C 517 -24.14 20.77 -2.02
N ASP C 518 -23.89 19.59 -1.46
CA ASP C 518 -24.60 19.20 -0.27
C ASP C 518 -24.39 20.29 0.80
N VAL C 519 -25.44 20.51 1.60
CA VAL C 519 -25.38 21.42 2.74
C VAL C 519 -24.09 21.26 3.51
N ILE C 520 -23.97 20.10 4.18
CA ILE C 520 -22.93 19.85 5.20
C ILE C 520 -21.49 20.10 4.74
N TYR C 521 -21.15 19.73 3.51
CA TYR C 521 -19.81 19.98 2.99
C TYR C 521 -19.62 21.43 2.61
N LEU C 522 -20.71 22.06 2.19
CA LEU C 522 -20.68 23.45 1.80
C LEU C 522 -20.61 24.31 3.05
N GLU C 523 -21.49 24.00 4.01
CA GLU C 523 -21.61 24.77 5.24
C GLU C 523 -20.32 24.73 6.07
N TYR C 524 -19.49 23.71 5.80
CA TYR C 524 -18.24 23.49 6.52
C TYR C 524 -17.12 24.32 5.92
N ARG C 525 -17.12 24.43 4.59
CA ARG C 525 -16.12 25.20 3.86
C ARG C 525 -16.28 26.69 4.16
N GLU C 526 -17.45 27.07 4.65
CA GLU C 526 -17.73 28.44 5.04
C GLU C 526 -17.20 28.68 6.46
N GLN C 527 -16.92 27.59 7.17
CA GLN C 527 -16.54 27.67 8.58
C GLN C 527 -15.03 27.55 8.80
N GLN C 528 -14.33 26.91 7.85
CA GLN C 528 -12.87 26.81 7.95
C GLN C 528 -12.18 27.97 7.24
N ARG C 529 -12.79 28.43 6.17
CA ARG C 529 -12.37 29.67 5.53
C ARG C 529 -12.62 30.78 6.53
N PHE C 530 -13.68 30.63 7.32
CA PHE C 530 -13.98 31.54 8.41
C PHE C 530 -12.98 31.36 9.55
N ASN C 531 -12.74 30.10 9.92
CA ASN C 531 -11.76 29.79 10.95
C ASN C 531 -10.36 30.14 10.46
N ALA C 532 -10.31 30.71 9.26
CA ALA C 532 -9.08 31.25 8.71
C ALA C 532 -9.17 32.78 8.73
N ARG C 533 -10.31 33.30 8.29
CA ARG C 533 -10.51 34.75 8.22
C ARG C 533 -10.61 35.39 9.61
N LEU C 534 -11.22 34.65 10.55
CA LEU C 534 -11.34 35.09 11.93
C LEU C 534 -9.97 35.35 12.54
N ALA C 535 -9.01 34.49 12.19
CA ALA C 535 -7.66 34.58 12.74
C ALA C 535 -6.82 35.60 11.97
N ARG C 536 -7.13 35.78 10.69
CA ARG C 536 -6.36 36.68 9.83
C ARG C 536 -6.40 38.13 10.27
N GLU C 537 -7.55 38.60 10.76
CA GLU C 537 -7.71 40.02 11.08
C GLU C 537 -7.43 40.37 12.54
N ARG C 538 -7.37 39.36 13.42
CA ARG C 538 -7.07 39.60 14.83
C ARG C 538 -5.56 39.78 15.02
N ARG C 539 -4.78 39.20 14.13
CA ARG C 539 -3.33 39.22 14.21
C ARG C 539 -2.75 40.53 13.65
C4 CHT D . -24.56 -11.74 -3.99
C5 CHT D . -25.83 -10.98 -4.38
C6 CHT D . -26.39 -11.75 -2.15
C7 CHT D . -27.96 -12.05 -3.94
C8 CHT D . -27.51 -9.86 -3.09
O6 CHT D . -24.29 -12.83 -4.88
N1 CHT D . -26.92 -11.17 -3.40
#